data_1MTR
# 
_entry.id   1MTR 
# 
_audit_conform.dict_name       mmcif_pdbx.dic 
_audit_conform.dict_version    5.375 
_audit_conform.dict_location   http://mmcif.pdb.org/dictionaries/ascii/mmcif_pdbx.dic 
# 
loop_
_database_2.database_id 
_database_2.database_code 
_database_2.pdbx_database_accession 
_database_2.pdbx_DOI 
PDB   1MTR         pdb_00001mtr 10.2210/pdb1mtr/pdb 
WWPDB D_1000175160 ?            ?                   
# 
_pdbx_database_status.status_code                     REL 
_pdbx_database_status.entry_id                        1MTR 
_pdbx_database_status.recvd_initial_deposition_date   1996-02-15 
_pdbx_database_status.deposit_site                    ? 
_pdbx_database_status.process_site                    BNL 
_pdbx_database_status.SG_entry                        . 
_pdbx_database_status.status_code_sf                  ? 
_pdbx_database_status.status_code_mr                  ? 
_pdbx_database_status.status_code_cs                  ? 
_pdbx_database_status.pdb_format_compatible           Y 
_pdbx_database_status.status_code_nmr_data            ? 
_pdbx_database_status.methods_development_category    ? 
# 
loop_
_audit_author.name 
_audit_author.pdbx_ordinal 
'Wickramasinghe, W.' 1 
'Begun, J.'          2 
'Martin, J.L.'       3 
# 
_citation.id                        primary 
_citation.title                     
'Substrate-based cyclic peptidomimetics of Phe-Ile-Val that inhibit HIV-1 protease using a novel enzyme-binding mode.' 
_citation.journal_abbrev            J.Am.Chem.Soc. 
_citation.journal_volume            118 
_citation.page_first                3375 
_citation.page_last                 3379 
_citation.year                      1996 
_citation.journal_id_ASTM           JACSAT 
_citation.country                   US 
_citation.journal_id_ISSN           0002-7863 
_citation.journal_id_CSD            0004 
_citation.book_publisher            ? 
_citation.pdbx_database_id_PubMed   -1 
_citation.pdbx_database_id_DOI      ? 
# 
loop_
_citation_author.citation_id 
_citation_author.name 
_citation_author.ordinal 
_citation_author.identifier_ORCID 
primary 'March, D.R.'        1 ? 
primary 'Abbenante, G.'      2 ? 
primary 'Bergman, D.A.'      3 ? 
primary 'Brinkworth, R.I.'   4 ? 
primary 'Wickramasinghe, W.' 5 ? 
primary 'Begun, J.'          6 ? 
primary 'Martin, J.L.'       7 ? 
primary 'Fairlie, D.P.'      8 ? 
# 
_cell.entry_id           1MTR 
_cell.length_a           51.400 
_cell.length_b           58.700 
_cell.length_c           62.000 
_cell.angle_alpha        90.00 
_cell.angle_beta         90.00 
_cell.angle_gamma        90.00 
_cell.Z_PDB              8 
_cell.pdbx_unique_axis   ? 
_cell.length_a_esd       ? 
_cell.length_b_esd       ? 
_cell.length_c_esd       ? 
_cell.angle_alpha_esd    ? 
_cell.angle_beta_esd     ? 
_cell.angle_gamma_esd    ? 
# 
_symmetry.entry_id                         1MTR 
_symmetry.space_group_name_H-M             'P 21 21 21' 
_symmetry.pdbx_full_space_group_name_H-M   ? 
_symmetry.cell_setting                     ? 
_symmetry.Int_Tables_number                19 
_symmetry.space_group_name_Hall            ? 
# 
loop_
_entity.id 
_entity.type 
_entity.src_method 
_entity.pdbx_description 
_entity.formula_weight 
_entity.pdbx_number_of_molecules 
_entity.pdbx_ec 
_entity.pdbx_mutation 
_entity.pdbx_fragment 
_entity.details 
1 polymer     man 'HIV-1 PROTEASE' 10765.687 2   3.4.23.16 ? ? ? 
2 non-polymer syn 'SULFATE ION' 96.063    3   ?         ? ? ? 
3 non-polymer syn 
;[1-BENZYL-3-(8-SEC-BUTYL-7,10-DIOXO-2-OXA-6,9-DIAZA-BICYCLO[11.2.2] HEPTADECA-1(16),13(17),14-TRIEN-11-YLAMINO)-2-HYDROXY-PROPYL]-CARBAMIC ACID TERT-BUTYL ESTER
;
596.757   1   ?         ? ? ? 
4 water       nat water 18.015    115 ?         ? ? ? 
# 
_entity_poly.entity_id                      1 
_entity_poly.type                           'polypeptide(L)' 
_entity_poly.nstd_linkage                   no 
_entity_poly.nstd_monomer                   yes 
_entity_poly.pdbx_seq_one_letter_code       
;PQITLWKRPLVTIRIGGQLKEALLDTGADDTVIEEMNLPGKWKPKMIGGIGGFIKVRQYDQIPVEI(ABA)GHKAIGTVL
VGPTPVNIIGRNLLTQIG(ABA)TLNF
;
_entity_poly.pdbx_seq_one_letter_code_can   
;PQITLWKRPLVTIRIGGQLKEALLDTGADDTVIEEMNLPGKWKPKMIGGIGGFIKVRQYDQIPVEIAGHKAIGTVLVGPT
PVNIIGRNLLTQIGATLNF
;
_entity_poly.pdbx_strand_id                 A,B 
_entity_poly.pdbx_target_identifier         ? 
# 
loop_
_entity_poly_seq.entity_id 
_entity_poly_seq.num 
_entity_poly_seq.mon_id 
_entity_poly_seq.hetero 
1 1  PRO n 
1 2  GLN n 
1 3  ILE n 
1 4  THR n 
1 5  LEU n 
1 6  TRP n 
1 7  LYS n 
1 8  ARG n 
1 9  PRO n 
1 10 LEU n 
1 11 VAL n 
1 12 THR n 
1 13 ILE n 
1 14 ARG n 
1 15 ILE n 
1 16 GLY n 
1 17 GLY n 
1 18 GLN n 
1 19 LEU n 
1 20 LYS n 
1 21 GLU n 
1 22 ALA n 
1 23 LEU n 
1 24 LEU n 
1 25 ASP n 
1 26 THR n 
1 27 GLY n 
1 28 ALA n 
1 29 ASP n 
1 30 ASP n 
1 31 THR n 
1 32 VAL n 
1 33 ILE n 
1 34 GLU n 
1 35 GLU n 
1 36 MET n 
1 37 ASN n 
1 38 LEU n 
1 39 PRO n 
1 40 GLY n 
1 41 LYS n 
1 42 TRP n 
1 43 LYS n 
1 44 PRO n 
1 45 LYS n 
1 46 MET n 
1 47 ILE n 
1 48 GLY n 
1 49 GLY n 
1 50 ILE n 
1 51 GLY n 
1 52 GLY n 
1 53 PHE n 
1 54 ILE n 
1 55 LYS n 
1 56 VAL n 
1 57 ARG n 
1 58 GLN n 
1 59 TYR n 
1 60 ASP n 
1 61 GLN n 
1 62 ILE n 
1 63 PRO n 
1 64 VAL n 
1 65 GLU n 
1 66 ILE n 
1 67 ABA n 
1 68 GLY n 
1 69 HIS n 
1 70 LYS n 
1 71 ALA n 
1 72 ILE n 
1 73 GLY n 
1 74 THR n 
1 75 VAL n 
1 76 LEU n 
1 77 VAL n 
1 78 GLY n 
1 79 PRO n 
1 80 THR n 
1 81 PRO n 
1 82 VAL n 
1 83 ASN n 
1 84 ILE n 
1 85 ILE n 
1 86 GLY n 
1 87 ARG n 
1 88 ASN n 
1 89 LEU n 
1 90 LEU n 
1 91 THR n 
1 92 GLN n 
1 93 ILE n 
1 94 GLY n 
1 95 ABA n 
1 96 THR n 
1 97 LEU n 
1 98 ASN n 
1 99 PHE n 
# 
_entity_src_gen.entity_id                          1 
_entity_src_gen.pdbx_src_id                        1 
_entity_src_gen.pdbx_alt_source_flag               sample 
_entity_src_gen.pdbx_seq_type                      ? 
_entity_src_gen.pdbx_beg_seq_num                   ? 
_entity_src_gen.pdbx_end_seq_num                   ? 
_entity_src_gen.gene_src_common_name               ? 
_entity_src_gen.gene_src_genus                     Lentivirus 
_entity_src_gen.pdbx_gene_src_gene                 ? 
_entity_src_gen.gene_src_species                   ? 
_entity_src_gen.gene_src_strain                    ? 
_entity_src_gen.gene_src_tissue                    ? 
_entity_src_gen.gene_src_tissue_fraction           ? 
_entity_src_gen.gene_src_details                   ? 
_entity_src_gen.pdbx_gene_src_fragment             ? 
_entity_src_gen.pdbx_gene_src_scientific_name      'Human immunodeficiency virus 1' 
_entity_src_gen.pdbx_gene_src_ncbi_taxonomy_id     11676 
_entity_src_gen.pdbx_gene_src_variant              ? 
_entity_src_gen.pdbx_gene_src_cell_line            ? 
_entity_src_gen.pdbx_gene_src_atcc                 ? 
_entity_src_gen.pdbx_gene_src_organ                ? 
_entity_src_gen.pdbx_gene_src_organelle            ? 
_entity_src_gen.pdbx_gene_src_cell                 ? 
_entity_src_gen.pdbx_gene_src_cellular_location    ? 
_entity_src_gen.host_org_common_name               ? 
_entity_src_gen.pdbx_host_org_scientific_name      'Escherichia coli' 
_entity_src_gen.pdbx_host_org_ncbi_taxonomy_id     562 
_entity_src_gen.host_org_genus                     Escherichia 
_entity_src_gen.pdbx_host_org_gene                 ? 
_entity_src_gen.pdbx_host_org_organ                ? 
_entity_src_gen.host_org_species                   ? 
_entity_src_gen.pdbx_host_org_tissue               ? 
_entity_src_gen.pdbx_host_org_tissue_fraction      ? 
_entity_src_gen.pdbx_host_org_strain               ? 
_entity_src_gen.pdbx_host_org_variant              ? 
_entity_src_gen.pdbx_host_org_cell_line            ? 
_entity_src_gen.pdbx_host_org_atcc                 ? 
_entity_src_gen.pdbx_host_org_culture_collection   ? 
_entity_src_gen.pdbx_host_org_cell                 ? 
_entity_src_gen.pdbx_host_org_organelle            ? 
_entity_src_gen.pdbx_host_org_cellular_location    ? 
_entity_src_gen.pdbx_host_org_vector_type          ? 
_entity_src_gen.pdbx_host_org_vector               ? 
_entity_src_gen.host_org_details                   ? 
_entity_src_gen.expression_system_id               ? 
_entity_src_gen.plasmid_name                       ? 
_entity_src_gen.plasmid_details                    ? 
_entity_src_gen.pdbx_description                   ? 
# 
_struct_ref.id                         1 
_struct_ref.db_name                    UNP 
_struct_ref.db_code                    POL_HV1A2 
_struct_ref.entity_id                  1 
_struct_ref.pdbx_db_accession          P03369 
_struct_ref.pdbx_align_begin           1 
_struct_ref.pdbx_seq_one_letter_code   
;FFREDLAFLQGKAREFSSEQTRANSPTRRELQVWGGENNSLSEAGADRQGTVSFNFPQITLWQRPLVTIRIGGQLKEALL
DTGADDTVLEEMNLPGKWKPKMIGGIGGFIKVRQYDQIPVEICGHKAIGTVLVGPTPVNIIGRNLLTQIGCTLNFPISPI
ETVPVKLKPGMDGPKVKQWPLTEEKIKALVEICTEMEKEGKISKIGPENPYNTPVFAIKKKDSTKWRKLVDFRELNKRTQ
DFWEVQLGIPHPAGLKKKKSVTVLDVGDAYFSVPLDKDFRKYTAFTIPSINNETPGIRYQYNVLPQGWKGSPAIFQSSMT
KILEPFRKQNPDIVIYQYMDDLYVGSDLEIGQHRTKIEELRQHLLRWGFTTPDKKHQKEPPFLWMGYELHPDKWTVQPIM
LPEKDSWTVNDIQKLVGKLNWASQIYAGIKVKQLCKLLRGTKALTEVIPLTEEAELELAENREILKEPVHEVYYDPSKDL
VAEIQKQGQGQWTYQIYQEPFKNLKTGKYARMRGAHTNDVKQLTEAVQKVSTESIVIWGKIPKFKLPIQKETWEAWWMEY
WQATWIPEWEFVNTPPLVKLWYQLEKEPIVGAETFYVDGAANRETKLGKAGYVTDRGRQKVVSIADTTNQKTELQAIHLA
LQDSGLEVNIVTDSQYALGIIQAQPDKSESELVSQIIEQLIKKEKVYLAWVPAHKGIGGNEQVDKLVSAGIRKVLFLNGI
DKAQEEHEKYHSNWRAMASDFNLPPVVAKEIVASCDKCQLKGEAMHGQVDCSPGIWQLDCTHLEGKIILVAVHVASGYIE
AEVIPAETGQETAYFLLKLAGRWPVKTIHTDNGSNFTSTTVKAACWWAGIKQEFGIPYNPQSQGVVESMNNELKKIIGQV
RDQAEHLKTAVQMAVFIHNFKRKGGIGGYSAGERIVDIIATDIQTKELQKQITKIQNFRVYYRDNKDPLWKGPAKLLWKG
EGAVVIQDNSDIKVVPRRKAKIIRDYGKQMAGDDCVASRQDED
;
_struct_ref.pdbx_db_isoform            ? 
# 
loop_
_struct_ref_seq.align_id 
_struct_ref_seq.ref_id 
_struct_ref_seq.pdbx_PDB_id_code 
_struct_ref_seq.pdbx_strand_id 
_struct_ref_seq.seq_align_beg 
_struct_ref_seq.pdbx_seq_align_beg_ins_code 
_struct_ref_seq.seq_align_end 
_struct_ref_seq.pdbx_seq_align_end_ins_code 
_struct_ref_seq.pdbx_db_accession 
_struct_ref_seq.db_align_beg 
_struct_ref_seq.pdbx_db_align_beg_ins_code 
_struct_ref_seq.db_align_end 
_struct_ref_seq.pdbx_db_align_end_ins_code 
_struct_ref_seq.pdbx_auth_seq_align_beg 
_struct_ref_seq.pdbx_auth_seq_align_end 
1 1 1MTR A 1 ? 99 ? P03369 57 ? 155 ? 1 99 
2 1 1MTR B 1 ? 99 ? P03369 57 ? 155 ? 1 99 
# 
loop_
_struct_ref_seq_dif.align_id 
_struct_ref_seq_dif.pdbx_pdb_id_code 
_struct_ref_seq_dif.mon_id 
_struct_ref_seq_dif.pdbx_pdb_strand_id 
_struct_ref_seq_dif.seq_num 
_struct_ref_seq_dif.pdbx_pdb_ins_code 
_struct_ref_seq_dif.pdbx_seq_db_name 
_struct_ref_seq_dif.pdbx_seq_db_accession_code 
_struct_ref_seq_dif.db_mon_id 
_struct_ref_seq_dif.pdbx_seq_db_seq_num 
_struct_ref_seq_dif.details 
_struct_ref_seq_dif.pdbx_auth_seq_num 
_struct_ref_seq_dif.pdbx_ordinal 
1 1MTR LYS A 7  ? UNP P03369 GLN 63  'engineered mutation' 7  1 
1 1MTR ILE A 33 ? UNP P03369 LEU 89  'engineered mutation' 33 2 
1 1MTR ABA A 67 ? UNP P03369 CYS 123 'engineered mutation' 67 3 
1 1MTR ABA A 95 ? UNP P03369 CYS 151 'engineered mutation' 95 4 
2 1MTR LYS B 7  ? UNP P03369 GLN 63  'engineered mutation' 7  5 
2 1MTR ILE B 33 ? UNP P03369 LEU 89  'engineered mutation' 33 6 
2 1MTR ABA B 67 ? UNP P03369 CYS 123 'engineered mutation' 67 7 
2 1MTR ABA B 95 ? UNP P03369 CYS 151 'engineered mutation' 95 8 
# 
loop_
_chem_comp.id 
_chem_comp.type 
_chem_comp.mon_nstd_flag 
_chem_comp.name 
_chem_comp.pdbx_synonyms 
_chem_comp.formula 
_chem_comp.formula_weight 
ABA 'L-peptide linking' n 'ALPHA-AMINOBUTYRIC ACID' ?                                        'C4 H9 N O2'     103.120 
ALA 'L-peptide linking' y ALANINE ?                                        'C3 H7 N O2'     89.093  
ARG 'L-peptide linking' y ARGININE ?                                        'C6 H15 N4 O2 1' 175.209 
ASN 'L-peptide linking' y ASPARAGINE ?                                        'C4 H8 N2 O3'    132.118 
ASP 'L-peptide linking' y 'ASPARTIC ACID' ?                                        'C4 H7 N O4'     133.103 
CYS 'L-peptide linking' y CYSTEINE ?                                        'C3 H7 N O2 S'   121.158 
GLN 'L-peptide linking' y GLUTAMINE ?                                        'C5 H10 N2 O3'   146.144 
GLU 'L-peptide linking' y 'GLUTAMIC ACID' ?                                        'C5 H9 N O4'     147.129 
GLY 'peptide linking'   y GLYCINE ?                                        'C2 H5 N O2'     75.067  
HIS 'L-peptide linking' y HISTIDINE ?                                        'C6 H10 N3 O2 1' 156.162 
HOH non-polymer         . WATER ?                                        'H2 O'           18.015  
ILE 'L-peptide linking' y ISOLEUCINE ?                                        'C6 H13 N O2'    131.173 
LEU 'L-peptide linking' y LEUCINE ?                                        'C6 H13 N O2'    131.173 
LYS 'L-peptide linking' y LYSINE ?                                        'C6 H15 N2 O2 1' 147.195 
MET 'L-peptide linking' y METHIONINE ?                                        'C5 H11 N O2 S'  149.211 
PHE 'L-peptide linking' y PHENYLALANINE ?                                        'C9 H11 N O2'    165.189 
PI6 peptide-like        . 
;[1-BENZYL-3-(8-SEC-BUTYL-7,10-DIOXO-2-OXA-6,9-DIAZA-BICYCLO[11.2.2] HEPTADECA-1(16),13(17),14-TRIEN-11-YLAMINO)-2-HYDROXY-PROPYL]-CARBAMIC ACID TERT-BUTYL ESTER
;
'MACROCYCLIC PEPTIDOMIMETIC INHIBITOR 6' 'C33 H48 N4 O6'  596.757 
PRO 'L-peptide linking' y PROLINE ?                                        'C5 H9 N O2'     115.130 
SO4 non-polymer         . 'SULFATE ION' ?                                        'O4 S -2'        96.063  
THR 'L-peptide linking' y THREONINE ?                                        'C4 H9 N O3'     119.119 
TRP 'L-peptide linking' y TRYPTOPHAN ?                                        'C11 H12 N2 O2'  204.225 
TYR 'L-peptide linking' y TYROSINE ?                                        'C9 H11 N O3'    181.189 
VAL 'L-peptide linking' y VALINE ?                                        'C5 H11 N O2'    117.146 
# 
_exptl.entry_id          1MTR 
_exptl.method            'X-RAY DIFFRACTION' 
_exptl.crystals_number   1 
# 
_exptl_crystal.id                    1 
_exptl_crystal.density_meas          ? 
_exptl_crystal.density_Matthews      2.11 
_exptl_crystal.density_percent_sol   44. 
_exptl_crystal.description           ? 
_exptl_crystal.F_000                 ? 
_exptl_crystal.preparation           ? 
# 
_exptl_crystal_grow.crystal_id      1 
_exptl_crystal_grow.method          ? 
_exptl_crystal_grow.temp            ? 
_exptl_crystal_grow.temp_details    ? 
_exptl_crystal_grow.pH              5.5 
_exptl_crystal_grow.pdbx_pH_range   ? 
_exptl_crystal_grow.pdbx_details    'pH 5.5' 
# 
_diffrn.id                     1 
_diffrn.ambient_temp           289 
_diffrn.ambient_temp_details   ? 
_diffrn.crystal_id             1 
# 
_diffrn_detector.diffrn_id              1 
_diffrn_detector.detector               'IMAGE PLATE' 
_diffrn_detector.type                   'RIGAKU RAXIS IIC' 
_diffrn_detector.pdbx_collection_date   1995-03-28 
_diffrn_detector.details                ? 
# 
_diffrn_radiation.diffrn_id                        1 
_diffrn_radiation.wavelength_id                    1 
_diffrn_radiation.pdbx_monochromatic_or_laue_m_l   M 
_diffrn_radiation.monochromator                    ? 
_diffrn_radiation.pdbx_diffrn_protocol             ? 
_diffrn_radiation.pdbx_scattering_type             x-ray 
# 
_diffrn_radiation_wavelength.id           1 
_diffrn_radiation_wavelength.wavelength   1.5418 
_diffrn_radiation_wavelength.wt           1.0 
# 
_diffrn_source.diffrn_id                   1 
_diffrn_source.source                      ? 
_diffrn_source.type                        ? 
_diffrn_source.pdbx_synchrotron_site       ? 
_diffrn_source.pdbx_synchrotron_beamline   ? 
_diffrn_source.pdbx_wavelength             1.5418 
_diffrn_source.pdbx_wavelength_list        ? 
# 
_reflns.entry_id                     1MTR 
_reflns.observed_criterion_sigma_I   1. 
_reflns.observed_criterion_sigma_F   ? 
_reflns.d_resolution_low             50. 
_reflns.d_resolution_high            1.75 
_reflns.number_obs                   16528 
_reflns.number_all                   ? 
_reflns.percent_possible_obs         85.9 
_reflns.pdbx_Rmerge_I_obs            0.068 
_reflns.pdbx_Rsym_value              ? 
_reflns.pdbx_netI_over_sigmaI        10.5 
_reflns.B_iso_Wilson_estimate        ? 
_reflns.pdbx_redundancy              5.3 
_reflns.R_free_details               ? 
_reflns.limit_h_max                  ? 
_reflns.limit_h_min                  ? 
_reflns.limit_k_max                  ? 
_reflns.limit_k_min                  ? 
_reflns.limit_l_max                  ? 
_reflns.limit_l_min                  ? 
_reflns.observed_criterion_F_max     ? 
_reflns.observed_criterion_F_min     ? 
_reflns.pdbx_chi_squared             ? 
_reflns.pdbx_scaling_rejects         ? 
_reflns.pdbx_ordinal                 1 
_reflns.pdbx_diffrn_id               1 
# 
_reflns_shell.d_res_high             1.75 
_reflns_shell.d_res_low              2.0 
_reflns_shell.percent_possible_all   69.2 
_reflns_shell.Rmerge_I_obs           0.219 
_reflns_shell.pdbx_Rsym_value        ? 
_reflns_shell.meanI_over_sigI_obs    2.42 
_reflns_shell.pdbx_redundancy        2.5 
_reflns_shell.percent_possible_obs   ? 
_reflns_shell.number_unique_all      ? 
_reflns_shell.number_measured_all    ? 
_reflns_shell.number_measured_obs    ? 
_reflns_shell.number_unique_obs      ? 
_reflns_shell.pdbx_chi_squared       ? 
_reflns_shell.pdbx_ordinal           1 
_reflns_shell.pdbx_diffrn_id         1 
# 
_refine.entry_id                                 1MTR 
_refine.ls_number_reflns_obs                     16283 
_refine.ls_number_reflns_all                     ? 
_refine.pdbx_ls_sigma_I                          ? 
_refine.pdbx_ls_sigma_F                          2.0 
_refine.pdbx_data_cutoff_high_absF               ? 
_refine.pdbx_data_cutoff_low_absF                ? 
_refine.pdbx_data_cutoff_high_rms_absF           ? 
_refine.ls_d_res_low                             8.0 
_refine.ls_d_res_high                            1.75 
_refine.ls_percent_reflns_obs                    84. 
_refine.ls_R_factor_obs                          0.179 
_refine.ls_R_factor_all                          ? 
_refine.ls_R_factor_R_work                       0.179 
_refine.ls_R_factor_R_free                       0.244 
_refine.ls_R_factor_R_free_error                 ? 
_refine.ls_R_factor_R_free_error_details         ? 
_refine.ls_percent_reflns_R_free                 10. 
_refine.ls_number_reflns_R_free                  1661 
_refine.ls_number_parameters                     ? 
_refine.ls_number_restraints                     ? 
_refine.occupancy_min                            ? 
_refine.occupancy_max                            ? 
_refine.B_iso_mean                               18.7 
_refine.aniso_B[1][1]                            ? 
_refine.aniso_B[2][2]                            ? 
_refine.aniso_B[3][3]                            ? 
_refine.aniso_B[1][2]                            ? 
_refine.aniso_B[1][3]                            ? 
_refine.aniso_B[2][3]                            ? 
_refine.solvent_model_details                    ? 
_refine.solvent_model_param_ksol                 ? 
_refine.solvent_model_param_bsol                 ? 
_refine.pdbx_ls_cross_valid_method               ? 
_refine.details                                  
;RESIDUES 50 AND 51 IN THE FLAP REGION OF BOTH SUBUNITS ARE DISORDERED AND WERE MODELLED IN TWO CONFORMATIONS. HOWEVER, THESE REGIONS OF THE STRUCTURE HAVE RELATIVELY POOR GEOMETRY.
;
_refine.pdbx_starting_model                      1CPI 
_refine.pdbx_method_to_determine_struct          'DIFFERENCE FOURIER' 
_refine.pdbx_isotropic_thermal_model             ? 
_refine.pdbx_stereochemistry_target_values       ? 
_refine.pdbx_stereochem_target_val_spec_case     ? 
_refine.pdbx_R_Free_selection_details            ? 
_refine.pdbx_overall_ESU_R_Free                  ? 
_refine.overall_SU_ML                            ? 
_refine.overall_SU_B                             ? 
_refine.pdbx_refine_id                           'X-RAY DIFFRACTION' 
_refine.ls_redundancy_reflns_obs                 ? 
_refine.pdbx_overall_phase_error                 ? 
_refine.B_iso_min                                ? 
_refine.B_iso_max                                ? 
_refine.correlation_coeff_Fo_to_Fc               ? 
_refine.correlation_coeff_Fo_to_Fc_free          ? 
_refine.pdbx_solvent_vdw_probe_radii             ? 
_refine.pdbx_solvent_ion_probe_radii             ? 
_refine.pdbx_solvent_shrinkage_radii             ? 
_refine.overall_SU_R_Cruickshank_DPI             ? 
_refine.overall_SU_R_free                        ? 
_refine.ls_wR_factor_R_free                      ? 
_refine.ls_wR_factor_R_work                      ? 
_refine.overall_FOM_free_R_set                   ? 
_refine.overall_FOM_work_R_set                   ? 
_refine.pdbx_diffrn_id                           1 
_refine.pdbx_overall_ESU_R                       ? 
_refine.pdbx_TLS_residual_ADP_flag               ? 
_refine.pdbx_overall_SU_R_free_Cruickshank_DPI   ? 
_refine.pdbx_overall_SU_R_Blow_DPI               ? 
_refine.pdbx_overall_SU_R_free_Blow_DPI          ? 
# 
_refine_analyze.entry_id                        1MTR 
_refine_analyze.Luzzati_coordinate_error_obs    0.2 
_refine_analyze.Luzzati_sigma_a_obs             ? 
_refine_analyze.Luzzati_d_res_low_obs           ? 
_refine_analyze.Luzzati_coordinate_error_free   ? 
_refine_analyze.Luzzati_sigma_a_free            ? 
_refine_analyze.Luzzati_d_res_low_free          ? 
_refine_analyze.number_disordered_residues      ? 
_refine_analyze.occupancy_sum_hydrogen          ? 
_refine_analyze.occupancy_sum_non_hydrogen      ? 
_refine_analyze.pdbx_refine_id                  'X-RAY DIFFRACTION' 
_refine_analyze.pdbx_Luzzati_d_res_high_obs     ? 
# 
_refine_hist.pdbx_refine_id                   'X-RAY DIFFRACTION' 
_refine_hist.cycle_id                         LAST 
_refine_hist.pdbx_number_atoms_protein        1500 
_refine_hist.pdbx_number_atoms_nucleic_acid   0 
_refine_hist.pdbx_number_atoms_ligand         58 
_refine_hist.number_atoms_solvent             115 
_refine_hist.number_atoms_total               1673 
_refine_hist.d_res_high                       1.75 
_refine_hist.d_res_low                        8.0 
# 
loop_
_refine_ls_restr.type 
_refine_ls_restr.dev_ideal 
_refine_ls_restr.dev_ideal_target 
_refine_ls_restr.weight 
_refine_ls_restr.number 
_refine_ls_restr.pdbx_refine_id 
_refine_ls_restr.pdbx_restraint_function 
x_bond_d                0.010 ?   ? ? 'X-RAY DIFFRACTION' ? 
x_bond_d_na             ?     ?   ? ? 'X-RAY DIFFRACTION' ? 
x_bond_d_prot           ?     ?   ? ? 'X-RAY DIFFRACTION' ? 
x_angle_d               ?     ?   ? ? 'X-RAY DIFFRACTION' ? 
x_angle_d_na            ?     ?   ? ? 'X-RAY DIFFRACTION' ? 
x_angle_d_prot          ?     ?   ? ? 'X-RAY DIFFRACTION' ? 
x_angle_deg             1.66  ?   ? ? 'X-RAY DIFFRACTION' ? 
x_angle_deg_na          ?     ?   ? ? 'X-RAY DIFFRACTION' ? 
x_angle_deg_prot        ?     ?   ? ? 'X-RAY DIFFRACTION' ? 
x_dihedral_angle_d      26.1  ?   ? ? 'X-RAY DIFFRACTION' ? 
x_dihedral_angle_d_na   ?     ?   ? ? 'X-RAY DIFFRACTION' ? 
x_dihedral_angle_d_prot ?     ?   ? ? 'X-RAY DIFFRACTION' ? 
x_improper_angle_d      1.40  ?   ? ? 'X-RAY DIFFRACTION' ? 
x_improper_angle_d_na   ?     ?   ? ? 'X-RAY DIFFRACTION' ? 
x_improper_angle_d_prot ?     ?   ? ? 'X-RAY DIFFRACTION' ? 
x_mcbond_it             ?     1.5 ? ? 'X-RAY DIFFRACTION' ? 
x_mcangle_it            ?     2.0 ? ? 'X-RAY DIFFRACTION' ? 
x_scbond_it             ?     2.0 ? ? 'X-RAY DIFFRACTION' ? 
x_scangle_it            ?     2.5 ? ? 'X-RAY DIFFRACTION' ? 
# 
_struct.entry_id                  1MTR 
_struct.title                     'HIV-1 PROTEASE COMPLEXED WITH A CYCLIC PHE-ILE-VAL PEPTIDOMIMETIC INHIBITOR' 
_struct.pdbx_model_details        ? 
_struct.pdbx_CASP_flag            ? 
_struct.pdbx_model_type_details   ? 
# 
_struct_keywords.entry_id        1MTR 
_struct_keywords.pdbx_keywords   'HYDROLASE/HYDROLASE INHIBITOR' 
_struct_keywords.text            'ASPARTYL PROTEINASE, AIDS, ASPARTYL PROTEASE, HYDROLASE-HYDROLASE INHIBITOR complex' 
# 
loop_
_struct_asym.id 
_struct_asym.pdbx_blank_PDB_chainid_flag 
_struct_asym.pdbx_modified 
_struct_asym.entity_id 
_struct_asym.details 
A N N 1 ? 
B N N 1 ? 
C N N 2 ? 
D N N 2 ? 
E N N 3 ? 
F N N 2 ? 
G N N 4 ? 
H N N 4 ? 
# 
_struct_biol.id        1 
_struct_biol.details   ? 
# 
loop_
_struct_conf.conf_type_id 
_struct_conf.id 
_struct_conf.pdbx_PDB_helix_id 
_struct_conf.beg_label_comp_id 
_struct_conf.beg_label_asym_id 
_struct_conf.beg_label_seq_id 
_struct_conf.pdbx_beg_PDB_ins_code 
_struct_conf.end_label_comp_id 
_struct_conf.end_label_asym_id 
_struct_conf.end_label_seq_id 
_struct_conf.pdbx_end_PDB_ins_code 
_struct_conf.beg_auth_comp_id 
_struct_conf.beg_auth_asym_id 
_struct_conf.beg_auth_seq_id 
_struct_conf.end_auth_comp_id 
_struct_conf.end_auth_asym_id 
_struct_conf.end_auth_seq_id 
_struct_conf.pdbx_PDB_helix_class 
_struct_conf.details 
_struct_conf.pdbx_PDB_helix_length 
HELX_P HELX_P1 HA GLY A 86 ? GLY A 94 ? GLY A 86 GLY A 94 1 ? 9 
HELX_P HELX_P2 HB GLY B 86 ? GLY B 94 ? GLY B 86 GLY B 94 1 ? 9 
# 
_struct_conf_type.id          HELX_P 
_struct_conf_type.criteria    ? 
_struct_conf_type.reference   ? 
# 
loop_
_struct_conn.id 
_struct_conn.conn_type_id 
_struct_conn.pdbx_leaving_atom_flag 
_struct_conn.pdbx_PDB_id 
_struct_conn.ptnr1_label_asym_id 
_struct_conn.ptnr1_label_comp_id 
_struct_conn.ptnr1_label_seq_id 
_struct_conn.ptnr1_label_atom_id 
_struct_conn.pdbx_ptnr1_label_alt_id 
_struct_conn.pdbx_ptnr1_PDB_ins_code 
_struct_conn.pdbx_ptnr1_standard_comp_id 
_struct_conn.ptnr1_symmetry 
_struct_conn.ptnr2_label_asym_id 
_struct_conn.ptnr2_label_comp_id 
_struct_conn.ptnr2_label_seq_id 
_struct_conn.ptnr2_label_atom_id 
_struct_conn.pdbx_ptnr2_label_alt_id 
_struct_conn.pdbx_ptnr2_PDB_ins_code 
_struct_conn.ptnr1_auth_asym_id 
_struct_conn.ptnr1_auth_comp_id 
_struct_conn.ptnr1_auth_seq_id 
_struct_conn.ptnr2_auth_asym_id 
_struct_conn.ptnr2_auth_comp_id 
_struct_conn.ptnr2_auth_seq_id 
_struct_conn.ptnr2_symmetry 
_struct_conn.pdbx_ptnr3_label_atom_id 
_struct_conn.pdbx_ptnr3_label_seq_id 
_struct_conn.pdbx_ptnr3_label_comp_id 
_struct_conn.pdbx_ptnr3_label_asym_id 
_struct_conn.pdbx_ptnr3_label_alt_id 
_struct_conn.pdbx_ptnr3_PDB_ins_code 
_struct_conn.details 
_struct_conn.pdbx_dist_value 
_struct_conn.pdbx_value_order 
_struct_conn.pdbx_role 
covale1 covale both ? A ILE 66 C ? ? ? 1_555 A ABA 67 N ? ? A ILE 66 A ABA 67 1_555 ? ? ? ? ? ? ? 1.330 ? ? 
covale2 covale both ? A ABA 67 C ? ? ? 1_555 A GLY 68 N ? ? A ABA 67 A GLY 68 1_555 ? ? ? ? ? ? ? 1.325 ? ? 
covale3 covale both ? A GLY 94 C ? ? ? 1_555 A ABA 95 N ? ? A GLY 94 A ABA 95 1_555 ? ? ? ? ? ? ? 1.321 ? ? 
covale4 covale both ? A ABA 95 C ? ? ? 1_555 A THR 96 N ? ? A ABA 95 A THR 96 1_555 ? ? ? ? ? ? ? 1.328 ? ? 
covale5 covale both ? B ILE 66 C ? ? ? 1_555 B ABA 67 N ? ? B ILE 66 B ABA 67 1_555 ? ? ? ? ? ? ? 1.332 ? ? 
covale6 covale both ? B ABA 67 C ? ? ? 1_555 B GLY 68 N ? ? B ABA 67 B GLY 68 1_555 ? ? ? ? ? ? ? 1.331 ? ? 
covale7 covale both ? B GLY 94 C ? ? ? 1_555 B ABA 95 N ? ? B GLY 94 B ABA 95 1_555 ? ? ? ? ? ? ? 1.332 ? ? 
covale8 covale both ? B ABA 95 C ? ? ? 1_555 B THR 96 N ? ? B ABA 95 B THR 96 1_555 ? ? ? ? ? ? ? 1.328 ? ? 
# 
_struct_conn_type.id          covale 
_struct_conn_type.criteria    ? 
_struct_conn_type.reference   ? 
# 
loop_
_struct_sheet.id 
_struct_sheet.type 
_struct_sheet.number_strands 
_struct_sheet.details 
COA ? 8 ? 
COB ? 8 ? 
INT ? 4 ? 
# 
loop_
_struct_sheet_order.sheet_id 
_struct_sheet_order.range_id_1 
_struct_sheet_order.range_id_2 
_struct_sheet_order.offset 
_struct_sheet_order.sense 
COA 1 2 ? anti-parallel 
COA 2 3 ? anti-parallel 
COA 3 4 ? parallel      
COA 4 5 ? anti-parallel 
COA 5 6 ? parallel      
COA 6 7 ? anti-parallel 
COA 7 8 ? anti-parallel 
COB 1 2 ? anti-parallel 
COB 2 3 ? anti-parallel 
COB 3 4 ? parallel      
COB 4 5 ? anti-parallel 
COB 5 6 ? parallel      
COB 6 7 ? anti-parallel 
COB 7 8 ? anti-parallel 
INT 1 2 ? anti-parallel 
INT 2 3 ? anti-parallel 
INT 3 4 ? anti-parallel 
# 
loop_
_struct_sheet_range.sheet_id 
_struct_sheet_range.id 
_struct_sheet_range.beg_label_comp_id 
_struct_sheet_range.beg_label_asym_id 
_struct_sheet_range.beg_label_seq_id 
_struct_sheet_range.pdbx_beg_PDB_ins_code 
_struct_sheet_range.end_label_comp_id 
_struct_sheet_range.end_label_asym_id 
_struct_sheet_range.end_label_seq_id 
_struct_sheet_range.pdbx_end_PDB_ins_code 
_struct_sheet_range.beg_auth_comp_id 
_struct_sheet_range.beg_auth_asym_id 
_struct_sheet_range.beg_auth_seq_id 
_struct_sheet_range.end_auth_comp_id 
_struct_sheet_range.end_auth_asym_id 
_struct_sheet_range.end_auth_seq_id 
COA 1 LYS A 43 ? GLY A 49 ? LYS A 43 GLY A 49 
COA 2 GLY A 52 ? ILE A 66 ? GLY A 52 ILE A 66 
COA 3 HIS A 69 ? GLY A 78 ? HIS A 69 GLY A 78 
COA 4 THR A 31 ? GLU A 34 ? THR A 31 GLU A 34 
COA 5 ASN A 83 ? ILE A 85 ? ASN A 83 ILE A 85 
COA 6 GLN A 18 ? ASP A 25 ? GLN A 18 ASP A 25 
COA 7 PRO A 9  ? ILE A 15 ? PRO A 9  ILE A 15 
COA 8 GLU A 65 ? ILE A 66 ? GLU A 65 ILE A 66 
COB 1 LYS B 43 ? GLY B 49 ? LYS B 43 GLY B 49 
COB 2 GLY B 52 ? ILE B 66 ? GLY B 52 ILE B 66 
COB 3 HIS B 69 ? GLY B 78 ? HIS B 69 GLY B 78 
COB 4 THR B 31 ? GLU B 34 ? THR B 31 GLU B 34 
COB 5 ASN B 83 ? ILE B 85 ? ASN B 83 ILE B 85 
COB 6 GLN B 18 ? ASP B 25 ? GLN B 18 ASP B 25 
COB 7 PRO B 9  ? ILE B 15 ? PRO B 9  ILE B 15 
COB 8 GLU B 65 ? ILE B 66 ? GLU B 65 ILE B 66 
INT 1 PRO A 1  ? THR A 4  ? PRO A 1  THR A 4  
INT 2 THR B 96 ? PHE B 99 ? THR B 96 PHE B 99 
INT 3 THR A 96 ? PHE A 99 ? THR A 96 PHE A 99 
INT 4 PRO B 1  ? THR B 4  ? PRO B 1  THR B 4  
# 
loop_
_struct_site.id 
_struct_site.pdbx_evidence_code 
_struct_site.pdbx_auth_asym_id 
_struct_site.pdbx_auth_comp_id 
_struct_site.pdbx_auth_seq_id 
_struct_site.pdbx_auth_ins_code 
_struct_site.pdbx_num_residues 
_struct_site.details 
AC1 Software A SO4 101 ? 2  'BINDING SITE FOR RESIDUE SO4 A 101' 
AC2 Software A SO4 102 ? 8  'BINDING SITE FOR RESIDUE SO4 A 102' 
AC3 Software B PI6 101 ? 19 'BINDING SITE FOR RESIDUE PI6 B 101' 
AC4 Software B SO4 102 ? 5  'BINDING SITE FOR RESIDUE SO4 B 102' 
# 
loop_
_struct_site_gen.id 
_struct_site_gen.site_id 
_struct_site_gen.pdbx_num_res 
_struct_site_gen.label_comp_id 
_struct_site_gen.label_asym_id 
_struct_site_gen.label_seq_id 
_struct_site_gen.pdbx_auth_ins_code 
_struct_site_gen.auth_comp_id 
_struct_site_gen.auth_asym_id 
_struct_site_gen.auth_seq_id 
_struct_site_gen.label_atom_id 
_struct_site_gen.label_alt_id 
_struct_site_gen.symmetry 
_struct_site_gen.details 
1  AC1 2  PRO A 1  ? PRO A 1   . ? 1_555 ? 
2  AC1 2  HIS A 69 ? HIS A 69  . ? 1_555 ? 
3  AC2 8  ARG A 14 ? ARG A 14  . ? 1_555 ? 
4  AC2 8  GLY A 17 ? GLY A 17  . ? 1_555 ? 
5  AC2 8  HOH G .  ? HOH A 245 . ? 1_555 ? 
6  AC2 8  ARG B 14 ? ARG B 14  . ? 1_455 ? 
7  AC2 8  ILE B 15 ? ILE B 15  . ? 1_455 ? 
8  AC2 8  GLY B 16 ? GLY B 16  . ? 1_455 ? 
9  AC2 8  GLY B 17 ? GLY B 17  . ? 1_455 ? 
10 AC2 8  HOH H .  ? HOH B 308 . ? 1_455 ? 
11 AC3 19 ARG A 8  ? ARG A 8   . ? 1_555 ? 
12 AC3 19 LEU A 23 ? LEU A 23  . ? 1_555 ? 
13 AC3 19 ASP A 25 ? ASP A 25  . ? 1_555 ? 
14 AC3 19 GLY A 27 ? GLY A 27  . ? 1_555 ? 
15 AC3 19 GLY A 48 ? GLY A 48  . ? 1_555 ? 
16 AC3 19 GLY A 49 ? GLY A 49  . ? 1_555 ? 
17 AC3 19 ILE A 50 ? ILE A 50  . ? 1_555 ? 
18 AC3 19 PRO A 81 ? PRO A 81  . ? 1_555 ? 
19 AC3 19 VAL A 82 ? VAL A 82  . ? 1_555 ? 
20 AC3 19 ARG B 8  ? ARG B 8   . ? 1_555 ? 
21 AC3 19 ASP B 25 ? ASP B 25  . ? 1_555 ? 
22 AC3 19 GLY B 27 ? GLY B 27  . ? 1_555 ? 
23 AC3 19 ALA B 28 ? ALA B 28  . ? 1_555 ? 
24 AC3 19 ASP B 29 ? ASP B 29  . ? 1_555 ? 
25 AC3 19 GLY B 48 ? GLY B 48  . ? 1_555 ? 
26 AC3 19 ILE B 50 ? ILE B 50  . ? 1_555 ? 
27 AC3 19 PRO B 81 ? PRO B 81  . ? 1_555 ? 
28 AC3 19 HOH H .  ? HOH B 301 . ? 1_555 ? 
29 AC3 19 HOH H .  ? HOH B 325 . ? 1_555 ? 
30 AC4 5  HIS A 69 ? HIS A 69  . ? 3_545 ? 
31 AC4 5  LYS A 70 ? LYS A 70  . ? 3_545 ? 
32 AC4 5  HOH G .  ? HOH A 249 . ? 3_545 ? 
33 AC4 5  PRO B 1  ? PRO B 1   . ? 2_554 ? 
34 AC4 5  LYS B 55 ? LYS B 55  . ? 1_555 ? 
# 
_atom_sites.entry_id                    1MTR 
_atom_sites.fract_transf_matrix[1][1]   0.00731509 
_atom_sites.fract_transf_matrix[1][2]   -0.00180382 
_atom_sites.fract_transf_matrix[1][3]   0.01793691 
_atom_sites.fract_transf_matrix[2][1]   -0.00303924 
_atom_sites.fract_transf_matrix[2][2]   -0.01675678 
_atom_sites.fract_transf_matrix[2][3]   -0.00044567 
_atom_sites.fract_transf_matrix[3][1]   0.01466584 
_atom_sites.fract_transf_matrix[3][2]   -0.00249425 
_atom_sites.fract_transf_matrix[3][3]   -0.00623190 
_atom_sites.fract_transf_vector[1]      0.100117 
_atom_sites.fract_transf_vector[2]      0.019078 
_atom_sites.fract_transf_vector[3]      0.294149 
# 
loop_
_atom_type.symbol 
C 
N 
O 
S 
# 
loop_
_atom_site.group_PDB 
_atom_site.id 
_atom_site.type_symbol 
_atom_site.label_atom_id 
_atom_site.label_alt_id 
_atom_site.label_comp_id 
_atom_site.label_asym_id 
_atom_site.label_entity_id 
_atom_site.label_seq_id 
_atom_site.pdbx_PDB_ins_code 
_atom_site.Cartn_x 
_atom_site.Cartn_y 
_atom_site.Cartn_z 
_atom_site.occupancy 
_atom_site.B_iso_or_equiv 
_atom_site.pdbx_formal_charge 
_atom_site.auth_seq_id 
_atom_site.auth_comp_id 
_atom_site.auth_asym_id 
_atom_site.auth_atom_id 
_atom_site.pdbx_PDB_model_num 
ATOM   1    N N    . PRO A 1 1  ? 9.822   -7.909  -14.068 1.00 31.43  ? 1   PRO A N    1 
ATOM   2    C CA   . PRO A 1 1  ? 11.081  -7.336  -13.506 1.00 29.11  ? 1   PRO A CA   1 
ATOM   3    C C    . PRO A 1 1  ? 11.161  -7.538  -12.002 1.00 27.27  ? 1   PRO A C    1 
ATOM   4    O O    . PRO A 1 1  ? 10.219  -8.026  -11.399 1.00 34.04  ? 1   PRO A O    1 
ATOM   5    C CB   . PRO A 1 1  ? 11.071  -5.839  -13.784 1.00 32.19  ? 1   PRO A CB   1 
ATOM   6    C CG   . PRO A 1 1  ? 9.618   -5.550  -13.861 1.00 30.10  ? 1   PRO A CG   1 
ATOM   7    C CD   . PRO A 1 1  ? 9.135   -6.716  -14.704 1.00 30.26  ? 1   PRO A CD   1 
ATOM   8    N N    . GLN A 1 2  ? 12.309  -7.209  -11.421 1.00 24.11  ? 2   GLN A N    1 
ATOM   9    C CA   . GLN A 1 2  ? 12.509  -7.263  -9.967  1.00 23.84  ? 2   GLN A CA   1 
ATOM   10   C C    . GLN A 1 2  ? 12.625  -5.780  -9.624  1.00 24.73  ? 2   GLN A C    1 
ATOM   11   O O    . GLN A 1 2  ? 13.490  -5.071  -10.159 1.00 26.14  ? 2   GLN A O    1 
ATOM   12   C CB   . GLN A 1 2  ? 13.794  -7.991  -9.597  1.00 23.04  ? 2   GLN A CB   1 
ATOM   13   C CG   . GLN A 1 2  ? 14.047  -8.007  -8.106  1.00 32.15  ? 2   GLN A CG   1 
ATOM   14   C CD   . GLN A 1 2  ? 15.094  -9.022  -7.686  1.00 40.68  ? 2   GLN A CD   1 
ATOM   15   O OE1  . GLN A 1 2  ? 14.760  -10.152 -7.324  1.00 45.14  ? 2   GLN A OE1  1 
ATOM   16   N NE2  . GLN A 1 2  ? 16.366  -8.619  -7.706  1.00 39.45  ? 2   GLN A NE2  1 
ATOM   17   N N    . ILE A 1 3  ? 11.720  -5.304  -8.781  1.00 19.90  ? 3   ILE A N    1 
ATOM   18   C CA   . ILE A 1 3  ? 11.670  -3.893  -8.411  1.00 16.40  ? 3   ILE A CA   1 
ATOM   19   C C    . ILE A 1 3  ? 12.019  -3.740  -6.943  1.00 17.16  ? 3   ILE A C    1 
ATOM   20   O O    . ILE A 1 3  ? 11.459  -4.439  -6.062  1.00 13.76  ? 3   ILE A O    1 
ATOM   21   C CB   . ILE A 1 3  ? 10.255  -3.309  -8.723  1.00 21.18  ? 3   ILE A CB   1 
ATOM   22   C CG1  . ILE A 1 3  ? 9.875   -3.657  -10.172 1.00 20.31  ? 3   ILE A CG1  1 
ATOM   23   C CG2  . ILE A 1 3  ? 10.223  -1.787  -8.513  1.00 22.03  ? 3   ILE A CG2  1 
ATOM   24   C CD1  . ILE A 1 3  ? 8.424   -3.400  -10.558 1.00 26.60  ? 3   ILE A CD1  1 
ATOM   25   N N    . THR A 1 4  ? 13.037  -2.919  -6.697  1.00 13.25  ? 4   THR A N    1 
ATOM   26   C CA   . THR A 1 4  ? 13.493  -2.638  -5.328  1.00 16.79  ? 4   THR A CA   1 
ATOM   27   C C    . THR A 1 4  ? 12.634  -1.502  -4.762  1.00 17.27  ? 4   THR A C    1 
ATOM   28   O O    . THR A 1 4  ? 11.915  -0.825  -5.505  1.00 19.56  ? 4   THR A O    1 
ATOM   29   C CB   . THR A 1 4  ? 15.000  -2.294  -5.275  1.00 22.00  ? 4   THR A CB   1 
ATOM   30   O OG1  . THR A 1 4  ? 15.284  -1.231  -6.195  1.00 23.56  ? 4   THR A OG1  1 
ATOM   31   C CG2  . THR A 1 4  ? 15.834  -3.537  -5.617  1.00 22.52  ? 4   THR A CG2  1 
ATOM   32   N N    . LEU A 1 5  ? 12.722  -1.279  -3.457  1.00 18.60  ? 5   LEU A N    1 
ATOM   33   C CA   . LEU A 1 5  ? 11.861  -0.286  -2.815  1.00 16.74  ? 5   LEU A CA   1 
ATOM   34   C C    . LEU A 1 5  ? 12.504  0.996   -2.268  1.00 18.45  ? 5   LEU A C    1 
ATOM   35   O O    . LEU A 1 5  ? 11.916  1.679   -1.414  1.00 15.03  ? 5   LEU A O    1 
ATOM   36   C CB   . LEU A 1 5  ? 11.016  -1.011  -1.752  1.00 15.97  ? 5   LEU A CB   1 
ATOM   37   C CG   . LEU A 1 5  ? 10.173  -2.111  -2.431  1.00 17.72  ? 5   LEU A CG   1 
ATOM   38   C CD1  . LEU A 1 5  ? 9.619   -3.132  -1.448  1.00 15.22  ? 5   LEU A CD1  1 
ATOM   39   C CD2  . LEU A 1 5  ? 9.055   -1.478  -3.244  1.00 13.71  ? 5   LEU A CD2  1 
ATOM   40   N N    . TRP A 1 6  ? 13.661  1.368   -2.819  1.00 19.35  ? 6   TRP A N    1 
ATOM   41   C CA   . TRP A 1 6  ? 14.355  2.595   -2.390  1.00 20.00  ? 6   TRP A CA   1 
ATOM   42   C C    . TRP A 1 6  ? 13.556  3.769   -2.902  1.00 19.54  ? 6   TRP A C    1 
ATOM   43   O O    . TRP A 1 6  ? 13.591  4.850   -2.348  1.00 22.79  ? 6   TRP A O    1 
ATOM   44   C CB   . TRP A 1 6  ? 15.787  2.632   -2.920  1.00 23.19  ? 6   TRP A CB   1 
ATOM   45   C CG   . TRP A 1 6  ? 16.549  1.364   -2.605  1.00 27.96  ? 6   TRP A CG   1 
ATOM   46   C CD1  . TRP A 1 6  ? 16.787  0.311   -3.465  1.00 29.21  ? 6   TRP A CD1  1 
ATOM   47   C CD2  . TRP A 1 6  ? 17.094  0.972   -1.337  1.00 26.89  ? 6   TRP A CD2  1 
ATOM   48   N NE1  . TRP A 1 6  ? 17.434  -0.704  -2.797  1.00 29.59  ? 6   TRP A NE1  1 
ATOM   49   C CE2  . TRP A 1 6  ? 17.638  -0.326  -1.499  1.00 28.91  ? 6   TRP A CE2  1 
ATOM   50   C CE3  . TRP A 1 6  ? 17.179  1.587   -0.091  1.00 22.23  ? 6   TRP A CE3  1 
ATOM   51   C CZ2  . TRP A 1 6  ? 18.252  -1.011  -0.452  1.00 32.22  ? 6   TRP A CZ2  1 
ATOM   52   C CZ3  . TRP A 1 6  ? 17.795  0.900   0.952   1.00 32.13  ? 6   TRP A CZ3  1 
ATOM   53   C CH2  . TRP A 1 6  ? 18.323  -0.383  0.762   1.00 33.66  ? 6   TRP A CH2  1 
ATOM   54   N N    . LYS A 1 7  ? 12.797  3.540   -3.956  1.00 20.62  ? 7   LYS A N    1 
ATOM   55   C CA   . LYS A 1 7  ? 11.930  4.583   -4.481  1.00 21.36  ? 7   LYS A CA   1 
ATOM   56   C C    . LYS A 1 7  ? 10.534  3.988   -4.534  1.00 23.48  ? 7   LYS A C    1 
ATOM   57   O O    . LYS A 1 7  ? 10.361  2.776   -4.413  1.00 21.44  ? 7   LYS A O    1 
ATOM   58   C CB   . LYS A 1 7  ? 12.342  4.970   -5.890  1.00 24.22  ? 7   LYS A CB   1 
ATOM   59   C CG   . LYS A 1 7  ? 13.691  5.608   -5.975  1.00 32.68  ? 7   LYS A CG   1 
ATOM   60   C CD   . LYS A 1 7  ? 14.048  5.883   -7.424  1.00 40.48  ? 7   LYS A CD   1 
ATOM   61   C CE   . LYS A 1 7  ? 13.903  4.619   -8.248  1.00 49.38  ? 7   LYS A CE   1 
ATOM   62   N NZ   . LYS A 1 7  ? 14.621  3.488   -7.629  1.00 57.82  ? 7   LYS A NZ   1 
ATOM   63   N N    . ARG A 1 8  ? 9.535   4.842   -4.709  1.00 19.53  ? 8   ARG A N    1 
ATOM   64   C CA   . ARG A 1 8  ? 8.163   4.366   -4.844  1.00 18.55  ? 8   ARG A CA   1 
ATOM   65   C C    . ARG A 1 8  ? 8.120   3.504   -6.103  1.00 20.04  ? 8   ARG A C    1 
ATOM   66   O O    . ARG A 1 8  ? 8.719   3.853   -7.133  1.00 18.43  ? 8   ARG A O    1 
ATOM   67   C CB   . ARG A 1 8  ? 7.216   5.538   -5.030  1.00 15.84  ? 8   ARG A CB   1 
ATOM   68   C CG   . ARG A 1 8  ? 6.906   6.274   -3.776  1.00 18.79  ? 8   ARG A CG   1 
ATOM   69   C CD   . ARG A 1 8  ? 5.841   7.283   -4.066  1.00 25.85  ? 8   ARG A CD   1 
ATOM   70   N NE   . ARG A 1 8  ? 5.614   8.181   -2.923  1.00 37.99  ? 8   ARG A NE   1 
ATOM   71   C CZ   . ARG A 1 8  ? 4.497   8.883   -2.736  1.00 45.17  ? 8   ARG A CZ   1 
ATOM   72   N NH1  . ARG A 1 8  ? 3.490   8.786   -3.610  1.00 46.56  ? 8   ARG A NH1  1 
ATOM   73   N NH2  . ARG A 1 8  ? 4.390   9.689   -1.680  1.00 42.35  ? 8   ARG A NH2  1 
ATOM   74   N N    . PRO A 1 9  ? 7.475   2.335   -6.025  1.00 18.14  ? 9   PRO A N    1 
ATOM   75   C CA   . PRO A 1 9  ? 7.389   1.457   -7.199  1.00 14.94  ? 9   PRO A CA   1 
ATOM   76   C C    . PRO A 1 9  ? 6.368   1.962   -8.207  1.00 16.16  ? 9   PRO A C    1 
ATOM   77   O O    . PRO A 1 9  ? 5.260   1.437   -8.293  1.00 15.12  ? 9   PRO A O    1 
ATOM   78   C CB   . PRO A 1 9  ? 6.982   0.107   -6.601  1.00 11.11  ? 9   PRO A CB   1 
ATOM   79   C CG   . PRO A 1 9  ? 6.243   0.489   -5.349  1.00 14.32  ? 9   PRO A CG   1 
ATOM   80   C CD   . PRO A 1 9  ? 7.001   1.661   -4.798  1.00 14.73  ? 9   PRO A CD   1 
ATOM   81   N N    . LEU A 1 10 ? 6.740   2.998   -8.953  1.00 18.40  ? 10  LEU A N    1 
ATOM   82   C CA   . LEU A 1 10 ? 5.851   3.577   -9.971  1.00 20.85  ? 10  LEU A CA   1 
ATOM   83   C C    . LEU A 1 10 ? 6.182   3.021   -11.346 1.00 20.76  ? 10  LEU A C    1 
ATOM   84   O O    . LEU A 1 10 ? 7.343   2.887   -11.676 1.00 25.06  ? 10  LEU A O    1 
ATOM   85   C CB   . LEU A 1 10 ? 5.979   5.092   -9.993  1.00 21.31  ? 10  LEU A CB   1 
ATOM   86   C CG   . LEU A 1 10 ? 5.382   5.808   -8.786  1.00 24.76  ? 10  LEU A CG   1 
ATOM   87   C CD1  . LEU A 1 10 ? 6.034   7.173   -8.695  1.00 28.49  ? 10  LEU A CD1  1 
ATOM   88   C CD2  . LEU A 1 10 ? 3.850   5.909   -8.884  1.00 24.26  ? 10  LEU A CD2  1 
ATOM   89   N N    . VAL A 1 11 ? 5.156   2.642   -12.100 1.00 15.32  ? 11  VAL A N    1 
ATOM   90   C CA   . VAL A 1 11 ? 5.298   2.093   -13.450 1.00 15.62  ? 11  VAL A CA   1 
ATOM   91   C C    . VAL A 1 11 ? 4.224   2.713   -14.336 1.00 15.52  ? 11  VAL A C    1 
ATOM   92   O O    . VAL A 1 11 ? 3.275   3.324   -13.837 1.00 15.40  ? 11  VAL A O    1 
ATOM   93   C CB   . VAL A 1 11 ? 5.109   0.574   -13.445 1.00 11.54  ? 11  VAL A CB   1 
ATOM   94   C CG1  . VAL A 1 11 ? 6.126   -0.061  -12.495 1.00 15.89  ? 11  VAL A CG1  1 
ATOM   95   C CG2  . VAL A 1 11 ? 3.672   0.222   -13.014 1.00 12.79  ? 11  VAL A CG2  1 
ATOM   96   N N    . THR A 1 12 ? 4.376   2.560   -15.647 1.00 15.86  ? 12  THR A N    1 
ATOM   97   C CA   . THR A 1 12 ? 3.408   3.096   -16.604 1.00 18.69  ? 12  THR A CA   1 
ATOM   98   C C    . THR A 1 12 ? 2.366   2.027   -16.896 1.00 16.46  ? 12  THR A C    1 
ATOM   99   O O    . THR A 1 12 ? 2.676   0.844   -16.980 1.00 16.73  ? 12  THR A O    1 
ATOM   100  C CB   . THR A 1 12 ? 4.100   3.528   -17.924 1.00 21.88  ? 12  THR A CB   1 
ATOM   101  O OG1  . THR A 1 12 ? 5.073   4.531   -17.626 1.00 21.94  ? 12  THR A OG1  1 
ATOM   102  C CG2  . THR A 1 12 ? 3.089   4.102   -18.936 1.00 19.96  ? 12  THR A CG2  1 
ATOM   103  N N    . ILE A 1 13 ? 1.123   2.464   -17.008 1.00 15.68  ? 13  ILE A N    1 
ATOM   104  C CA   . ILE A 1 13 ? 0.003   1.574   -17.293 1.00 20.00  ? 13  ILE A CA   1 
ATOM   105  C C    . ILE A 1 13 ? -0.762  2.200   -18.430 1.00 23.41  ? 13  ILE A C    1 
ATOM   106  O O    . ILE A 1 13 ? -0.595  3.393   -18.710 1.00 20.73  ? 13  ILE A O    1 
ATOM   107  C CB   . ILE A 1 13 ? -0.935  1.433   -16.055 1.00 21.07  ? 13  ILE A CB   1 
ATOM   108  C CG1  . ILE A 1 13 ? -1.617  2.769   -15.734 1.00 16.27  ? 13  ILE A CG1  1 
ATOM   109  C CG2  . ILE A 1 13 ? -0.121  1.002   -14.844 1.00 17.08  ? 13  ILE A CG2  1 
ATOM   110  C CD1  . ILE A 1 13 ? -2.633  2.699   -14.580 1.00 15.73  ? 13  ILE A CD1  1 
ATOM   111  N N    . ARG A 1 14 ? -1.515  1.379   -19.150 1.00 23.31  ? 14  ARG A N    1 
ATOM   112  C CA   . ARG A 1 14 ? -2.355  1.867   -20.247 1.00 26.92  ? 14  ARG A CA   1 
ATOM   113  C C    . ARG A 1 14 ? -3.756  1.468   -19.820 1.00 25.74  ? 14  ARG A C    1 
ATOM   114  O O    . ARG A 1 14 ? -4.007  0.299   -19.520 1.00 20.72  ? 14  ARG A O    1 
ATOM   115  C CB   . ARG A 1 14 ? -2.000  1.213   -21.593 1.00 31.57  ? 14  ARG A CB   1 
ATOM   116  C CG   . ARG A 1 14 ? -2.712  1.877   -22.783 1.00 40.21  ? 14  ARG A CG   1 
ATOM   117  C CD   . ARG A 1 14 ? -2.459  1.198   -24.126 1.00 47.09  ? 14  ARG A CD   1 
ATOM   118  N NE   . ARG A 1 14 ? -3.496  0.200   -24.454 1.00 58.20  ? 14  ARG A NE   1 
ATOM   119  C CZ   . ARG A 1 14 ? -3.292  -1.121  -24.512 1.00 62.95  ? 14  ARG A CZ   1 
ATOM   120  N NH1  . ARG A 1 14 ? -2.091  -1.626  -24.271 1.00 66.92  ? 14  ARG A NH1  1 
ATOM   121  N NH2  . ARG A 1 14 ? -4.294  -1.949  -24.791 1.00 63.65  ? 14  ARG A NH2  1 
ATOM   122  N N    . ILE A 1 15 ? -4.646  2.449   -19.723 1.00 26.48  ? 15  ILE A N    1 
ATOM   123  C CA   . ILE A 1 15 ? -6.019  2.203   -19.305 1.00 28.67  ? 15  ILE A CA   1 
ATOM   124  C C    . ILE A 1 15 ? -6.902  3.163   -20.099 1.00 32.17  ? 15  ILE A C    1 
ATOM   125  O O    . ILE A 1 15 ? -6.556  4.335   -20.261 1.00 36.02  ? 15  ILE A O    1 
ATOM   126  C CB   . ILE A 1 15 ? -6.169  2.413   -17.769 1.00 25.76  ? 15  ILE A CB   1 
ATOM   127  C CG1  . ILE A 1 15 ? -7.631  2.173   -17.344 1.00 25.20  ? 15  ILE A CG1  1 
ATOM   128  C CG2  . ILE A 1 15 ? -5.599  3.781   -17.375 1.00 25.23  ? 15  ILE A CG2  1 
ATOM   129  C CD1  . ILE A 1 15 ? -7.843  1.999   -15.864 1.00 25.23  ? 15  ILE A CD1  1 
ATOM   130  N N    . GLY A 1 16 ? -8.005  2.646   -20.637 1.00 31.81  ? 16  GLY A N    1 
ATOM   131  C CA   . GLY A 1 16 ? -8.894  3.463   -21.445 1.00 36.63  ? 16  GLY A CA   1 
ATOM   132  C C    . GLY A 1 16 ? -8.167  4.020   -22.666 1.00 38.26  ? 16  GLY A C    1 
ATOM   133  O O    . GLY A 1 16 ? -8.528  5.067   -23.195 1.00 38.50  ? 16  GLY A O    1 
ATOM   134  N N    . GLY A 1 17 ? -7.149  3.298   -23.126 1.00 37.81  ? 17  GLY A N    1 
ATOM   135  C CA   . GLY A 1 17 ? -6.369  3.741   -24.263 1.00 34.56  ? 17  GLY A CA   1 
ATOM   136  C C    . GLY A 1 17 ? -5.378  4.830   -23.889 1.00 33.81  ? 17  GLY A C    1 
ATOM   137  O O    . GLY A 1 17 ? -4.601  5.266   -24.729 1.00 37.75  ? 17  GLY A O    1 
ATOM   138  N N    . GLN A 1 18 ? -5.321  5.187   -22.612 1.00 28.49  ? 18  GLN A N    1 
ATOM   139  C CA   . GLN A 1 18 ? -4.433  6.263   -22.153 1.00 30.22  ? 18  GLN A CA   1 
ATOM   140  C C    . GLN A 1 18 ? -3.323  5.787   -21.183 1.00 29.74  ? 18  GLN A C    1 
ATOM   141  O O    . GLN A 1 18 ? -3.562  4.900   -20.369 1.00 29.44  ? 18  GLN A O    1 
ATOM   142  C CB   . GLN A 1 18 ? -5.323  7.317   -21.502 1.00 34.60  ? 18  GLN A CB   1 
ATOM   143  C CG   . GLN A 1 18 ? -4.641  8.588   -21.112 1.00 45.03  ? 18  GLN A CG   1 
ATOM   144  C CD   . GLN A 1 18 ? -5.618  9.613   -20.563 1.00 50.13  ? 18  GLN A CD   1 
ATOM   145  O OE1  . GLN A 1 18 ? -6.282  9.389   -19.545 1.00 48.11  ? 18  GLN A OE1  1 
ATOM   146  N NE2  . GLN A 1 18 ? -5.707  10.753  -21.236 1.00 53.71  ? 18  GLN A NE2  1 
ATOM   147  N N    . LEU A 1 19 ? -2.116  6.354   -21.301 1.00 24.07  ? 19  LEU A N    1 
ATOM   148  C CA   . LEU A 1 19 ? -0.962  6.007   -20.435 1.00 24.17  ? 19  LEU A CA   1 
ATOM   149  C C    . LEU A 1 19 ? -0.919  6.835   -19.154 1.00 26.61  ? 19  LEU A C    1 
ATOM   150  O O    . LEU A 1 19 ? -1.039  8.062   -19.201 1.00 26.86  ? 19  LEU A O    1 
ATOM   151  C CB   . LEU A 1 19 ? 0.358   6.227   -21.171 1.00 28.21  ? 19  LEU A CB   1 
ATOM   152  C CG   . LEU A 1 19 ? 0.985   5.105   -21.993 1.00 33.87  ? 19  LEU A CG   1 
ATOM   153  C CD1  . LEU A 1 19 ? 0.019   4.540   -23.000 1.00 35.81  ? 19  LEU A CD1  1 
ATOM   154  C CD2  . LEU A 1 19 ? 2.179   5.680   -22.705 1.00 37.38  ? 19  LEU A CD2  1 
ATOM   155  N N    . LYS A 1 20 ? -0.687  6.179   -18.021 1.00 24.43  ? 20  LYS A N    1 
ATOM   156  C CA   . LYS A 1 20 ? -0.623  6.861   -16.717 1.00 20.91  ? 20  LYS A CA   1 
ATOM   157  C C    . LYS A 1 20 ? 0.453   6.205   -15.874 1.00 21.95  ? 20  LYS A C    1 
ATOM   158  O O    . LYS A 1 20 ? 0.988   5.166   -16.233 1.00 24.93  ? 20  LYS A O    1 
ATOM   159  C CB   . LYS A 1 20 ? -1.963  6.753   -15.990 1.00 21.67  ? 20  LYS A CB   1 
ATOM   160  C CG   . LYS A 1 20 ? -3.145  7.148   -16.830 1.00 27.54  ? 20  LYS A CG   1 
ATOM   161  C CD   . LYS A 1 20 ? -4.447  6.831   -16.140 1.00 35.40  ? 20  LYS A CD   1 
ATOM   162  C CE   . LYS A 1 20 ? -4.945  8.036   -15.373 1.00 39.60  ? 20  LYS A CE   1 
ATOM   163  N NZ   . LYS A 1 20 ? -5.011  9.219   -16.250 1.00 43.27  ? 20  LYS A NZ   1 
ATOM   164  N N    . GLU A 1 21 ? 0.813   6.860   -14.782 1.00 25.28  ? 21  GLU A N    1 
ATOM   165  C CA   . GLU A 1 21 ? 1.815   6.356   -13.838 1.00 22.49  ? 21  GLU A CA   1 
ATOM   166  C C    . GLU A 1 21 ? 1.027   5.814   -12.667 1.00 20.55  ? 21  GLU A C    1 
ATOM   167  O O    . GLU A 1 21 ? 0.107   6.474   -12.166 1.00 21.94  ? 21  GLU A O    1 
ATOM   168  C CB   . GLU A 1 21 ? 2.685   7.497   -13.324 1.00 29.69  ? 21  GLU A CB   1 
ATOM   169  C CG   . GLU A 1 21 ? 3.800   7.871   -14.225 1.00 44.81  ? 21  GLU A CG   1 
ATOM   170  C CD   . GLU A 1 21 ? 5.096   7.279   -13.756 1.00 57.22  ? 21  GLU A CD   1 
ATOM   171  O OE1  . GLU A 1 21 ? 5.698   7.860   -12.817 1.00 61.99  ? 21  GLU A OE1  1 
ATOM   172  O OE2  . GLU A 1 21 ? 5.502   6.230   -14.314 1.00 60.74  ? 21  GLU A OE2  1 
ATOM   173  N N    . ALA A 1 22 ? 1.379   4.623   -12.220 1.00 16.51  ? 22  ALA A N    1 
ATOM   174  C CA   . ALA A 1 22 ? 0.679   4.049   -11.091 1.00 13.83  ? 22  ALA A CA   1 
ATOM   175  C C    . ALA A 1 22 ? 1.630   3.368   -10.131 1.00 17.88  ? 22  ALA A C    1 
ATOM   176  O O    . ALA A 1 22 ? 2.697   2.911   -10.506 1.00 18.44  ? 22  ALA A O    1 
ATOM   177  C CB   . ALA A 1 22 ? -0.405  3.107   -11.558 1.00 13.74  ? 22  ALA A CB   1 
ATOM   178  N N    . LEU A 1 23 ? 1.200   3.304   -8.880  1.00 17.28  ? 23  LEU A N    1 
ATOM   179  C CA   . LEU A 1 23 ? 1.949   2.698   -7.793  1.00 15.44  ? 23  LEU A CA   1 
ATOM   180  C C    . LEU A 1 23 ? 1.525   1.239   -7.589  1.00 15.04  ? 23  LEU A C    1 
ATOM   181  O O    . LEU A 1 23 ? 0.322   0.940   -7.538  1.00 13.08  ? 23  LEU A O    1 
ATOM   182  C CB   . LEU A 1 23 ? 1.665   3.511   -6.526  1.00 13.25  ? 23  LEU A CB   1 
ATOM   183  C CG   . LEU A 1 23 ? 2.399   3.208   -5.230  1.00 19.31  ? 23  LEU A CG   1 
ATOM   184  C CD1  . LEU A 1 23 ? 3.851   3.686   -5.339  1.00 15.63  ? 23  LEU A CD1  1 
ATOM   185  C CD2  . LEU A 1 23 ? 1.687   3.939   -4.097  1.00 17.06  ? 23  LEU A CD2  1 
ATOM   186  N N    . LEU A 1 24 ? 2.501   0.326   -7.549  1.00 10.68  ? 24  LEU A N    1 
ATOM   187  C CA   . LEU A 1 24 ? 2.227   -1.102  -7.299  1.00 11.72  ? 24  LEU A CA   1 
ATOM   188  C C    . LEU A 1 24 ? 2.123   -1.157  -5.793  1.00 10.77  ? 24  LEU A C    1 
ATOM   189  O O    . LEU A 1 24 ? 3.109   -1.030  -5.070  1.00 10.45  ? 24  LEU A O    1 
ATOM   190  C CB   . LEU A 1 24 ? 3.375   -1.954  -7.794  1.00 11.92  ? 24  LEU A CB   1 
ATOM   191  C CG   . LEU A 1 24 ? 3.668   -1.690  -9.262  1.00 12.23  ? 24  LEU A CG   1 
ATOM   192  C CD1  . LEU A 1 24 ? 4.837   -2.586  -9.645  1.00 17.20  ? 24  LEU A CD1  1 
ATOM   193  C CD2  . LEU A 1 24 ? 2.428   -1.950  -10.127 1.00 14.16  ? 24  LEU A CD2  1 
ATOM   194  N N    . ASP A 1 25 ? 0.913   -1.365  -5.319  1.00 9.14   ? 25  ASP A N    1 
ATOM   195  C CA   . ASP A 1 25 ? 0.629   -1.289  -3.885  1.00 5.91   ? 25  ASP A CA   1 
ATOM   196  C C    . ASP A 1 25 ? 0.080   -2.595  -3.315  1.00 5.73   ? 25  ASP A C    1 
ATOM   197  O O    . ASP A 1 25 ? -1.111  -2.876  -3.425  1.00 9.34   ? 25  ASP A O    1 
ATOM   198  C CB   . ASP A 1 25 ? -0.390  -0.137  -3.743  1.00 11.61  ? 25  ASP A CB   1 
ATOM   199  C CG   . ASP A 1 25 ? -0.748  0.182   -2.327  1.00 14.22  ? 25  ASP A CG   1 
ATOM   200  O OD1  . ASP A 1 25 ? -0.731  -0.701  -1.463  1.00 14.96  ? 25  ASP A OD1  1 
ATOM   201  O OD2  . ASP A 1 25 ? -1.092  1.352   -2.099  1.00 17.13  ? 25  ASP A OD2  1 
ATOM   202  N N    . THR A 1 26 ? 0.941   -3.359  -2.654  1.00 6.36   ? 26  THR A N    1 
ATOM   203  C CA   . THR A 1 26 ? 0.536   -4.631  -2.054  1.00 8.50   ? 26  THR A CA   1 
ATOM   204  C C    . THR A 1 26 ? -0.360  -4.441  -0.831  1.00 6.53   ? 26  THR A C    1 
ATOM   205  O O    . THR A 1 26 ? -0.979  -5.378  -0.380  1.00 11.37  ? 26  THR A O    1 
ATOM   206  C CB   . THR A 1 26 ? 1.752   -5.426  -1.640  1.00 11.46  ? 26  THR A CB   1 
ATOM   207  O OG1  . THR A 1 26 ? 2.542   -4.628  -0.744  1.00 9.17   ? 26  THR A OG1  1 
ATOM   208  C CG2  . THR A 1 26 ? 2.581   -5.822  -2.884  1.00 7.02   ? 26  THR A CG2  1 
ATOM   209  N N    . GLY A 1 27 ? -0.446  -3.226  -0.317  1.00 7.84   ? 27  GLY A N    1 
ATOM   210  C CA   . GLY A 1 27 ? -1.305  -2.962  0.825   1.00 9.56   ? 27  GLY A CA   1 
ATOM   211  C C    . GLY A 1 27 ? -2.705  -2.623  0.381   1.00 7.41   ? 27  GLY A C    1 
ATOM   212  O O    . GLY A 1 27 ? -3.614  -2.486  1.192   1.00 12.98  ? 27  GLY A O    1 
ATOM   213  N N    . ALA A 1 28 ? -2.899  -2.523  -0.922  1.00 10.77  ? 28  ALA A N    1 
ATOM   214  C CA   . ALA A 1 28 ? -4.223  -2.194  -1.479  1.00 4.71   ? 28  ALA A CA   1 
ATOM   215  C C    . ALA A 1 28 ? -4.982  -3.420  -1.971  1.00 12.38  ? 28  ALA A C    1 
ATOM   216  O O    . ALA A 1 28 ? -4.512  -4.126  -2.848  1.00 12.91  ? 28  ALA A O    1 
ATOM   217  C CB   . ALA A 1 28 ? -4.076  -1.157  -2.661  1.00 8.31   ? 28  ALA A CB   1 
ATOM   218  N N    . ASP A 1 29 ? -6.159  -3.680  -1.411  1.00 13.60  ? 29  ASP A N    1 
ATOM   219  C CA   . ASP A 1 29 ? -6.971  -4.804  -1.898  1.00 12.98  ? 29  ASP A CA   1 
ATOM   220  C C    . ASP A 1 29 ? -7.420  -4.509  -3.321  1.00 12.48  ? 29  ASP A C    1 
ATOM   221  O O    . ASP A 1 29 ? -7.444  -5.392  -4.159  1.00 10.43  ? 29  ASP A O    1 
ATOM   222  C CB   . ASP A 1 29 ? -8.252  -4.964  -1.095  1.00 12.68  ? 29  ASP A CB   1 
ATOM   223  C CG   . ASP A 1 29 ? -8.019  -5.249  0.350   1.00 19.62  ? 29  ASP A CG   1 
ATOM   224  O OD1  . ASP A 1 29 ? -6.955  -5.788  0.722   1.00 18.23  ? 29  ASP A OD1  1 
ATOM   225  O OD2  . ASP A 1 29 ? -8.955  -4.958  1.120   1.00 23.28  ? 29  ASP A OD2  1 
ATOM   226  N N    . ASP A 1 30 ? -7.830  -3.262  -3.567  1.00 12.33  ? 30  ASP A N    1 
ATOM   227  C CA   . ASP A 1 30 ? -8.342  -2.850  -4.875  1.00 13.18  ? 30  ASP A CA   1 
ATOM   228  C C    . ASP A 1 30 ? -7.488  -1.850  -5.584  1.00 12.91  ? 30  ASP A C    1 
ATOM   229  O O    . ASP A 1 30 ? -6.583  -1.272  -5.008  1.00 17.19  ? 30  ASP A O    1 
ATOM   230  C CB   . ASP A 1 30 ? -9.730  -2.256  -4.716  1.00 13.51  ? 30  ASP A CB   1 
ATOM   231  C CG   . ASP A 1 30 ? -10.643 -3.141  -3.885  1.00 23.07  ? 30  ASP A CG   1 
ATOM   232  O OD1  . ASP A 1 30 ? -10.858 -4.316  -4.268  1.00 25.39  ? 30  ASP A OD1  1 
ATOM   233  O OD2  . ASP A 1 30 ? -11.130 -2.661  -2.838  1.00 29.33  ? 30  ASP A OD2  1 
ATOM   234  N N    . THR A 1 31 ? -7.841  -1.622  -6.840  1.00 12.94  ? 31  THR A N    1 
ATOM   235  C CA   . THR A 1 31 ? -7.156  -0.677  -7.728  1.00 14.63  ? 31  THR A CA   1 
ATOM   236  C C    . THR A 1 31 ? -7.984  0.606   -7.790  1.00 12.79  ? 31  THR A C    1 
ATOM   237  O O    . THR A 1 31 ? -9.168  0.575   -8.137  1.00 15.71  ? 31  THR A O    1 
ATOM   238  C CB   . THR A 1 31 ? -7.004  -1.313  -9.127  1.00 9.60   ? 31  THR A CB   1 
ATOM   239  O OG1  . THR A 1 31 ? -6.101  -2.431  -9.024  1.00 9.16   ? 31  THR A OG1  1 
ATOM   240  C CG2  . THR A 1 31 ? -6.511  -0.311  -10.159 1.00 7.30   ? 31  THR A CG2  1 
ATOM   241  N N    . VAL A 1 32 ? -7.376  1.715   -7.385  1.00 15.87  ? 32  VAL A N    1 
ATOM   242  C CA   . VAL A 1 32 ? -8.047  3.026   -7.384  1.00 14.41  ? 32  VAL A CA   1 
ATOM   243  C C    . VAL A 1 32 ? -7.271  3.990   -8.303  1.00 13.95  ? 32  VAL A C    1 
ATOM   244  O O    . VAL A 1 32 ? -6.077  4.191   -8.135  1.00 14.58  ? 32  VAL A O    1 
ATOM   245  C CB   . VAL A 1 32 ? -8.162  3.614   -5.954  1.00 11.61  ? 32  VAL A CB   1 
ATOM   246  C CG1  . VAL A 1 32 ? -9.052  4.828   -5.997  1.00 17.39  ? 32  VAL A CG1  1 
ATOM   247  C CG2  . VAL A 1 32 ? -8.738  2.591   -4.983  1.00 16.07  ? 32  VAL A CG2  1 
ATOM   248  N N    . ILE A 1 33 ? -7.976  4.520   -9.297  1.00 9.79   ? 33  ILE A N    1 
ATOM   249  C CA   . ILE A 1 33 ? -7.455  5.413   -10.338 1.00 15.12  ? 33  ILE A CA   1 
ATOM   250  C C    . ILE A 1 33 ? -8.074  6.805   -10.179 1.00 16.35  ? 33  ILE A C    1 
ATOM   251  O O    . ILE A 1 33 ? -9.245  6.943   -9.831  1.00 16.77  ? 33  ILE A O    1 
ATOM   252  C CB   . ILE A 1 33 ? -7.861  4.840   -11.745 1.00 16.07  ? 33  ILE A CB   1 
ATOM   253  C CG1  . ILE A 1 33 ? -7.269  3.445   -11.944 1.00 20.53  ? 33  ILE A CG1  1 
ATOM   254  C CG2  . ILE A 1 33 ? -7.469  5.759   -12.881 1.00 17.65  ? 33  ILE A CG2  1 
ATOM   255  C CD1  . ILE A 1 33 ? -5.756  3.361   -11.718 1.00 18.84  ? 33  ILE A CD1  1 
ATOM   256  N N    . GLU A 1 34 ? -7.275  7.829   -10.437 1.00 15.60  ? 34  GLU A N    1 
ATOM   257  C CA   . GLU A 1 34 ? -7.720  9.221   -10.377 1.00 17.38  ? 34  GLU A CA   1 
ATOM   258  C C    . GLU A 1 34 ? -8.897  9.424   -11.330 1.00 22.78  ? 34  GLU A C    1 
ATOM   259  O O    . GLU A 1 34 ? -9.079  8.653   -12.281 1.00 24.35  ? 34  GLU A O    1 
ATOM   260  C CB   A GLU A 1 34 ? -6.566  10.149  -10.720 0.50 20.08  ? 34  GLU A CB   1 
ATOM   261  C CB   B GLU A 1 34 ? -6.568  10.136  -10.797 0.50 19.82  ? 34  GLU A CB   1 
ATOM   262  C CG   A GLU A 1 34 ? -5.510  10.203  -9.625  0.50 20.52  ? 34  GLU A CG   1 
ATOM   263  C CG   B GLU A 1 34 ? -6.083  9.947   -12.247 0.50 19.48  ? 34  GLU A CG   1 
ATOM   264  C CD   A GLU A 1 34 ? -4.212  10.807  -10.098 0.50 21.59  ? 34  GLU A CD   1 
ATOM   265  C CD   B GLU A 1 34 ? -4.699  10.537  -12.478 0.50 23.21  ? 34  GLU A CD   1 
ATOM   266  O OE1  A GLU A 1 34 ? -4.184  11.381  -11.203 0.50 25.98  ? 34  GLU A OE1  1 
ATOM   267  O OE1  B GLU A 1 34 ? -4.241  11.312  -11.615 0.50 26.63  ? 34  GLU A OE1  1 
ATOM   268  O OE2  A GLU A 1 34 ? -3.210  10.695  -9.375  0.50 20.71  ? 34  GLU A OE2  1 
ATOM   269  O OE2  B GLU A 1 34 ? -4.053  10.215  -13.503 0.50 21.23  ? 34  GLU A OE2  1 
ATOM   270  N N    . GLU A 1 35 ? -9.707  10.447  -11.072 1.00 24.51  ? 35  GLU A N    1 
ATOM   271  C CA   . GLU A 1 35 ? -10.898 10.701  -11.898 1.00 28.82  ? 35  GLU A CA   1 
ATOM   272  C C    . GLU A 1 35 ? -10.601 10.801  -13.379 1.00 29.11  ? 35  GLU A C    1 
ATOM   273  O O    . GLU A 1 35 ? -9.722  11.541  -13.795 1.00 27.70  ? 35  GLU A O    1 
ATOM   274  C CB   A GLU A 1 35 ? -11.641 11.958  -11.436 0.50 28.71  ? 35  GLU A CB   1 
ATOM   275  C CB   B GLU A 1 35 ? -11.613 11.963  -11.417 0.50 30.48  ? 35  GLU A CB   1 
ATOM   276  C CG   A GLU A 1 35 ? -13.128 11.735  -11.110 0.50 32.58  ? 35  GLU A CG   1 
ATOM   277  C CG   B GLU A 1 35 ? -12.356 11.781  -10.101 0.50 36.42  ? 35  GLU A CG   1 
ATOM   278  C CD   A GLU A 1 35 ? -13.980 11.313  -12.310 0.50 32.84  ? 35  GLU A CD   1 
ATOM   279  C CD   B GLU A 1 35 ? -12.379 13.045  -9.264  0.50 39.83  ? 35  GLU A CD   1 
ATOM   280  O OE1  A GLU A 1 35 ? -13.793 11.854  -13.429 0.50 36.31  ? 35  GLU A OE1  1 
ATOM   281  O OE1  B GLU A 1 35 ? -11.774 13.028  -8.173  0.50 42.23  ? 35  GLU A OE1  1 
ATOM   282  O OE2  A GLU A 1 35 ? -14.861 10.449  -12.121 0.50 30.73  ? 35  GLU A OE2  1 
ATOM   283  O OE2  B GLU A 1 35 ? -12.987 14.053  -9.694  0.50 43.22  ? 35  GLU A OE2  1 
ATOM   284  N N    . MET A 1 36 ? -11.315 10.010  -14.166 1.00 30.58  ? 36  MET A N    1 
ATOM   285  C CA   . MET A 1 36 ? -11.135 10.023  -15.612 1.00 32.72  ? 36  MET A CA   1 
ATOM   286  C C    . MET A 1 36 ? -12.367 9.398   -16.230 1.00 34.79  ? 36  MET A C    1 
ATOM   287  O O    . MET A 1 36 ? -13.179 8.784   -15.529 1.00 31.67  ? 36  MET A O    1 
ATOM   288  C CB   . MET A 1 36 ? -9.878  9.258   -16.018 1.00 32.69  ? 36  MET A CB   1 
ATOM   289  C CG   . MET A 1 36 ? -9.957  7.764   -15.833 1.00 34.93  ? 36  MET A CG   1 
ATOM   290  S SD   . MET A 1 36 ? -8.415  7.009   -16.363 1.00 36.50  ? 36  MET A SD   1 
ATOM   291  C CE   . MET A 1 36 ? -8.666  6.829   -18.151 1.00 39.44  ? 36  MET A CE   1 
ATOM   292  N N    . ASN A 1 37 ? -12.537 9.617   -17.531 1.00 37.99  ? 37  ASN A N    1 
ATOM   293  C CA   . ASN A 1 37 ? -13.688 9.067   -18.252 1.00 37.83  ? 37  ASN A CA   1 
ATOM   294  C C    . ASN A 1 37 ? -13.268 7.727   -18.756 1.00 35.04  ? 37  ASN A C    1 
ATOM   295  O O    . ASN A 1 37 ? -12.259 7.604   -19.443 1.00 33.17  ? 37  ASN A O    1 
ATOM   296  C CB   . ASN A 1 37 ? -14.070 9.938   -19.438 1.00 44.16  ? 37  ASN A CB   1 
ATOM   297  C CG   . ASN A 1 37 ? -14.801 11.199  -19.024 1.00 54.12  ? 37  ASN A CG   1 
ATOM   298  O OD1  . ASN A 1 37 ? -15.528 11.227  -18.011 1.00 53.25  ? 37  ASN A OD1  1 
ATOM   299  N ND2  . ASN A 1 37 ? -14.623 12.257  -19.811 1.00 59.70  ? 37  ASN A ND2  1 
ATOM   300  N N    . LEU A 1 38 ? -13.987 6.716   -18.312 1.00 29.81  ? 38  LEU A N    1 
ATOM   301  C CA   . LEU A 1 38 ? -13.707 5.363   -18.725 1.00 31.73  ? 38  LEU A CA   1 
ATOM   302  C C    . LEU A 1 38 ? -14.938 4.854   -19.395 1.00 33.48  ? 38  LEU A C    1 
ATOM   303  O O    . LEU A 1 38 ? -16.055 5.079   -18.931 1.00 31.86  ? 38  LEU A O    1 
ATOM   304  C CB   . LEU A 1 38 ? -13.391 4.469   -17.538 1.00 29.85  ? 38  LEU A CB   1 
ATOM   305  C CG   . LEU A 1 38 ? -11.921 4.359   -17.165 1.00 34.08  ? 38  LEU A CG   1 
ATOM   306  C CD1  . LEU A 1 38 ? -11.772 3.303   -16.075 1.00 29.72  ? 38  LEU A CD1  1 
ATOM   307  C CD2  . LEU A 1 38 ? -11.109 3.977   -18.404 1.00 27.51  ? 38  LEU A CD2  1 
ATOM   308  N N    . PRO A 1 39 ? -14.759 4.232   -20.553 1.00 37.59  ? 39  PRO A N    1 
ATOM   309  C CA   . PRO A 1 39 ? -15.935 3.711   -21.231 1.00 38.20  ? 39  PRO A CA   1 
ATOM   310  C C    . PRO A 1 39 ? -16.502 2.570   -20.395 1.00 42.59  ? 39  PRO A C    1 
ATOM   311  O O    . PRO A 1 39 ? -15.756 1.821   -19.749 1.00 41.54  ? 39  PRO A O    1 
ATOM   312  C CB   . PRO A 1 39 ? -15.370 3.244   -22.574 1.00 40.69  ? 39  PRO A CB   1 
ATOM   313  C CG   . PRO A 1 39 ? -13.913 2.965   -22.269 1.00 41.18  ? 39  PRO A CG   1 
ATOM   314  C CD   . PRO A 1 39 ? -13.547 4.098   -21.377 1.00 34.98  ? 39  PRO A CD   1 
ATOM   315  N N    . GLY A 1 40 ? -17.828 2.498   -20.350 1.00 44.02  ? 40  GLY A N    1 
ATOM   316  C CA   . GLY A 1 40 ? -18.494 1.451   -19.607 1.00 46.73  ? 40  GLY A CA   1 
ATOM   317  C C    . GLY A 1 40 ? -19.428 1.973   -18.538 1.00 48.11  ? 40  GLY A C    1 
ATOM   318  O O    . GLY A 1 40 ? -19.443 3.169   -18.231 1.00 48.66  ? 40  GLY A O    1 
ATOM   319  N N    . LYS A 1 41 ? -20.238 1.068   -17.998 1.00 47.13  ? 41  LYS A N    1 
ATOM   320  C CA   . LYS A 1 41 ? -21.190 1.404   -16.931 1.00 47.43  ? 41  LYS A CA   1 
ATOM   321  C C    . LYS A 1 41 ? -20.429 1.418   -15.604 1.00 45.83  ? 41  LYS A C    1 
ATOM   322  O O    . LYS A 1 41 ? -19.328 0.861   -15.498 1.00 47.52  ? 41  LYS A O    1 
ATOM   323  C CB   . LYS A 1 41 ? -22.301 0.367   -16.889 1.00 49.22  ? 41  LYS A CB   1 
ATOM   324  N N    . TRP A 1 42 ? -20.998 2.062   -14.598 1.00 39.11  ? 42  TRP A N    1 
ATOM   325  C CA   . TRP A 1 42 ? -20.334 2.113   -13.298 1.00 35.71  ? 42  TRP A CA   1 
ATOM   326  C C    . TRP A 1 42 ? -21.347 2.143   -12.164 1.00 34.75  ? 42  TRP A C    1 
ATOM   327  O O    . TRP A 1 42 ? -22.474 2.623   -12.328 1.00 37.27  ? 42  TRP A O    1 
ATOM   328  C CB   . TRP A 1 42 ? -19.356 3.299   -13.236 1.00 36.48  ? 42  TRP A CB   1 
ATOM   329  C CG   . TRP A 1 42 ? -19.981 4.667   -13.338 1.00 35.53  ? 42  TRP A CG   1 
ATOM   330  C CD1  . TRP A 1 42 ? -20.087 5.453   -14.464 1.00 32.79  ? 42  TRP A CD1  1 
ATOM   331  C CD2  . TRP A 1 42 ? -20.560 5.432   -12.266 1.00 36.25  ? 42  TRP A CD2  1 
ATOM   332  N NE1  . TRP A 1 42 ? -20.693 6.652   -14.149 1.00 28.19  ? 42  TRP A NE1  1 
ATOM   333  C CE2  . TRP A 1 42 ? -20.989 6.664   -12.807 1.00 34.68  ? 42  TRP A CE2  1 
ATOM   334  C CE3  . TRP A 1 42 ? -20.750 5.188   -10.892 1.00 35.09  ? 42  TRP A CE3  1 
ATOM   335  C CZ2  . TRP A 1 42 ? -21.607 7.660   -12.014 1.00 32.90  ? 42  TRP A CZ2  1 
ATOM   336  C CZ3  . TRP A 1 42 ? -21.366 6.191   -10.105 1.00 34.96  ? 42  TRP A CZ3  1 
ATOM   337  C CH2  . TRP A 1 42 ? -21.782 7.400   -10.669 1.00 28.29  ? 42  TRP A CH2  1 
ATOM   338  N N    . LYS A 1 43 ? -20.955 1.567   -11.036 1.00 29.62  ? 43  LYS A N    1 
ATOM   339  C CA   . LYS A 1 43 ? -21.804 1.494   -9.848  1.00 27.54  ? 43  LYS A CA   1 
ATOM   340  C C    . LYS A 1 43 ? -21.111 2.308   -8.775  1.00 25.41  ? 43  LYS A C    1 
ATOM   341  O O    . LYS A 1 43 ? -19.885 2.286   -8.677  1.00 22.90  ? 43  LYS A O    1 
ATOM   342  C CB   . LYS A 1 43 ? -21.952 0.032   -9.399  1.00 29.36  ? 43  LYS A CB   1 
ATOM   343  N N    . PRO A 1 44 ? -21.866 3.118   -8.026  1.00 22.62  ? 44  PRO A N    1 
ATOM   344  C CA   . PRO A 1 44 ? -21.215 3.911   -6.981  1.00 26.34  ? 44  PRO A CA   1 
ATOM   345  C C    . PRO A 1 44 ? -20.760 2.955   -5.875  1.00 26.76  ? 44  PRO A C    1 
ATOM   346  O O    . PRO A 1 44 ? -21.426 1.951   -5.605  1.00 27.23  ? 44  PRO A O    1 
ATOM   347  C CB   . PRO A 1 44 ? -22.336 4.844   -6.505  1.00 23.12  ? 44  PRO A CB   1 
ATOM   348  C CG   . PRO A 1 44 ? -23.251 4.939   -7.700  1.00 24.99  ? 44  PRO A CG   1 
ATOM   349  C CD   . PRO A 1 44 ? -23.276 3.510   -8.179  1.00 24.76  ? 44  PRO A CD   1 
ATOM   350  N N    . LYS A 1 45 ? -19.620 3.238   -5.255  1.00 24.89  ? 45  LYS A N    1 
ATOM   351  C CA   . LYS A 1 45 ? -19.132 2.364   -4.188  1.00 23.86  ? 45  LYS A CA   1 
ATOM   352  C C    . LYS A 1 45 ? -18.363 3.212   -3.180  1.00 22.43  ? 45  LYS A C    1 
ATOM   353  O O    . LYS A 1 45 ? -18.028 4.357   -3.464  1.00 21.24  ? 45  LYS A O    1 
ATOM   354  C CB   . LYS A 1 45 ? -18.211 1.297   -4.789  1.00 28.76  ? 45  LYS A CB   1 
ATOM   355  C CG   . LYS A 1 45 ? -17.942 0.134   -3.867  1.00 39.37  ? 45  LYS A CG   1 
ATOM   356  C CD   . LYS A 1 45 ? -16.708 -0.646  -4.306  1.00 50.11  ? 45  LYS A CD   1 
ATOM   357  C CE   . LYS A 1 45 ? -16.408 -1.852  -3.391  1.00 56.09  ? 45  LYS A CE   1 
ATOM   358  N NZ   . LYS A 1 45 ? -17.361 -2.974  -3.511  1.00 62.33  ? 45  LYS A NZ   1 
ATOM   359  N N    . MET A 1 46 ? -18.148 2.678   -1.984  1.00 19.83  ? 46  MET A N    1 
ATOM   360  C CA   . MET A 1 46 ? -17.378 3.388   -0.945  1.00 19.65  ? 46  MET A CA   1 
ATOM   361  C C    . MET A 1 46 ? -16.273 2.504   -0.413  1.00 19.38  ? 46  MET A C    1 
ATOM   362  O O    . MET A 1 46 ? -16.510 1.363   -0.044  1.00 22.25  ? 46  MET A O    1 
ATOM   363  C CB   . MET A 1 46 ? -18.253 3.822   0.222   1.00 21.78  ? 46  MET A CB   1 
ATOM   364  C CG   . MET A 1 46 ? -18.992 5.113   -0.012  1.00 30.68  ? 46  MET A CG   1 
ATOM   365  S SD   . MET A 1 46 ? -19.663 5.673   1.549   1.00 43.12  ? 46  MET A SD   1 
ATOM   366  C CE   . MET A 1 46 ? -18.179 6.147   2.375   1.00 40.43  ? 46  MET A CE   1 
ATOM   367  N N    . ILE A 1 47 ? -15.065 3.048   -0.347  1.00 16.36  ? 47  ILE A N    1 
ATOM   368  C CA   . ILE A 1 47 ? -13.900 2.301   0.138   1.00 17.92  ? 47  ILE A CA   1 
ATOM   369  C C    . ILE A 1 47 ? -13.195 3.167   1.160   1.00 13.41  ? 47  ILE A C    1 
ATOM   370  O O    . ILE A 1 47 ? -13.297 4.390   1.117   1.00 19.22  ? 47  ILE A O    1 
ATOM   371  C CB   . ILE A 1 47 ? -12.906 1.990   -1.029  1.00 21.29  ? 47  ILE A CB   1 
ATOM   372  C CG1  . ILE A 1 47 ? -12.382 3.295   -1.635  1.00 22.14  ? 47  ILE A CG1  1 
ATOM   373  C CG2  . ILE A 1 47 ? -13.597 1.200   -2.143  1.00 25.64  ? 47  ILE A CG2  1 
ATOM   374  C CD1  . ILE A 1 47 ? -11.394 3.078   -2.747  1.00 25.90  ? 47  ILE A CD1  1 
ATOM   375  N N    . GLY A 1 48 ? -12.461 2.549   2.065   1.00 15.25  ? 48  GLY A N    1 
ATOM   376  C CA   . GLY A 1 48 ? -11.745 3.331   3.052   1.00 23.21  ? 48  GLY A CA   1 
ATOM   377  C C    . GLY A 1 48 ? -10.292 2.927   3.154   1.00 21.77  ? 48  GLY A C    1 
ATOM   378  O O    . GLY A 1 48 ? -9.930  1.791   2.850   1.00 23.73  ? 48  GLY A O    1 
ATOM   379  N N    . GLY A 1 49 ? -9.450  3.880   3.512   1.00 24.09  ? 49  GLY A N    1 
ATOM   380  C CA   . GLY A 1 49 ? -8.041  3.593   3.669   1.00 25.48  ? 49  GLY A CA   1 
ATOM   381  C C    . GLY A 1 49 ? -7.680  4.286   4.961   1.00 24.28  ? 49  GLY A C    1 
ATOM   382  O O    . GLY A 1 49 ? -8.569  4.524   5.789   1.00 19.52  ? 49  GLY A O    1 
ATOM   383  N N    A ILE A 1 50 ? -6.401  4.648   5.121   0.50 20.61  ? 50  ILE A N    1 
ATOM   384  N N    B ILE A 1 50 ? -6.383  4.511   5.203   0.50 24.09  ? 50  ILE A N    1 
ATOM   385  C CA   A ILE A 1 50 ? -5.889  5.313   6.341   0.50 23.71  ? 50  ILE A CA   1 
ATOM   386  C CA   B ILE A 1 50 ? -6.040  5.263   6.414   0.50 28.11  ? 50  ILE A CA   1 
ATOM   387  C C    A ILE A 1 50 ? -6.667  6.494   6.921   0.50 20.05  ? 50  ILE A C    1 
ATOM   388  C C    B ILE A 1 50 ? -6.530  6.659   6.006   0.50 23.28  ? 50  ILE A C    1 
ATOM   389  O O    A ILE A 1 50 ? -7.008  6.510   8.115   0.50 16.66  ? 50  ILE A O    1 
ATOM   390  O O    B ILE A 1 50 ? -6.460  7.033   4.819   0.50 18.70  ? 50  ILE A O    1 
ATOM   391  C CB   A ILE A 1 50 ? -4.392  5.760   6.139   0.50 23.33  ? 50  ILE A CB   1 
ATOM   392  C CB   B ILE A 1 50 ? -4.509  5.240   6.734   0.50 31.45  ? 50  ILE A CB   1 
ATOM   393  C CG1  A ILE A 1 50 ? -3.503  4.534   6.116   0.50 24.84  ? 50  ILE A CG1  1 
ATOM   394  C CG1  B ILE A 1 50 ? -3.703  5.966   5.675   0.50 32.77  ? 50  ILE A CG1  1 
ATOM   395  C CG2  A ILE A 1 50 ? -3.921  6.704   7.265   0.50 22.70  ? 50  ILE A CG2  1 
ATOM   396  C CG2  B ILE A 1 50 ? -4.021  3.824   7.005   0.50 35.35  ? 50  ILE A CG2  1 
ATOM   397  C CD1  A ILE A 1 50 ? -3.295  3.937   7.468   0.50 31.08  ? 50  ILE A CD1  1 
ATOM   398  C CD1  B ILE A 1 50 ? -3.495  7.430   6.024   0.50 36.40  ? 50  ILE A CD1  1 
ATOM   399  N N    A GLY A 1 51 ? -6.901  7.494   6.076   0.50 20.75  ? 51  GLY A N    1 
ATOM   400  N N    B GLY A 1 51 ? -7.081  7.387   6.961   0.50 23.82  ? 51  GLY A N    1 
ATOM   401  C CA   A GLY A 1 51 ? -7.583  8.702   6.508   0.50 17.42  ? 51  GLY A CA   1 
ATOM   402  C CA   B GLY A 1 51 ? -7.599  8.700   6.652   0.50 19.29  ? 51  GLY A CA   1 
ATOM   403  C C    A GLY A 1 51 ? -9.087  8.702   6.378   0.50 18.96  ? 51  GLY A C    1 
ATOM   404  C C    B GLY A 1 51 ? -9.108  8.703   6.448   0.50 19.73  ? 51  GLY A C    1 
ATOM   405  O O    A GLY A 1 51 ? -9.726  9.742   6.577   0.50 23.80  ? 51  GLY A O    1 
ATOM   406  O O    B GLY A 1 51 ? -9.757  9.747   6.590   0.50 23.88  ? 51  GLY A O    1 
ATOM   407  N N    . GLY A 1 52 ? -9.679  7.572   6.021   1.00 16.32  ? 52  GLY A N    1 
ATOM   408  C CA   . GLY A 1 52 ? -11.119 7.530   5.888   1.00 19.25  ? 52  GLY A CA   1 
ATOM   409  C C    . GLY A 1 52 ? -11.692 6.942   4.630   1.00 17.48  ? 52  GLY A C    1 
ATOM   410  O O    . GLY A 1 52 ? -10.968 6.367   3.837   1.00 20.44  ? 52  GLY A O    1 
ATOM   411  N N    . PHE A 1 53 ? -13.019 7.046   4.503   1.00 19.72  ? 53  PHE A N    1 
ATOM   412  C CA   . PHE A 1 53 ? -13.793 6.548   3.357   1.00 17.74  ? 53  PHE A CA   1 
ATOM   413  C C    . PHE A 1 53 ? -14.011 7.609   2.311   1.00 19.90  ? 53  PHE A C    1 
ATOM   414  O O    . PHE A 1 53 ? -14.281 8.765   2.634   1.00 22.82  ? 53  PHE A O    1 
ATOM   415  C CB   . PHE A 1 53 ? -15.178 6.069   3.820   1.00 19.05  ? 53  PHE A CB   1 
ATOM   416  C CG   . PHE A 1 53 ? -15.142 4.776   4.553   1.00 22.18  ? 53  PHE A CG   1 
ATOM   417  C CD1  . PHE A 1 53 ? -14.665 4.725   5.865   1.00 24.38  ? 53  PHE A CD1  1 
ATOM   418  C CD2  . PHE A 1 53 ? -15.458 3.592   3.900   1.00 22.25  ? 53  PHE A CD2  1 
ATOM   419  C CE1  . PHE A 1 53 ? -14.500 3.509   6.511   1.00 21.51  ? 53  PHE A CE1  1 
ATOM   420  C CE2  . PHE A 1 53 ? -15.301 2.373   4.535   1.00 22.22  ? 53  PHE A CE2  1 
ATOM   421  C CZ   . PHE A 1 53 ? -14.813 2.329   5.843   1.00 20.17  ? 53  PHE A CZ   1 
ATOM   422  N N    . ILE A 1 54 ? -13.927 7.205   1.048   1.00 17.16  ? 54  ILE A N    1 
ATOM   423  C CA   . ILE A 1 54 ? -14.185 8.119   -0.066  1.00 14.66  ? 54  ILE A CA   1 
ATOM   424  C C    . ILE A 1 54 ? -15.255 7.427   -0.915  1.00 10.93  ? 54  ILE A C    1 
ATOM   425  O O    . ILE A 1 54 ? -15.482 6.233   -0.780  1.00 13.66  ? 54  ILE A O    1 
ATOM   426  C CB   . ILE A 1 54 ? -12.895 8.378   -0.951  1.00 18.05  ? 54  ILE A CB   1 
ATOM   427  C CG1  . ILE A 1 54 ? -12.220 7.066   -1.347  1.00 17.87  ? 54  ILE A CG1  1 
ATOM   428  C CG2  . ILE A 1 54 ? -11.887 9.217   -0.198  1.00 16.43  ? 54  ILE A CG2  1 
ATOM   429  C CD1  . ILE A 1 54 ? -11.308 7.184   -2.584  1.00 10.97  ? 54  ILE A CD1  1 
ATOM   430  N N    . LYS A 1 55 ? -15.880 8.178   -1.803  1.00 11.29  ? 55  LYS A N    1 
ATOM   431  C CA   . LYS A 1 55 ? -16.885 7.640   -2.724  1.00 16.36  ? 55  LYS A CA   1 
ATOM   432  C C    . LYS A 1 55 ? -16.151 7.415   -4.051  1.00 19.97  ? 55  LYS A C    1 
ATOM   433  O O    . LYS A 1 55 ? -15.352 8.260   -4.460  1.00 20.69  ? 55  LYS A O    1 
ATOM   434  C CB   . LYS A 1 55 ? -18.020 8.655   -2.908  1.00 23.06  ? 55  LYS A CB   1 
ATOM   435  C CG   . LYS A 1 55 ? -19.320 8.283   -2.168  1.00 36.53  ? 55  LYS A CG   1 
ATOM   436  C CD   . LYS A 1 55 ? -20.040 9.481   -1.489  1.00 45.01  ? 55  LYS A CD   1 
ATOM   437  C CE   . LYS A 1 55 ? -20.588 10.530  -2.467  1.00 48.01  ? 55  LYS A CE   1 
ATOM   438  N NZ   . LYS A 1 55 ? -21.640 10.018  -3.360  1.00 46.30  ? 55  LYS A NZ   1 
ATOM   439  N N    . VAL A 1 56 ? -16.387 6.272   -4.697  1.00 19.11  ? 56  VAL A N    1 
ATOM   440  C CA   . VAL A 1 56 ? -15.736 5.943   -5.977  1.00 18.68  ? 56  VAL A CA   1 
ATOM   441  C C    . VAL A 1 56 ? -16.749 5.407   -6.967  1.00 20.22  ? 56  VAL A C    1 
ATOM   442  O O    . VAL A 1 56 ? -17.865 5.057   -6.589  1.00 22.58  ? 56  VAL A O    1 
ATOM   443  C CB   . VAL A 1 56 ? -14.612 4.860   -5.812  1.00 10.21  ? 56  VAL A CB   1 
ATOM   444  C CG1  . VAL A 1 56 ? -13.471 5.413   -4.973  1.00 15.47  ? 56  VAL A CG1  1 
ATOM   445  C CG2  . VAL A 1 56 ? -15.170 3.554   -5.191  1.00 12.52  ? 56  VAL A CG2  1 
ATOM   446  N N    . ARG A 1 57 ? -16.377 5.389   -8.244  1.00 17.06  ? 57  ARG A N    1 
ATOM   447  C CA   . ARG A 1 57 ? -17.249 4.839   -9.283  1.00 19.00  ? 57  ARG A CA   1 
ATOM   448  C C    . ARG A 1 57 ? -16.585 3.522   -9.605  1.00 18.05  ? 57  ARG A C    1 
ATOM   449  O O    . ARG A 1 57 ? -15.378 3.472   -9.828  1.00 17.34  ? 57  ARG A O    1 
ATOM   450  C CB   A ARG A 1 57 ? -17.246 5.721   -10.530 0.50 17.70  ? 57  ARG A CB   1 
ATOM   451  C CB   B ARG A 1 57 ? -17.273 5.764   -10.501 0.50 19.22  ? 57  ARG A CB   1 
ATOM   452  C CG   A ARG A 1 57 ? -17.626 7.157   -10.265 0.50 25.72  ? 57  ARG A CG   1 
ATOM   453  C CG   B ARG A 1 57 ? -17.620 7.194   -10.120 0.50 28.15  ? 57  ARG A CG   1 
ATOM   454  C CD   A ARG A 1 57 ? -17.773 7.934   -11.560 0.50 29.20  ? 57  ARG A CD   1 
ATOM   455  C CD   B ARG A 1 57 ? -18.085 8.037   -11.292 0.50 32.88  ? 57  ARG A CD   1 
ATOM   456  N NE   A ARG A 1 57 ? -16.565 7.882   -12.399 0.50 35.32  ? 57  ARG A NE   1 
ATOM   457  N NE   B ARG A 1 57 ? -17.030 8.324   -12.275 0.50 40.07  ? 57  ARG A NE   1 
ATOM   458  C CZ   A ARG A 1 57 ? -16.489 8.384   -13.630 0.50 38.76  ? 57  ARG A CZ   1 
ATOM   459  C CZ   B ARG A 1 57 ? -17.107 9.292   -13.185 0.50 43.59  ? 57  ARG A CZ   1 
ATOM   460  N NH1  A ARG A 1 57 ? -17.547 8.976   -14.181 0.50 38.81  ? 57  ARG A NH1  1 
ATOM   461  N NH1  B ARG A 1 57 ? -18.179 10.075  -13.241 0.50 40.38  ? 57  ARG A NH1  1 
ATOM   462  N NH2  A ARG A 1 57 ? -15.358 8.290   -14.317 0.50 34.45  ? 57  ARG A NH2  1 
ATOM   463  N NH2  B ARG A 1 57 ? -16.125 9.457   -14.066 0.50 48.26  ? 57  ARG A NH2  1 
ATOM   464  N N    . GLN A 1 58 ? -17.345 2.444   -9.549  1.00 15.91  ? 58  GLN A N    1 
ATOM   465  C CA   . GLN A 1 58 ? -16.792 1.131   -9.836  1.00 15.93  ? 58  GLN A CA   1 
ATOM   466  C C    . GLN A 1 58 ? -17.010 0.690   -11.284 1.00 19.13  ? 58  GLN A C    1 
ATOM   467  O O    . GLN A 1 58 ? -18.158 0.642   -11.745 1.00 20.27  ? 58  GLN A O    1 
ATOM   468  C CB   . GLN A 1 58 ? -17.378 0.111   -8.872  1.00 13.68  ? 58  GLN A CB   1 
ATOM   469  C CG   . GLN A 1 58 ? -16.893 -1.286  -9.148  1.00 22.34  ? 58  GLN A CG   1 
ATOM   470  C CD   . GLN A 1 58 ? -17.409 -2.277  -8.149  1.00 28.23  ? 58  GLN A CD   1 
ATOM   471  O OE1  . GLN A 1 58 ? -17.492 -1.986  -6.967  1.00 35.02  ? 58  GLN A OE1  1 
ATOM   472  N NE2  . GLN A 1 58 ? -17.757 -3.466  -8.617  1.00 32.75  ? 58  GLN A NE2  1 
ATOM   473  N N    . TYR A 1 59 ? -15.910 0.469   -12.014 1.00 18.33  ? 59  TYR A N    1 
ATOM   474  C CA   . TYR A 1 59 ? -15.941 -0.028  -13.405 1.00 19.86  ? 59  TYR A CA   1 
ATOM   475  C C    . TYR A 1 59 ? -15.428 -1.466  -13.362 1.00 22.86  ? 59  TYR A C    1 
ATOM   476  O O    . TYR A 1 59 ? -14.335 -1.728  -12.864 1.00 19.54  ? 59  TYR A O    1 
ATOM   477  C CB   . TYR A 1 59 ? -15.022 0.778   -14.330 1.00 21.25  ? 59  TYR A CB   1 
ATOM   478  C CG   . TYR A 1 59 ? -15.498 2.176   -14.588 1.00 26.02  ? 59  TYR A CG   1 
ATOM   479  C CD1  . TYR A 1 59 ? -15.118 3.225   -13.756 1.00 26.70  ? 59  TYR A CD1  1 
ATOM   480  C CD2  . TYR A 1 59 ? -16.324 2.459   -15.670 1.00 25.68  ? 59  TYR A CD2  1 
ATOM   481  C CE1  . TYR A 1 59 ? -15.548 4.526   -13.993 1.00 25.52  ? 59  TYR A CE1  1 
ATOM   482  C CE2  . TYR A 1 59 ? -16.756 3.753   -15.916 1.00 28.41  ? 59  TYR A CE2  1 
ATOM   483  C CZ   . TYR A 1 59 ? -16.365 4.782   -15.074 1.00 25.87  ? 59  TYR A CZ   1 
ATOM   484  O OH   . TYR A 1 59 ? -16.786 6.075   -15.317 1.00 28.01  ? 59  TYR A OH   1 
ATOM   485  N N    . ASP A 1 60 ? -16.177 -2.380  -13.959 1.00 24.72  ? 60  ASP A N    1 
ATOM   486  C CA   . ASP A 1 60 ? -15.810 -3.793  -13.949 1.00 25.79  ? 60  ASP A CA   1 
ATOM   487  C C    . ASP A 1 60 ? -15.211 -4.259  -15.247 1.00 25.83  ? 60  ASP A C    1 
ATOM   488  O O    . ASP A 1 60 ? -15.444 -3.674  -16.290 1.00 19.50  ? 60  ASP A O    1 
ATOM   489  C CB   . ASP A 1 60 ? -17.036 -4.654  -13.652 1.00 29.55  ? 60  ASP A CB   1 
ATOM   490  C CG   . ASP A 1 60 ? -17.528 -4.500  -12.221 1.00 37.94  ? 60  ASP A CG   1 
ATOM   491  O OD1  . ASP A 1 60 ? -16.675 -4.387  -11.306 1.00 37.67  ? 60  ASP A OD1  1 
ATOM   492  O OD2  . ASP A 1 60 ? -18.765 -4.501  -12.011 1.00 36.85  ? 60  ASP A OD2  1 
ATOM   493  N N    . GLN A 1 61 ? -14.423 -5.324  -15.152 1.00 28.44  ? 61  GLN A N    1 
ATOM   494  C CA   . GLN A 1 61 ? -13.781 -5.973  -16.298 1.00 26.94  ? 61  GLN A CA   1 
ATOM   495  C C    . GLN A 1 61 ? -13.121 -4.998  -17.285 1.00 26.43  ? 61  GLN A C    1 
ATOM   496  O O    . GLN A 1 61 ? -13.317 -5.083  -18.505 1.00 25.63  ? 61  GLN A O    1 
ATOM   497  C CB   . GLN A 1 61 ? -14.819 -6.856  -16.994 1.00 33.91  ? 61  GLN A CB   1 
ATOM   498  C CG   . GLN A 1 61 ? -14.291 -8.079  -17.739 1.00 42.00  ? 61  GLN A CG   1 
ATOM   499  C CD   . GLN A 1 61 ? -15.435 -8.966  -18.238 1.00 46.26  ? 61  GLN A CD   1 
ATOM   500  O OE1  . GLN A 1 61 ? -16.336 -9.317  -17.469 1.00 49.04  ? 61  GLN A OE1  1 
ATOM   501  N NE2  . GLN A 1 61 ? -15.416 -9.311  -19.522 1.00 43.99  ? 61  GLN A NE2  1 
ATOM   502  N N    . ILE A 1 62 ? -12.335 -4.079  -16.734 1.00 23.55  ? 62  ILE A N    1 
ATOM   503  C CA   . ILE A 1 62 ? -11.591 -3.076  -17.498 1.00 18.18  ? 62  ILE A CA   1 
ATOM   504  C C    . ILE A 1 62 ? -10.190 -3.611  -17.772 1.00 20.21  ? 62  ILE A C    1 
ATOM   505  O O    . ILE A 1 62 ? -9.526  -4.125  -16.865 1.00 15.78  ? 62  ILE A O    1 
ATOM   506  C CB   . ILE A 1 62 ? -11.443 -1.757  -16.679 1.00 14.61  ? 62  ILE A CB   1 
ATOM   507  C CG1  . ILE A 1 62 ? -12.814 -1.092  -16.446 1.00 16.56  ? 62  ILE A CG1  1 
ATOM   508  C CG2  . ILE A 1 62 ? -10.412 -0.837  -17.307 1.00 15.15  ? 62  ILE A CG2  1 
ATOM   509  C CD1  . ILE A 1 62 ? -13.596 -0.752  -17.715 1.00 15.83  ? 62  ILE A CD1  1 
ATOM   510  N N    . PRO A 1 63 ? -9.778  -3.613  -19.050 1.00 18.67  ? 63  PRO A N    1 
ATOM   511  C CA   . PRO A 1 63 ? -8.446  -4.082  -19.442 1.00 17.69  ? 63  PRO A CA   1 
ATOM   512  C C    . PRO A 1 63 ? -7.422  -3.041  -18.991 1.00 16.99  ? 63  PRO A C    1 
ATOM   513  O O    . PRO A 1 63 ? -7.641  -1.837  -19.156 1.00 17.65  ? 63  PRO A O    1 
ATOM   514  C CB   . PRO A 1 63 ? -8.550  -4.129  -20.973 1.00 18.50  ? 63  PRO A CB   1 
ATOM   515  C CG   . PRO A 1 63 ? -9.996  -4.479  -21.199 1.00 21.24  ? 63  PRO A CG   1 
ATOM   516  C CD   . PRO A 1 63 ? -10.670 -3.541  -20.220 1.00 20.62  ? 63  PRO A CD   1 
ATOM   517  N N    . VAL A 1 64 ? -6.330  -3.485  -18.388 1.00 16.40  ? 64  VAL A N    1 
ATOM   518  C CA   . VAL A 1 64 ? -5.300  -2.561  -17.919 1.00 17.78  ? 64  VAL A CA   1 
ATOM   519  C C    . VAL A 1 64 ? -3.972  -3.236  -18.214 1.00 19.31  ? 64  VAL A C    1 
ATOM   520  O O    . VAL A 1 64 ? -3.773  -4.386  -17.859 1.00 16.97  ? 64  VAL A O    1 
ATOM   521  C CB   . VAL A 1 64 ? -5.386  -2.279  -16.374 1.00 23.61  ? 64  VAL A CB   1 
ATOM   522  C CG1  . VAL A 1 64 ? -4.422  -1.171  -15.981 1.00 23.47  ? 64  VAL A CG1  1 
ATOM   523  C CG2  . VAL A 1 64 ? -6.793  -1.866  -15.951 1.00 18.49  ? 64  VAL A CG2  1 
ATOM   524  N N    . GLU A 1 65 ? -3.078  -2.540  -18.905 1.00 20.67  ? 65  GLU A N    1 
ATOM   525  C CA   . GLU A 1 65 ? -1.765  -3.112  -19.201 1.00 16.92  ? 65  GLU A CA   1 
ATOM   526  C C    . GLU A 1 65 ? -0.776  -2.465  -18.245 1.00 19.29  ? 65  GLU A C    1 
ATOM   527  O O    . GLU A 1 65 ? -0.667  -1.244  -18.182 1.00 22.58  ? 65  GLU A O    1 
ATOM   528  C CB   . GLU A 1 65 ? -1.391  -2.832  -20.639 1.00 20.59  ? 65  GLU A CB   1 
ATOM   529  C CG   . GLU A 1 65 ? -0.169  -3.554  -21.082 1.00 35.57  ? 65  GLU A CG   1 
ATOM   530  C CD   . GLU A 1 65 ? 0.275   -3.084  -22.457 1.00 38.87  ? 65  GLU A CD   1 
ATOM   531  O OE1  . GLU A 1 65 ? -0.280  -3.584  -23.454 1.00 40.99  ? 65  GLU A OE1  1 
ATOM   532  O OE2  . GLU A 1 65 ? 1.147   -2.191  -22.533 1.00 44.80  ? 65  GLU A OE2  1 
ATOM   533  N N    . ILE A 1 66 ? -0.123  -3.300  -17.450 1.00 18.13  ? 66  ILE A N    1 
ATOM   534  C CA   . ILE A 1 66 ? 0.844   -2.894  -16.427 1.00 15.21  ? 66  ILE A CA   1 
ATOM   535  C C    . ILE A 1 66 ? 2.233   -3.352  -16.852 1.00 19.22  ? 66  ILE A C    1 
ATOM   536  O O    . ILE A 1 66 ? 2.524   -4.538  -16.858 1.00 18.33  ? 66  ILE A O    1 
ATOM   537  C CB   . ILE A 1 66 ? 0.484   -3.577  -15.070 1.00 18.73  ? 66  ILE A CB   1 
ATOM   538  C CG1  . ILE A 1 66 ? -0.962  -3.249  -14.692 1.00 17.61  ? 66  ILE A CG1  1 
ATOM   539  C CG2  . ILE A 1 66 ? 1.426   -3.122  -13.959 1.00 14.81  ? 66  ILE A CG2  1 
ATOM   540  C CD1  . ILE A 1 66 ? -1.534  -4.141  -13.584 1.00 14.56  ? 66  ILE A CD1  1 
HETATM 541  N N    . ABA A 1 67 ? 3.076   -2.406  -17.257 1.00 24.61  ? 67  ABA A N    1 
HETATM 542  C CA   . ABA A 1 67 ? 4.452   -2.726  -17.690 1.00 24.79  ? 67  ABA A CA   1 
HETATM 543  C C    . ABA A 1 67 ? 4.423   -3.798  -18.794 1.00 23.39  ? 67  ABA A C    1 
HETATM 544  O O    . ABA A 1 67 ? 5.194   -4.765  -18.777 1.00 25.43  ? 67  ABA A O    1 
HETATM 545  C CB   . ABA A 1 67 ? 5.292   -3.206  -16.496 1.00 26.89  ? 67  ABA A CB   1 
HETATM 546  C CG   . ABA A 1 67 ? 5.630   -2.136  -15.522 1.00 22.33  ? 67  ABA A CG   1 
ATOM   547  N N    . GLY A 1 68 ? 3.483   -3.654  -19.716 1.00 22.56  ? 68  GLY A N    1 
ATOM   548  C CA   . GLY A 1 68 ? 3.381   -4.611  -20.795 1.00 25.43  ? 68  GLY A CA   1 
ATOM   549  C C    . GLY A 1 68 ? 2.604   -5.869  -20.468 1.00 25.17  ? 68  GLY A C    1 
ATOM   550  O O    . GLY A 1 68 ? 2.367   -6.665  -21.360 1.00 32.27  ? 68  GLY A O    1 
ATOM   551  N N    . HIS A 1 69 ? 2.204   -6.065  -19.220 1.00 22.61  ? 69  HIS A N    1 
ATOM   552  C CA   . HIS A 1 69 ? 1.448   -7.270  -18.845 1.00 18.59  ? 69  HIS A CA   1 
ATOM   553  C C    . HIS A 1 69 ? -0.016  -6.941  -18.783 1.00 19.29  ? 69  HIS A C    1 
ATOM   554  O O    . HIS A 1 69 ? -0.396  -5.923  -18.229 1.00 24.18  ? 69  HIS A O    1 
ATOM   555  C CB   . HIS A 1 69 ? 1.902   -7.790  -17.489 1.00 19.51  ? 69  HIS A CB   1 
ATOM   556  C CG   . HIS A 1 69 ? 3.341   -8.186  -17.455 1.00 25.30  ? 69  HIS A CG   1 
ATOM   557  N ND1  . HIS A 1 69 ? 3.753   -9.491  -17.293 1.00 25.50  ? 69  HIS A ND1  1 
ATOM   558  C CD2  . HIS A 1 69 ? 4.472   -7.445  -17.568 1.00 25.83  ? 69  HIS A CD2  1 
ATOM   559  C CE1  . HIS A 1 69 ? 5.072   -9.539  -17.308 1.00 24.14  ? 69  HIS A CE1  1 
ATOM   560  N NE2  . HIS A 1 69 ? 5.530   -8.312  -17.475 1.00 23.29  ? 69  HIS A NE2  1 
ATOM   561  N N    . LYS A 1 70 ? -0.843  -7.788  -19.365 1.00 18.94  ? 70  LYS A N    1 
ATOM   562  C CA   . LYS A 1 70 ? -2.284  -7.528  -19.365 1.00 24.28  ? 70  LYS A CA   1 
ATOM   563  C C    . LYS A 1 70 ? -3.051  -8.092  -18.159 1.00 21.57  ? 70  LYS A C    1 
ATOM   564  O O    . LYS A 1 70 ? -2.728  -9.148  -17.618 1.00 22.89  ? 70  LYS A O    1 
ATOM   565  C CB   . LYS A 1 70 ? -2.918  -7.997  -20.694 1.00 30.39  ? 70  LYS A CB   1 
ATOM   566  C CG   . LYS A 1 70 ? -4.454  -7.671  -20.877 1.00 40.34  ? 70  LYS A CG   1 
ATOM   567  C CD   . LYS A 1 70 ? -4.848  -6.161  -20.788 1.00 37.33  ? 70  LYS A CD   1 
ATOM   568  C CE   . LYS A 1 70 ? -4.401  -5.334  -22.017 1.00 44.25  ? 70  LYS A CE   1 
ATOM   569  N NZ   . LYS A 1 70 ? -4.830  -3.920  -21.992 1.00 39.39  ? 70  LYS A NZ   1 
ATOM   570  N N    . ALA A 1 71 ? -4.040  -7.329  -17.724 1.00 16.71  ? 71  ALA A N    1 
ATOM   571  C CA   . ALA A 1 71 ? -4.928  -7.707  -16.631 1.00 15.26  ? 71  ALA A CA   1 
ATOM   572  C C    . ALA A 1 71 ? -6.267  -7.171  -17.110 1.00 14.88  ? 71  ALA A C    1 
ATOM   573  O O    . ALA A 1 71 ? -6.300  -6.295  -17.950 1.00 20.40  ? 71  ALA A O    1 
ATOM   574  C CB   . ALA A 1 71 ? -4.516  -7.006  -15.342 1.00 14.76  ? 71  ALA A CB   1 
ATOM   575  N N    . ILE A 1 72 ? -7.360  -7.775  -16.681 1.00 15.43  ? 72  ILE A N    1 
ATOM   576  C CA   . ILE A 1 72 ? -8.705  -7.299  -17.051 1.00 18.51  ? 72  ILE A CA   1 
ATOM   577  C C    . ILE A 1 72 ? -9.473  -7.442  -15.742 1.00 19.17  ? 72  ILE A C    1 
ATOM   578  O O    . ILE A 1 72 ? -9.717  -8.563  -15.272 1.00 24.01  ? 72  ILE A O    1 
ATOM   579  C CB   . ILE A 1 72 ? -9.376  -8.170  -18.142 1.00 15.48  ? 72  ILE A CB   1 
ATOM   580  C CG1  . ILE A 1 72 ? -8.528  -8.188  -19.416 1.00 12.87  ? 72  ILE A CG1  1 
ATOM   581  C CG2  . ILE A 1 72 ? -10.783 -7.615  -18.475 1.00 20.08  ? 72  ILE A CG2  1 
ATOM   582  C CD1  . ILE A 1 72 ? -9.101  -9.056  -20.503 1.00 14.26  ? 72  ILE A CD1  1 
ATOM   583  N N    . GLY A 1 73 ? -9.789  -6.331  -15.096 1.00 13.61  ? 73  GLY A N    1 
ATOM   584  C CA   . GLY A 1 73 ? -10.482 -6.472  -13.838 1.00 13.71  ? 73  GLY A CA   1 
ATOM   585  C C    . GLY A 1 73 ? -11.178 -5.222  -13.398 1.00 9.85   ? 73  GLY A C    1 
ATOM   586  O O    . GLY A 1 73 ? -11.351 -4.300  -14.170 1.00 14.61  ? 73  GLY A O    1 
ATOM   587  N N    . THR A 1 74 ? -11.606 -5.218  -12.153 1.00 9.31   ? 74  THR A N    1 
ATOM   588  C CA   . THR A 1 74 ? -12.297 -4.060  -11.563 1.00 13.47  ? 74  THR A CA   1 
ATOM   589  C C    . THR A 1 74 ? -11.375 -2.892  -11.223 1.00 14.69  ? 74  THR A C    1 
ATOM   590  O O    . THR A 1 74 ? -10.308 -3.087  -10.618 1.00 17.73  ? 74  THR A O    1 
ATOM   591  C CB   . THR A 1 74 ? -13.009 -4.469  -10.269 1.00 11.35  ? 74  THR A CB   1 
ATOM   592  O OG1  . THR A 1 74 ? -13.953 -5.482  -10.576 1.00 17.43  ? 74  THR A OG1  1 
ATOM   593  C CG2  . THR A 1 74 ? -13.760 -3.285  -9.645  1.00 13.42  ? 74  THR A CG2  1 
ATOM   594  N N    . VAL A 1 75 ? -11.744 -1.691  -11.660 1.00 14.94  ? 75  VAL A N    1 
ATOM   595  C CA   . VAL A 1 75 ? -10.965 -0.515  -11.299 1.00 16.84  ? 75  VAL A CA   1 
ATOM   596  C C    . VAL A 1 75 ? -11.953 0.513   -10.699 1.00 18.12  ? 75  VAL A C    1 
ATOM   597  O O    . VAL A 1 75 ? -13.112 0.607   -11.127 1.00 21.16  ? 75  VAL A O    1 
ATOM   598  C CB   . VAL A 1 75 ? -10.091 0.059   -12.487 1.00 12.61  ? 75  VAL A CB   1 
ATOM   599  C CG1  . VAL A 1 75 ? -9.609  -1.045  -13.372 1.00 11.81  ? 75  VAL A CG1  1 
ATOM   600  C CG2  . VAL A 1 75 ? -10.802 1.104   -13.252 1.00 20.45  ? 75  VAL A CG2  1 
ATOM   601  N N    . LEU A 1 76 ? -11.549 1.117   -9.588  1.00 17.85  ? 76  LEU A N    1 
ATOM   602  C CA   . LEU A 1 76 ? -12.348 2.144   -8.896  1.00 14.21  ? 76  LEU A CA   1 
ATOM   603  C C    . LEU A 1 76 ? -11.773 3.518   -9.263  1.00 13.63  ? 76  LEU A C    1 
ATOM   604  O O    . LEU A 1 76 ? -10.569 3.714   -9.209  1.00 19.70  ? 76  LEU A O    1 
ATOM   605  C CB   . LEU A 1 76 ? -12.250 1.927   -7.385  1.00 9.95   ? 76  LEU A CB   1 
ATOM   606  C CG   . LEU A 1 76 ? -12.489 0.494   -6.913  1.00 10.71  ? 76  LEU A CG   1 
ATOM   607  C CD1  . LEU A 1 76 ? -12.418 0.456   -5.404  1.00 13.07  ? 76  LEU A CD1  1 
ATOM   608  C CD2  . LEU A 1 76 ? -13.851 0.002   -7.394  1.00 12.99  ? 76  LEU A CD2  1 
ATOM   609  N N    . VAL A 1 77 ? -12.622 4.453   -9.673  1.00 13.29  ? 77  VAL A N    1 
ATOM   610  C CA   . VAL A 1 77 ? -12.176 5.803   -10.049 1.00 14.90  ? 77  VAL A CA   1 
ATOM   611  C C    . VAL A 1 77 ? -12.703 6.782   -9.019  1.00 16.97  ? 77  VAL A C    1 
ATOM   612  O O    . VAL A 1 77 ? -13.899 6.812   -8.737  1.00 16.15  ? 77  VAL A O    1 
ATOM   613  C CB   . VAL A 1 77 ? -12.717 6.211   -11.448 1.00 18.95  ? 77  VAL A CB   1 
ATOM   614  C CG1  . VAL A 1 77 ? -12.140 7.548   -11.869 1.00 15.84  ? 77  VAL A CG1  1 
ATOM   615  C CG2  . VAL A 1 77 ? -12.371 5.139   -12.465 1.00 15.54  ? 77  VAL A CG2  1 
ATOM   616  N N    . GLY A 1 78 ? -11.815 7.586   -8.458  1.00 18.33  ? 78  GLY A N    1 
ATOM   617  C CA   . GLY A 1 78 ? -12.241 8.533   -7.458  1.00 19.65  ? 78  GLY A CA   1 
ATOM   618  C C    . GLY A 1 78 ? -11.125 9.467   -7.082  1.00 22.51  ? 78  GLY A C    1 
ATOM   619  O O    . GLY A 1 78 ? -10.062 9.447   -7.704  1.00 18.07  ? 78  GLY A O    1 
ATOM   620  N N    . PRO A 1 79 ? -11.344 10.316  -6.070  1.00 22.93  ? 79  PRO A N    1 
ATOM   621  C CA   . PRO A 1 79 ? -10.320 11.265  -5.633  1.00 26.05  ? 79  PRO A CA   1 
ATOM   622  C C    . PRO A 1 79 ? -9.138  10.609  -4.892  1.00 24.94  ? 79  PRO A C    1 
ATOM   623  O O    . PRO A 1 79 ? -9.228  10.235  -3.726  1.00 28.73  ? 79  PRO A O    1 
ATOM   624  C CB   . PRO A 1 79 ? -11.122 12.264  -4.778  1.00 23.85  ? 79  PRO A CB   1 
ATOM   625  C CG   . PRO A 1 79 ? -12.259 11.454  -4.252  1.00 22.45  ? 79  PRO A CG   1 
ATOM   626  C CD   . PRO A 1 79 ? -12.633 10.556  -5.390  1.00 22.83  ? 79  PRO A CD   1 
ATOM   627  N N    . THR A 1 80 ? -8.015  10.475  -5.583  1.00 28.88  ? 80  THR A N    1 
ATOM   628  C CA   . THR A 1 80 ? -6.843  9.849   -4.980  1.00 18.70  ? 80  THR A CA   1 
ATOM   629  C C    . THR A 1 80 ? -5.581  10.614  -5.300  1.00 23.36  ? 80  THR A C    1 
ATOM   630  O O    . THR A 1 80 ? -5.446  11.227  -6.365  1.00 21.94  ? 80  THR A O    1 
ATOM   631  C CB   . THR A 1 80 ? -6.703  8.326   -5.376  1.00 21.26  ? 80  THR A CB   1 
ATOM   632  O OG1  . THR A 1 80 ? -5.502  7.797   -4.812  1.00 22.75  ? 80  THR A OG1  1 
ATOM   633  C CG2  . THR A 1 80 ? -6.686  8.118   -6.910  1.00 16.39  ? 80  THR A CG2  1 
ATOM   634  N N    . PRO A 1 81 ? -4.649  10.631  -4.345  1.00 28.02  ? 81  PRO A N    1 
ATOM   635  C CA   . PRO A 1 81 ? -3.365  11.315  -4.479  1.00 25.53  ? 81  PRO A CA   1 
ATOM   636  C C    . PRO A 1 81 ? -2.566  10.720  -5.615  1.00 26.56  ? 81  PRO A C    1 
ATOM   637  O O    . PRO A 1 81 ? -1.844  11.429  -6.300  1.00 32.79  ? 81  PRO A O    1 
ATOM   638  C CB   . PRO A 1 81 ? -2.676  11.000  -3.156  1.00 27.48  ? 81  PRO A CB   1 
ATOM   639  C CG   . PRO A 1 81 ? -3.817  10.835  -2.212  1.00 31.52  ? 81  PRO A CG   1 
ATOM   640  C CD   . PRO A 1 81 ? -4.813  10.065  -2.993  1.00 28.15  ? 81  PRO A CD   1 
ATOM   641  N N    . VAL A 1 82 ? -2.725  9.417   -5.826  1.00 24.36  ? 82  VAL A N    1 
ATOM   642  C CA   . VAL A 1 82 ? -1.944  8.690   -6.844  1.00 25.78  ? 82  VAL A CA   1 
ATOM   643  C C    . VAL A 1 82 ? -2.732  7.473   -7.375  1.00 22.37  ? 82  VAL A C    1 
ATOM   644  O O    . VAL A 1 82 ? -3.657  6.990   -6.711  1.00 20.64  ? 82  VAL A O    1 
ATOM   645  C CB   . VAL A 1 82 ? -0.588  8.225   -6.183  1.00 26.15  ? 82  VAL A CB   1 
ATOM   646  C CG1  . VAL A 1 82 ? -0.868  7.304   -5.010  1.00 26.09  ? 82  VAL A CG1  1 
ATOM   647  C CG2  . VAL A 1 82 ? 0.334   7.545   -7.179  1.00 35.21  ? 82  VAL A CG2  1 
ATOM   648  N N    . ASN A 1 83 ? -2.401  7.027   -8.589  1.00 17.75  ? 83  ASN A N    1 
ATOM   649  C CA   . ASN A 1 83 ? -3.040  5.847   -9.200  1.00 14.24  ? 83  ASN A CA   1 
ATOM   650  C C    . ASN A 1 83 ? -2.444  4.655   -8.467  1.00 14.54  ? 83  ASN A C    1 
ATOM   651  O O    . ASN A 1 83 ? -1.229  4.539   -8.314  1.00 15.64  ? 83  ASN A O    1 
ATOM   652  C CB   . ASN A 1 83 ? -2.759  5.795   -10.707 1.00 14.31  ? 83  ASN A CB   1 
ATOM   653  C CG   . ASN A 1 83 ? -3.372  6.965   -11.431 1.00 20.27  ? 83  ASN A CG   1 
ATOM   654  O OD1  . ASN A 1 83 ? -4.538  7.285   -11.199 1.00 23.62  ? 83  ASN A OD1  1 
ATOM   655  N ND2  . ASN A 1 83 ? -2.592  7.651   -12.255 1.00 15.55  ? 83  ASN A ND2  1 
ATOM   656  N N    . ILE A 1 84 ? -3.315  3.811   -7.943  1.00 13.32  ? 84  ILE A N    1 
ATOM   657  C CA   . ILE A 1 84 ? -2.922  2.655   -7.149  1.00 11.53  ? 84  ILE A CA   1 
ATOM   658  C C    . ILE A 1 84 ? -3.333  1.346   -7.789  1.00 13.96  ? 84  ILE A C    1 
ATOM   659  O O    . ILE A 1 84 ? -4.516  1.117   -8.051  1.00 16.31  ? 84  ILE A O    1 
ATOM   660  C CB   . ILE A 1 84 ? -3.606  2.725   -5.764  1.00 12.67  ? 84  ILE A CB   1 
ATOM   661  C CG1  . ILE A 1 84 ? -3.048  3.915   -4.985  1.00 15.35  ? 84  ILE A CG1  1 
ATOM   662  C CG2  . ILE A 1 84 ? -3.475  1.398   -5.008  1.00 14.34  ? 84  ILE A CG2  1 
ATOM   663  C CD1  . ILE A 1 84 ? -4.037  4.537   -4.021  1.00 15.97  ? 84  ILE A CD1  1 
ATOM   664  N N    . ILE A 1 85 ? -2.352  0.498   -8.069  1.00 15.96  ? 85  ILE A N    1 
ATOM   665  C CA   . ILE A 1 85 ? -2.638  -0.829  -8.619  1.00 11.17  ? 85  ILE A CA   1 
ATOM   666  C C    . ILE A 1 85 ? -2.649  -1.758  -7.402  1.00 12.01  ? 85  ILE A C    1 
ATOM   667  O O    . ILE A 1 85 ? -1.607  -1.979  -6.774  1.00 15.12  ? 85  ILE A O    1 
ATOM   668  C CB   . ILE A 1 85 ? -1.572  -1.289  -9.625  1.00 15.45  ? 85  ILE A CB   1 
ATOM   669  C CG1  . ILE A 1 85 ? -1.472  -0.291  -10.778 1.00 10.44  ? 85  ILE A CG1  1 
ATOM   670  C CG2  . ILE A 1 85 ? -1.970  -2.680  -10.164 1.00 16.36  ? 85  ILE A CG2  1 
ATOM   671  C CD1  . ILE A 1 85 ? -2.784  -0.143  -11.578 1.00 15.83  ? 85  ILE A CD1  1 
ATOM   672  N N    . GLY A 1 86 ? -3.827  -2.286  -7.070  1.00 10.70  ? 86  GLY A N    1 
ATOM   673  C CA   . GLY A 1 86 ? -3.966  -3.147  -5.914  1.00 10.19  ? 86  GLY A CA   1 
ATOM   674  C C    . GLY A 1 86 ? -3.831  -4.619  -6.211  1.00 10.24  ? 86  GLY A C    1 
ATOM   675  O O    . GLY A 1 86 ? -3.604  -5.002  -7.364  1.00 11.03  ? 86  GLY A O    1 
ATOM   676  N N    . ARG A 1 87 ? -4.038  -5.434  -5.174  1.00 10.93  ? 87  ARG A N    1 
ATOM   677  C CA   . ARG A 1 87 ? -3.909  -6.903  -5.250  1.00 10.50  ? 87  ARG A CA   1 
ATOM   678  C C    . ARG A 1 87 ? -4.763  -7.610  -6.305  1.00 13.74  ? 87  ARG A C    1 
ATOM   679  O O    . ARG A 1 87 ? -4.331  -8.594  -6.907  1.00 14.15  ? 87  ARG A O    1 
ATOM   680  C CB   . ARG A 1 87 ? -4.089  -7.546  -3.865  1.00 10.64  ? 87  ARG A CB   1 
ATOM   681  C CG   . ARG A 1 87 ? -2.903  -7.323  -2.922  1.00 9.31   ? 87  ARG A CG   1 
ATOM   682  C CD   . ARG A 1 87 ? -3.032  -8.161  -1.648  1.00 14.53  ? 87  ARG A CD   1 
ATOM   683  N NE   . ARG A 1 87 ? -4.315  -7.907  -0.954  1.00 15.26  ? 87  ARG A NE   1 
ATOM   684  C CZ   . ARG A 1 87 ? -5.381  -8.706  -0.996  1.00 14.99  ? 87  ARG A CZ   1 
ATOM   685  N NH1  . ARG A 1 87 ? -5.379  -9.846  -1.687  1.00 8.94   ? 87  ARG A NH1  1 
ATOM   686  N NH2  . ARG A 1 87 ? -6.481  -8.328  -0.372  1.00 15.11  ? 87  ARG A NH2  1 
ATOM   687  N N    . ASN A 1 88 ? -5.942  -7.077  -6.583  1.00 10.71  ? 88  ASN A N    1 
ATOM   688  C CA   . ASN A 1 88 ? -6.822  -7.692  -7.575  1.00 13.15  ? 88  ASN A CA   1 
ATOM   689  C C    . ASN A 1 88 ? -6.149  -7.768  -8.966  1.00 11.96  ? 88  ASN A C    1 
ATOM   690  O O    . ASN A 1 88 ? -6.407  -8.697  -9.737  1.00 13.68  ? 88  ASN A O    1 
ATOM   691  C CB   . ASN A 1 88 ? -8.181  -6.935  -7.624  1.00 11.80  ? 88  ASN A CB   1 
ATOM   692  C CG   . ASN A 1 88 ? -8.073  -5.550  -8.231  1.00 8.64   ? 88  ASN A CG   1 
ATOM   693  O OD1  . ASN A 1 88 ? -7.245  -4.732  -7.831  1.00 12.75  ? 88  ASN A OD1  1 
ATOM   694  N ND2  . ASN A 1 88 ? -8.911  -5.289  -9.224  1.00 10.84  ? 88  ASN A ND2  1 
ATOM   695  N N    . LEU A 1 89 ? -5.320  -6.777  -9.298  1.00 8.92   ? 89  LEU A N    1 
ATOM   696  C CA   . LEU A 1 89 ? -4.622  -6.789  -10.606 1.00 5.03   ? 89  LEU A CA   1 
ATOM   697  C C    . LEU A 1 89 ? -3.196  -7.327  -10.507 1.00 6.91   ? 89  LEU A C    1 
ATOM   698  O O    . LEU A 1 89 ? -2.677  -7.925  -11.462 1.00 10.08  ? 89  LEU A O    1 
ATOM   699  C CB   . LEU A 1 89 ? -4.623  -5.418  -11.267 1.00 7.73   ? 89  LEU A CB   1 
ATOM   700  C CG   . LEU A 1 89 ? -5.981  -4.814  -11.603 1.00 9.22   ? 89  LEU A CG   1 
ATOM   701  C CD1  . LEU A 1 89 ? -5.746  -3.543  -12.402 1.00 15.15  ? 89  LEU A CD1  1 
ATOM   702  C CD2  . LEU A 1 89 ? -6.867  -5.822  -12.359 1.00 13.24  ? 89  LEU A CD2  1 
ATOM   703  N N    . LEU A 1 90 ? -2.563  -7.137  -9.356  1.00 7.23   ? 90  LEU A N    1 
ATOM   704  C CA   . LEU A 1 90 ? -1.209  -7.644  -9.142  1.00 8.41   ? 90  LEU A CA   1 
ATOM   705  C C    . LEU A 1 90 ? -1.208  -9.172  -9.219  1.00 12.40  ? 90  LEU A C    1 
ATOM   706  O O    . LEU A 1 90 ? -0.248  -9.765  -9.720  1.00 12.47  ? 90  LEU A O    1 
ATOM   707  C CB   . LEU A 1 90 ? -0.655  -7.156  -7.799  1.00 10.02  ? 90  LEU A CB   1 
ATOM   708  C CG   . LEU A 1 90 ? -0.400  -5.645  -7.624  1.00 13.36  ? 90  LEU A CG   1 
ATOM   709  C CD1  . LEU A 1 90 ? -0.036  -5.363  -6.193  1.00 9.51   ? 90  LEU A CD1  1 
ATOM   710  C CD2  . LEU A 1 90 ? 0.698   -5.144  -8.526  1.00 8.45   ? 90  LEU A CD2  1 
ATOM   711  N N    . THR A 1 91 ? -2.276  -9.822  -8.751  1.00 9.89   ? 91  THR A N    1 
ATOM   712  C CA   . THR A 1 91 ? -2.325  -11.283 -8.820  1.00 5.96   ? 91  THR A CA   1 
ATOM   713  C C    . THR A 1 91 ? -2.469  -11.731 -10.246 1.00 9.87   ? 91  THR A C    1 
ATOM   714  O O    . THR A 1 91 ? -1.996  -12.800 -10.589 1.00 15.10  ? 91  THR A O    1 
ATOM   715  C CB   . THR A 1 91 ? -3.501  -11.883 -8.074  1.00 10.74  ? 91  THR A CB   1 
ATOM   716  O OG1  . THR A 1 91 ? -4.692  -11.231 -8.515  1.00 14.82  ? 91  THR A OG1  1 
ATOM   717  C CG2  . THR A 1 91 ? -3.326  -11.730 -6.592  1.00 9.00   ? 91  THR A CG2  1 
ATOM   718  N N    . GLN A 1 92 ? -3.202  -10.983 -11.063 1.00 13.52  ? 92  GLN A N    1 
ATOM   719  C CA   . GLN A 1 92 ? -3.355  -11.373 -12.491 1.00 13.88  ? 92  GLN A CA   1 
ATOM   720  C C    . GLN A 1 92 ? -2.030  -11.358 -13.261 1.00 14.37  ? 92  GLN A C    1 
ATOM   721  O O    . GLN A 1 92 ? -1.846  -12.140 -14.189 1.00 17.37  ? 92  GLN A O    1 
ATOM   722  C CB   . GLN A 1 92 ? -4.343  -10.465 -13.201 1.00 15.57  ? 92  GLN A CB   1 
ATOM   723  C CG   . GLN A 1 92 ? -5.733  -10.582 -12.687 1.00 14.12  ? 92  GLN A CG   1 
ATOM   724  C CD   . GLN A 1 92 ? -6.721  -9.928  -13.624 1.00 12.27  ? 92  GLN A CD   1 
ATOM   725  O OE1  . GLN A 1 92 ? -6.437  -9.740  -14.808 1.00 16.90  ? 92  GLN A OE1  1 
ATOM   726  N NE2  . GLN A 1 92 ? -7.879  -9.562  -13.100 1.00 17.19  ? 92  GLN A NE2  1 
ATOM   727  N N    . ILE A 1 93 ? -1.113  -10.458 -12.899 1.00 19.28  ? 93  ILE A N    1 
ATOM   728  C CA   . ILE A 1 93 ? 0.205   -10.392 -13.585 1.00 18.55  ? 93  ILE A CA   1 
ATOM   729  C C    . ILE A 1 93 ? 1.291   -11.172 -12.855 1.00 19.47  ? 93  ILE A C    1 
ATOM   730  O O    . ILE A 1 93 ? 2.491   -11.018 -13.141 1.00 20.45  ? 93  ILE A O    1 
ATOM   731  C CB   . ILE A 1 93 ? 0.686   -8.943  -13.813 1.00 17.17  ? 93  ILE A CB   1 
ATOM   732  C CG1  . ILE A 1 93 ? 1.062   -8.273  -12.492 1.00 13.64  ? 93  ILE A CG1  1 
ATOM   733  C CG2  . ILE A 1 93 ? -0.407  -8.126  -14.525 1.00 16.26  ? 93  ILE A CG2  1 
ATOM   734  C CD1  . ILE A 1 93 ? 1.740   -6.960  -12.724 1.00 16.95  ? 93  ILE A CD1  1 
ATOM   735  N N    . GLY A 1 94 ? 0.859   -11.994 -11.904 1.00 17.00  ? 94  GLY A N    1 
ATOM   736  C CA   . GLY A 1 94 ? 1.764   -12.820 -11.130 1.00 15.01  ? 94  GLY A CA   1 
ATOM   737  C C    . GLY A 1 94 ? 2.792   -12.148 -10.239 1.00 17.93  ? 94  GLY A C    1 
ATOM   738  O O    . GLY A 1 94 ? 3.863   -12.706 -9.996  1.00 19.91  ? 94  GLY A O    1 
HETATM 739  N N    . ABA A 1 95 ? 2.461   -10.993 -9.693  1.00 13.43  ? 95  ABA A N    1 
HETATM 740  C CA   . ABA A 1 95 ? 3.384   -10.270 -8.816  1.00 12.26  ? 95  ABA A CA   1 
HETATM 741  C C    . ABA A 1 95 ? 3.471   -10.965 -7.469  1.00 14.39  ? 95  ABA A C    1 
HETATM 742  O O    . ABA A 1 95 ? 2.466   -11.440 -6.944  1.00 16.89  ? 95  ABA A O    1 
HETATM 743  C CB   . ABA A 1 95 ? 2.895   -8.826  -8.641  1.00 12.58  ? 95  ABA A CB   1 
HETATM 744  C CG   . ABA A 1 95 ? 3.944   -7.855  -8.183  1.00 14.70  ? 95  ABA A CG   1 
ATOM   745  N N    . THR A 1 96 ? 4.685   -11.053 -6.937  1.00 12.74  ? 96  THR A N    1 
ATOM   746  C CA   . THR A 1 96 ? 4.928   -11.652 -5.631  1.00 16.56  ? 96  THR A CA   1 
ATOM   747  C C    . THR A 1 96 ? 5.893   -10.760 -4.850  1.00 16.31  ? 96  THR A C    1 
ATOM   748  O O    . THR A 1 96 ? 6.590   -9.918  -5.430  1.00 18.39  ? 96  THR A O    1 
ATOM   749  C CB   . THR A 1 96 ? 5.596   -13.037 -5.755  1.00 18.65  ? 96  THR A CB   1 
ATOM   750  O OG1  . THR A 1 96 ? 6.796   -12.913 -6.539  1.00 15.47  ? 96  THR A OG1  1 
ATOM   751  C CG2  . THR A 1 96 ? 4.637   -14.069 -6.381  1.00 12.60  ? 96  THR A CG2  1 
ATOM   752  N N    . LEU A 1 97 ? 5.877   -10.909 -3.527  1.00 16.93  ? 97  LEU A N    1 
ATOM   753  C CA   . LEU A 1 97 ? 6.778   -10.184 -2.634  1.00 16.73  ? 97  LEU A CA   1 
ATOM   754  C C    . LEU A 1 97 ? 7.857   -11.205 -2.333  1.00 15.33  ? 97  LEU A C    1 
ATOM   755  O O    . LEU A 1 97 ? 7.580   -12.375 -2.159  1.00 11.81  ? 97  LEU A O    1 
ATOM   756  C CB   . LEU A 1 97 ? 6.077   -9.756  -1.331  1.00 19.40  ? 97  LEU A CB   1 
ATOM   757  C CG   . LEU A 1 97 ? 5.232   -8.470  -1.351  1.00 22.36  ? 97  LEU A CG   1 
ATOM   758  C CD1  . LEU A 1 97 ? 4.581   -8.248  0.003   1.00 18.67  ? 97  LEU A CD1  1 
ATOM   759  C CD2  . LEU A 1 97 ? 6.107   -7.293  -1.672  1.00 20.49  ? 97  LEU A CD2  1 
ATOM   760  N N    . ASN A 1 98 ? 9.099   -10.765 -2.359  1.00 18.08  ? 98  ASN A N    1 
ATOM   761  C CA   . ASN A 1 98 ? 10.233  -11.659 -2.110  1.00 19.47  ? 98  ASN A CA   1 
ATOM   762  C C    . ASN A 1 98 ? 11.297  -10.973 -1.233  1.00 17.68  ? 98  ASN A C    1 
ATOM   763  O O    . ASN A 1 98 ? 11.567  -9.783  -1.357  1.00 19.20  ? 98  ASN A O    1 
ATOM   764  C CB   . ASN A 1 98 ? 10.881  -12.071 -3.459  1.00 21.42  ? 98  ASN A CB   1 
ATOM   765  C CG   . ASN A 1 98 ? 9.894   -12.760 -4.431  1.00 25.84  ? 98  ASN A CG   1 
ATOM   766  O OD1  . ASN A 1 98 ? 9.827   -13.985 -4.482  1.00 34.62  ? 98  ASN A OD1  1 
ATOM   767  N ND2  . ASN A 1 98 ? 9.191   -11.976 -5.241  1.00 22.79  ? 98  ASN A ND2  1 
ATOM   768  N N    . PHE A 1 99 ? 11.826  -11.715 -0.275  1.00 18.67  ? 99  PHE A N    1 
ATOM   769  C CA   . PHE A 1 99 ? 12.914  -11.221 0.581   1.00 22.27  ? 99  PHE A CA   1 
ATOM   770  C C    . PHE A 1 99 ? 13.644  -12.447 1.138   1.00 22.11  ? 99  PHE A C    1 
ATOM   771  O O    . PHE A 1 99 ? 14.620  -12.282 1.903   1.00 24.59  ? 99  PHE A O    1 
ATOM   772  C CB   . PHE A 1 99 ? 12.450  -10.225 1.678   1.00 20.27  ? 99  PHE A CB   1 
ATOM   773  C CG   . PHE A 1 99 ? 11.466  -10.778 2.660   1.00 20.25  ? 99  PHE A CG   1 
ATOM   774  C CD1  . PHE A 1 99 ? 10.107  -10.722 2.408   1.00 25.15  ? 99  PHE A CD1  1 
ATOM   775  C CD2  . PHE A 1 99 ? 11.897  -11.321 3.860   1.00 22.91  ? 99  PHE A CD2  1 
ATOM   776  C CE1  . PHE A 1 99 ? 9.190   -11.202 3.343   1.00 29.25  ? 99  PHE A CE1  1 
ATOM   777  C CE2  . PHE A 1 99 ? 10.986  -11.802 4.802   1.00 27.12  ? 99  PHE A CE2  1 
ATOM   778  C CZ   . PHE A 1 99 ? 9.632   -11.743 4.542   1.00 28.40  ? 99  PHE A CZ   1 
ATOM   779  O OXT  . PHE A 1 99 ? 13.235  -13.574 0.760   1.00 24.30  ? 99  PHE A OXT  1 
ATOM   780  N N    . PRO B 1 1  ? 11.603  -15.596 1.777   1.00 31.18  ? 1   PRO B N    1 
ATOM   781  C CA   . PRO B 1 1  ? 10.363  -16.293 1.300   1.00 30.01  ? 1   PRO B CA   1 
ATOM   782  C C    . PRO B 1 1  ? 9.728   -15.534 0.139   1.00 27.73  ? 1   PRO B C    1 
ATOM   783  O O    . PRO B 1 1  ? 10.119  -14.404 -0.161  1.00 27.66  ? 1   PRO B O    1 
ATOM   784  C CB   . PRO B 1 1  ? 9.352   -16.339 2.442   1.00 30.52  ? 1   PRO B CB   1 
ATOM   785  C CG   . PRO B 1 1  ? 10.140  -15.888 3.597   1.00 33.63  ? 1   PRO B CG   1 
ATOM   786  C CD   . PRO B 1 1  ? 11.138  -14.912 3.021   1.00 30.94  ? 1   PRO B CD   1 
ATOM   787  N N    . GLN B 1 2  ? 8.731   -16.152 -0.483  1.00 25.67  ? 2   GLN B N    1 
ATOM   788  C CA   . GLN B 1 2  ? 7.995   -15.536 -1.586  1.00 27.30  ? 2   GLN B CA   1 
ATOM   789  C C    . GLN B 1 2  ? 6.553   -15.457 -1.133  1.00 29.24  ? 2   GLN B C    1 
ATOM   790  O O    . GLN B 1 2  ? 5.953   -16.476 -0.807  1.00 31.25  ? 2   GLN B O    1 
ATOM   791  C CB   . GLN B 1 2  ? 8.062   -16.381 -2.836  1.00 27.70  ? 2   GLN B CB   1 
ATOM   792  C CG   . GLN B 1 2  ? 7.165   -15.859 -3.922  1.00 37.03  ? 2   GLN B CG   1 
ATOM   793  C CD   . GLN B 1 2  ? 7.411   -16.522 -5.262  1.00 44.65  ? 2   GLN B CD   1 
ATOM   794  O OE1  . GLN B 1 2  ? 6.720   -17.474 -5.623  1.00 55.64  ? 2   GLN B OE1  1 
ATOM   795  N NE2  . GLN B 1 2  ? 8.381   -16.012 -6.017  1.00 41.50  ? 2   GLN B NE2  1 
ATOM   796  N N    . ILE B 1 3  ? 5.996   -14.255 -1.116  1.00 23.60  ? 3   ILE B N    1 
ATOM   797  C CA   . ILE B 1 3  ? 4.620   -14.070 -0.668  1.00 19.25  ? 3   ILE B CA   1 
ATOM   798  C C    . ILE B 1 3  ? 3.719   -13.776 -1.842  1.00 18.38  ? 3   ILE B C    1 
ATOM   799  O O    . ILE B 1 3  ? 3.990   -12.864 -2.624  1.00 17.18  ? 3   ILE B O    1 
ATOM   800  C CB   . ILE B 1 3  ? 4.557   -12.933 0.353   1.00 16.88  ? 3   ILE B CB   1 
ATOM   801  C CG1  . ILE B 1 3  ? 5.455   -13.303 1.519   1.00 15.43  ? 3   ILE B CG1  1 
ATOM   802  C CG2  . ILE B 1 3  ? 3.106   -12.640 0.787   1.00 16.58  ? 3   ILE B CG2  1 
ATOM   803  C CD1  . ILE B 1 3  ? 5.480   -12.308 2.607   1.00 25.99  ? 3   ILE B CD1  1 
ATOM   804  N N    . THR B 1 4  ? 2.703   -14.611 -2.026  1.00 18.39  ? 4   THR B N    1 
ATOM   805  C CA   . THR B 1 4  ? 1.746   -14.402 -3.116  1.00 16.83  ? 4   THR B CA   1 
ATOM   806  C C    . THR B 1 4  ? 0.734   -13.347 -2.645  1.00 13.57  ? 4   THR B C    1 
ATOM   807  O O    . THR B 1 4  ? 0.632   -13.037 -1.456  1.00 17.42  ? 4   THR B O    1 
ATOM   808  C CB   . THR B 1 4  ? 1.046   -15.732 -3.545  1.00 23.24  ? 4   THR B CB   1 
ATOM   809  O OG1  . THR B 1 4  ? 0.358   -16.318 -2.419  1.00 24.08  ? 4   THR B OG1  1 
ATOM   810  C CG2  . THR B 1 4  ? 2.091   -16.714 -4.101  1.00 20.50  ? 4   THR B CG2  1 
ATOM   811  N N    . LEU B 1 5  ? -0.019  -12.793 -3.570  1.00 11.64  ? 5   LEU B N    1 
ATOM   812  C CA   . LEU B 1 5  ? -0.946  -11.735 -3.181  1.00 16.00  ? 5   LEU B CA   1 
ATOM   813  C C    . LEU B 1 5  ? -2.420  -12.087 -3.224  1.00 14.19  ? 5   LEU B C    1 
ATOM   814  O O    . LEU B 1 5  ? -3.272  -11.194 -3.255  1.00 15.23  ? 5   LEU B O    1 
ATOM   815  C CB   . LEU B 1 5  ? -0.654  -10.467 -3.990  1.00 19.44  ? 5   LEU B CB   1 
ATOM   816  C CG   . LEU B 1 5  ? 0.450   -9.461  -3.597  1.00 18.80  ? 5   LEU B CG   1 
ATOM   817  C CD1  . LEU B 1 5  ? 1.194   -9.759  -2.307  1.00 12.40  ? 5   LEU B CD1  1 
ATOM   818  C CD2  . LEU B 1 5  ? 1.367   -9.294  -4.760  1.00 11.63  ? 5   LEU B CD2  1 
ATOM   819  N N    . TRP B 1 6  ? -2.708  -13.383 -3.142  1.00 14.16  ? 6   TRP B N    1 
ATOM   820  C CA   . TRP B 1 6  ? -4.093  -13.889 -3.143  1.00 14.95  ? 6   TRP B CA   1 
ATOM   821  C C    . TRP B 1 6  ? -4.800  -13.348 -1.919  1.00 15.04  ? 6   TRP B C    1 
ATOM   822  O O    . TRP B 1 6  ? -6.011  -13.140 -1.932  1.00 16.68  ? 6   TRP B O    1 
ATOM   823  C CB   . TRP B 1 6  ? -4.100  -15.413 -3.092  1.00 17.41  ? 6   TRP B CB   1 
ATOM   824  C CG   . TRP B 1 6  ? -3.557  -16.042 -4.299  1.00 20.29  ? 6   TRP B CG   1 
ATOM   825  C CD1  . TRP B 1 6  ? -2.382  -16.720 -4.398  1.00 25.05  ? 6   TRP B CD1  1 
ATOM   826  C CD2  . TRP B 1 6  ? -4.123  -16.024 -5.610  1.00 23.14  ? 6   TRP B CD2  1 
ATOM   827  N NE1  . TRP B 1 6  ? -2.174  -17.114 -5.698  1.00 30.55  ? 6   TRP B NE1  1 
ATOM   828  C CE2  . TRP B 1 6  ? -3.235  -16.701 -6.467  1.00 26.56  ? 6   TRP B CE2  1 
ATOM   829  C CE3  . TRP B 1 6  ? -5.303  -15.497 -6.155  1.00 23.55  ? 6   TRP B CE3  1 
ATOM   830  C CZ2  . TRP B 1 6  ? -3.479  -16.875 -7.832  1.00 27.14  ? 6   TRP B CZ2  1 
ATOM   831  C CZ3  . TRP B 1 6  ? -5.550  -15.673 -7.516  1.00 23.39  ? 6   TRP B CZ3  1 
ATOM   832  C CH2  . TRP B 1 6  ? -4.640  -16.353 -8.333  1.00 20.85  ? 6   TRP B CH2  1 
ATOM   833  N N    . LYS B 1 7  ? -4.029  -13.184 -0.848  1.00 13.89  ? 7   LYS B N    1 
ATOM   834  C CA   . LYS B 1 7  ? -4.516  -12.638 0.432   1.00 16.88  ? 7   LYS B CA   1 
ATOM   835  C C    . LYS B 1 7  ? -3.656  -11.431 0.797   1.00 13.94  ? 7   LYS B C    1 
ATOM   836  O O    . LYS B 1 7  ? -2.634  -11.209 0.182   1.00 14.39  ? 7   LYS B O    1 
ATOM   837  C CB   . LYS B 1 7  ? -4.358  -13.689 1.534   1.00 21.12  ? 7   LYS B CB   1 
ATOM   838  C CG   . LYS B 1 7  ? -5.248  -14.916 1.400   1.00 32.55  ? 7   LYS B CG   1 
ATOM   839  C CD   . LYS B 1 7  ? -4.644  -16.078 2.171   1.00 46.41  ? 7   LYS B CD   1 
ATOM   840  C CE   . LYS B 1 7  ? -4.332  -15.700 3.632   1.00 53.04  ? 7   LYS B CE   1 
ATOM   841  N NZ   . LYS B 1 7  ? -3.458  -16.671 4.322   1.00 57.33  ? 7   LYS B NZ   1 
ATOM   842  N N    . ARG B 1 8  ? -4.075  -10.639 1.778   1.00 12.04  ? 8   ARG B N    1 
ATOM   843  C CA   . ARG B 1 8  ? -3.281  -9.485  2.219   1.00 13.31  ? 8   ARG B CA   1 
ATOM   844  C C    . ARG B 1 8  ? -1.975  -10.049 2.735   1.00 14.44  ? 8   ARG B C    1 
ATOM   845  O O    . ARG B 1 8  ? -1.991  -11.025 3.488   1.00 14.94  ? 8   ARG B O    1 
ATOM   846  C CB   . ARG B 1 8  ? -3.958  -8.806  3.400   1.00 13.92  ? 8   ARG B CB   1 
ATOM   847  C CG   . ARG B 1 8  ? -5.185  -8.088  3.045   1.00 13.92  ? 8   ARG B CG   1 
ATOM   848  C CD   . ARG B 1 8  ? -5.745  -7.402  4.236   1.00 16.86  ? 8   ARG B CD   1 
ATOM   849  N NE   . ARG B 1 8  ? -6.848  -6.527  3.830   1.00 27.46  ? 8   ARG B NE   1 
ATOM   850  C CZ   . ARG B 1 8  ? -7.325  -5.517  4.557   1.00 33.38  ? 8   ARG B CZ   1 
ATOM   851  N NH1  . ARG B 1 8  ? -6.809  -5.228  5.742   1.00 31.85  ? 8   ARG B NH1  1 
ATOM   852  N NH2  . ARG B 1 8  ? -8.324  -4.786  4.083   1.00 31.65  ? 8   ARG B NH2  1 
ATOM   853  N N    . PRO B 1 9  ? -0.825  -9.469  2.332   1.00 16.76  ? 9   PRO B N    1 
ATOM   854  C CA   . PRO B 1 9  ? 0.473   -9.978  2.808   1.00 16.71  ? 9   PRO B CA   1 
ATOM   855  C C    . PRO B 1 9  ? 0.722   -9.560  4.269   1.00 15.50  ? 9   PRO B C    1 
ATOM   856  O O    . PRO B 1 9  ? 1.363   -8.541  4.549   1.00 14.31  ? 9   PRO B O    1 
ATOM   857  C CB   . PRO B 1 9  ? 1.466   -9.347  1.817   1.00 15.38  ? 9   PRO B CB   1 
ATOM   858  C CG   . PRO B 1 9  ? 0.836   -8.032  1.508   1.00 14.30  ? 9   PRO B CG   1 
ATOM   859  C CD   . PRO B 1 9  ? -0.641  -8.367  1.369   1.00 13.66  ? 9   PRO B CD   1 
ATOM   860  N N    . LEU B 1 10 ? 0.153   -10.335 5.188   1.00 12.97  ? 10  LEU B N    1 
ATOM   861  C CA   . LEU B 1 10 ? 0.265   -10.077 6.634   1.00 15.68  ? 10  LEU B CA   1 
ATOM   862  C C    . LEU B 1 10 ? 1.329   -10.953 7.250   1.00 17.96  ? 10  LEU B C    1 
ATOM   863  O O    . LEU B 1 10 ? 1.327   -12.169 7.054   1.00 23.36  ? 10  LEU B O    1 
ATOM   864  C CB   . LEU B 1 10 ? -1.047  -10.411 7.323   1.00 13.50  ? 10  LEU B CB   1 
ATOM   865  C CG   . LEU B 1 10 ? -2.279  -9.570  7.040   1.00 16.06  ? 10  LEU B CG   1 
ATOM   866  C CD1  . LEU B 1 10 ? -3.428  -10.209 7.814   1.00 22.86  ? 10  LEU B CD1  1 
ATOM   867  C CD2  . LEU B 1 10 ? -2.043  -8.123  7.503   1.00 21.22  ? 10  LEU B CD2  1 
ATOM   868  N N    . VAL B 1 11 ? 2.239   -10.348 7.987   1.00 17.98  ? 11  VAL B N    1 
ATOM   869  C CA   . VAL B 1 11 ? 3.292   -11.121 8.649   1.00 17.61  ? 11  VAL B CA   1 
ATOM   870  C C    . VAL B 1 11 ? 3.409   -10.671 10.111  1.00 17.14  ? 11  VAL B C    1 
ATOM   871  O O    . VAL B 1 11 ? 2.835   -9.650  10.523  1.00 21.66  ? 11  VAL B O    1 
ATOM   872  C CB   . VAL B 1 11 ? 4.682   -10.972 7.927   1.00 12.57  ? 11  VAL B CB   1 
ATOM   873  C CG1  . VAL B 1 11 ? 4.564   -11.349 6.469   1.00 13.49  ? 11  VAL B CG1  1 
ATOM   874  C CG2  . VAL B 1 11 ? 5.222   -9.565  8.071   1.00 13.08  ? 11  VAL B CG2  1 
ATOM   875  N N    . THR B 1 12 ? 4.122   -11.467 10.902  1.00 19.94  ? 12  THR B N    1 
ATOM   876  C CA   . THR B 1 12 ? 4.355   -11.151 12.313  1.00 19.98  ? 12  THR B CA   1 
ATOM   877  C C    . THR B 1 12 ? 5.594   -10.269 12.445  1.00 18.39  ? 12  THR B C    1 
ATOM   878  O O    . THR B 1 12 ? 6.625   -10.510 11.812  1.00 21.27  ? 12  THR B O    1 
ATOM   879  C CB   . THR B 1 12 ? 4.555   -12.436 13.143  1.00 20.79  ? 12  THR B CB   1 
ATOM   880  O OG1  . THR B 1 12 ? 3.361   -13.218 13.099  1.00 20.89  ? 12  THR B OG1  1 
ATOM   881  C CG2  . THR B 1 12 ? 4.870   -12.105 14.586  1.00 21.44  ? 12  THR B CG2  1 
ATOM   882  N N    . ILE B 1 13 ? 5.470   -9.218  13.240  1.00 17.82  ? 13  ILE B N    1 
ATOM   883  C CA   . ILE B 1 13 ? 6.587   -8.310  13.485  1.00 17.20  ? 13  ILE B CA   1 
ATOM   884  C C    . ILE B 1 13 ? 6.733   -8.268  14.994  1.00 20.08  ? 13  ILE B C    1 
ATOM   885  O O    . ILE B 1 13 ? 5.870   -8.766  15.728  1.00 22.52  ? 13  ILE B O    1 
ATOM   886  C CB   . ILE B 1 13 ? 6.302   -6.894  12.946  1.00 16.98  ? 13  ILE B CB   1 
ATOM   887  C CG1  . ILE B 1 13 ? 4.986   -6.364  13.526  1.00 21.62  ? 13  ILE B CG1  1 
ATOM   888  C CG2  . ILE B 1 13 ? 6.199   -6.929  11.432  1.00 18.13  ? 13  ILE B CG2  1 
ATOM   889  C CD1  . ILE B 1 13 ? 4.822   -4.882  13.407  1.00 21.16  ? 13  ILE B CD1  1 
ATOM   890  N N    . ARG B 1 14 ? 7.859   -7.756  15.460  1.00 16.04  ? 14  ARG B N    1 
ATOM   891  C CA   . ARG B 1 14 ? 8.098   -7.636  16.899  1.00 19.68  ? 14  ARG B CA   1 
ATOM   892  C C    . ARG B 1 14 ? 8.573   -6.231  17.057  1.00 18.14  ? 14  ARG B C    1 
ATOM   893  O O    . ARG B 1 14 ? 9.490   -5.787  16.354  1.00 19.06  ? 14  ARG B O    1 
ATOM   894  C CB   . ARG B 1 14 ? 9.153   -8.631  17.402  1.00 24.05  ? 14  ARG B CB   1 
ATOM   895  C CG   . ARG B 1 14 ? 9.584   -8.376  18.843  1.00 33.84  ? 14  ARG B CG   1 
ATOM   896  C CD   . ARG B 1 14 ? 10.421  -9.517  19.404  1.00 46.55  ? 14  ARG B CD   1 
ATOM   897  N NE   . ARG B 1 14 ? 11.049  -9.186  20.701  1.00 61.21  ? 14  ARG B NE   1 
ATOM   898  C CZ   . ARG B 1 14 ? 10.543  -9.478  21.903  1.00 65.59  ? 14  ARG B CZ   1 
ATOM   899  N NH1  . ARG B 1 14 ? 9.378   -10.117 22.018  1.00 66.32  ? 14  ARG B NH1  1 
ATOM   900  N NH2  . ARG B 1 14 ? 11.217  -9.136  23.001  1.00 67.00  ? 14  ARG B NH2  1 
ATOM   901  N N    . ILE B 1 15 ? 7.922   -5.511  17.950  1.00 19.26  ? 15  ILE B N    1 
ATOM   902  C CA   . ILE B 1 15 ? 8.273   -4.133  18.177  1.00 15.57  ? 15  ILE B CA   1 
ATOM   903  C C    . ILE B 1 15 ? 7.970   -3.803  19.619  1.00 18.50  ? 15  ILE B C    1 
ATOM   904  O O    . ILE B 1 15 ? 6.972   -4.250  20.172  1.00 16.09  ? 15  ILE B O    1 
ATOM   905  C CB   . ILE B 1 15 ? 7.476   -3.236  17.214  1.00 22.41  ? 15  ILE B CB   1 
ATOM   906  C CG1  . ILE B 1 15 ? 7.793   -1.768  17.471  1.00 26.15  ? 15  ILE B CG1  1 
ATOM   907  C CG2  . ILE B 1 15 ? 5.955   -3.506  17.313  1.00 18.02  ? 15  ILE B CG2  1 
ATOM   908  C CD1  . ILE B 1 15 ? 7.219   -0.853  16.408  1.00 28.84  ? 15  ILE B CD1  1 
ATOM   909  N N    . GLY B 1 16 ? 8.926   -3.149  20.263  1.00 18.89  ? 16  GLY B N    1 
ATOM   910  C CA   . GLY B 1 16 ? 8.757   -2.742  21.646  1.00 19.35  ? 16  GLY B CA   1 
ATOM   911  C C    . GLY B 1 16 ? 8.510   -3.890  22.587  1.00 19.78  ? 16  GLY B C    1 
ATOM   912  O O    . GLY B 1 16 ? 7.883   -3.736  23.630  1.00 21.43  ? 16  GLY B O    1 
ATOM   913  N N    . GLY B 1 17 ? 8.994   -5.057  22.207  1.00 21.04  ? 17  GLY B N    1 
ATOM   914  C CA   . GLY B 1 17 ? 8.821   -6.218  23.049  1.00 27.89  ? 17  GLY B CA   1 
ATOM   915  C C    . GLY B 1 17 ? 7.561   -6.992  22.737  1.00 31.83  ? 17  GLY B C    1 
ATOM   916  O O    . GLY B 1 17 ? 7.349   -8.085  23.276  1.00 34.63  ? 17  GLY B O    1 
ATOM   917  N N    . GLN B 1 18 ? 6.755   -6.474  21.819  1.00 30.92  ? 18  GLN B N    1 
ATOM   918  C CA   . GLN B 1 18 ? 5.511   -7.151  21.477  1.00 29.36  ? 18  GLN B CA   1 
ATOM   919  C C    . GLN B 1 18 ? 5.504   -7.728  20.077  1.00 29.06  ? 18  GLN B C    1 
ATOM   920  O O    . GLN B 1 18 ? 6.202   -7.234  19.189  1.00 29.11  ? 18  GLN B O    1 
ATOM   921  C CB   . GLN B 1 18 ? 4.355   -6.187  21.598  1.00 31.34  ? 18  GLN B CB   1 
ATOM   922  C CG   . GLN B 1 18 ? 4.322   -5.403  22.867  1.00 36.58  ? 18  GLN B CG   1 
ATOM   923  C CD   . GLN B 1 18 ? 2.980   -4.769  23.055  1.00 37.24  ? 18  GLN B CD   1 
ATOM   924  O OE1  . GLN B 1 18 ? 2.605   -3.870  22.318  1.00 42.25  ? 18  GLN B OE1  1 
ATOM   925  N NE2  . GLN B 1 18 ? 2.214   -5.278  24.006  1.00 41.32  ? 18  GLN B NE2  1 
ATOM   926  N N    . LEU B 1 19 ? 4.666   -8.742  19.895  1.00 22.25  ? 19  LEU B N    1 
ATOM   927  C CA   . LEU B 1 19 ? 4.475   -9.422  18.613  1.00 23.06  ? 19  LEU B CA   1 
ATOM   928  C C    . LEU B 1 19 ? 3.145   -8.945  18.067  1.00 25.18  ? 19  LEU B C    1 
ATOM   929  O O    . LEU B 1 19 ? 2.141   -8.963  18.783  1.00 26.75  ? 19  LEU B O    1 
ATOM   930  C CB   . LEU B 1 19 ? 4.423   -10.944 18.808  1.00 27.76  ? 19  LEU B CB   1 
ATOM   931  C CG   . LEU B 1 19 ? 5.752   -11.711 18.817  1.00 28.71  ? 19  LEU B CG   1 
ATOM   932  C CD1  . LEU B 1 19 ? 6.588   -11.324 20.010  1.00 31.41  ? 19  LEU B CD1  1 
ATOM   933  C CD2  . LEU B 1 19 ? 5.469   -13.189 18.848  1.00 30.19  ? 19  LEU B CD2  1 
ATOM   934  N N    . LYS B 1 20 ? 3.142   -8.509  16.812  1.00 24.77  ? 20  LYS B N    1 
ATOM   935  C CA   . LYS B 1 20 ? 1.927   -8.003  16.138  1.00 23.25  ? 20  LYS B CA   1 
ATOM   936  C C    . LYS B 1 20 ? 1.874   -8.544  14.731  1.00 20.72  ? 20  LYS B C    1 
ATOM   937  O O    . LYS B 1 20 ? 2.873   -9.044  14.226  1.00 23.92  ? 20  LYS B O    1 
ATOM   938  C CB   . LYS B 1 20 ? 1.960   -6.474  16.034  1.00 20.92  ? 20  LYS B CB   1 
ATOM   939  C CG   . LYS B 1 20 ? 1.978   -5.745  17.356  1.00 29.92  ? 20  LYS B CG   1 
ATOM   940  C CD   . LYS B 1 20 ? 1.784   -4.253  17.162  1.00 33.79  ? 20  LYS B CD   1 
ATOM   941  C CE   . LYS B 1 20 ? 1.723   -3.535  18.507  1.00 34.79  ? 20  LYS B CE   1 
ATOM   942  N NZ   . LYS B 1 20 ? 0.611   -4.044  19.327  1.00 33.04  ? 20  LYS B NZ   1 
ATOM   943  N N    . GLU B 1 21 ? 0.710   -8.415  14.103  1.00 20.59  ? 21  GLU B N    1 
ATOM   944  C CA   . GLU B 1 21 ? 0.520   -8.831  12.715  1.00 21.42  ? 21  GLU B CA   1 
ATOM   945  C C    . GLU B 1 21 ? 0.548   -7.521  11.974  1.00 21.37  ? 21  GLU B C    1 
ATOM   946  O O    . GLU B 1 21 ? -0.040  -6.537  12.441  1.00 16.67  ? 21  GLU B O    1 
ATOM   947  C CB   . GLU B 1 21 ? -0.824  -9.527  12.507  1.00 28.61  ? 21  GLU B CB   1 
ATOM   948  C CG   . GLU B 1 21 ? -0.818  -11.041 12.854  1.00 53.35  ? 21  GLU B CG   1 
ATOM   949  C CD   . GLU B 1 21 ? -0.160  -11.946 11.788  1.00 60.30  ? 21  GLU B CD   1 
ATOM   950  O OE1  . GLU B 1 21 ? -0.577  -11.884 10.608  1.00 66.98  ? 21  GLU B OE1  1 
ATOM   951  O OE2  . GLU B 1 21 ? 0.749   -12.741 12.137  1.00 63.73  ? 21  GLU B OE2  1 
ATOM   952  N N    . ALA B 1 22 ? 1.225   -7.496  10.829  1.00 17.11  ? 22  ALA B N    1 
ATOM   953  C CA   . ALA B 1 22 ? 1.336   -6.260  10.048  1.00 17.41  ? 22  ALA B CA   1 
ATOM   954  C C    . ALA B 1 22 ? 1.322   -6.560  8.568   1.00 16.99  ? 22  ALA B C    1 
ATOM   955  O O    . ALA B 1 22 ? 1.739   -7.639  8.136   1.00 16.62  ? 22  ALA B O    1 
ATOM   956  C CB   . ALA B 1 22 ? 2.601   -5.482  10.437  1.00 15.23  ? 22  ALA B CB   1 
ATOM   957  N N    . LEU B 1 23 ? 0.832   -5.582  7.811   1.00 13.39  ? 23  LEU B N    1 
ATOM   958  C CA   . LEU B 1 23 ? 0.686   -5.667  6.363   1.00 11.37  ? 23  LEU B CA   1 
ATOM   959  C C    . LEU B 1 23 ? 1.923   -5.122  5.682   1.00 11.15  ? 23  LEU B C    1 
ATOM   960  O O    . LEU B 1 23 ? 2.417   -4.059  6.047   1.00 14.39  ? 23  LEU B O    1 
ATOM   961  C CB   . LEU B 1 23 ? -0.546  -4.837  5.971   1.00 11.38  ? 23  LEU B CB   1 
ATOM   962  C CG   . LEU B 1 23 ? -1.094  -4.823  4.559   1.00 19.26  ? 23  LEU B CG   1 
ATOM   963  C CD1  . LEU B 1 23 ? -1.661  -6.165  4.182   1.00 18.05  ? 23  LEU B CD1  1 
ATOM   964  C CD2  . LEU B 1 23 ? -2.192  -3.779  4.538   1.00 22.76  ? 23  LEU B CD2  1 
ATOM   965  N N    . LEU B 1 24 ? 2.467   -5.877  4.737   1.00 13.09  ? 24  LEU B N    1 
ATOM   966  C CA   . LEU B 1 24 ? 3.641   -5.426  3.980   1.00 12.66  ? 24  LEU B CA   1 
ATOM   967  C C    . LEU B 1 24 ? 3.042   -4.569  2.874   1.00 11.28  ? 24  LEU B C    1 
ATOM   968  O O    . LEU B 1 24 ? 2.360   -5.078  1.954   1.00 11.34  ? 24  LEU B O    1 
ATOM   969  C CB   . LEU B 1 24 ? 4.379   -6.626  3.390   1.00 8.01   ? 24  LEU B CB   1 
ATOM   970  C CG   . LEU B 1 24 ? 5.523   -7.249  4.199   1.00 19.86  ? 24  LEU B CG   1 
ATOM   971  C CD1  . LEU B 1 24 ? 5.436   -6.926  5.667   1.00 15.84  ? 24  LEU B CD1  1 
ATOM   972  C CD2  . LEU B 1 24 ? 5.633   -8.745  3.918   1.00 15.85  ? 24  LEU B CD2  1 
ATOM   973  N N    . ASP B 1 25 ? 3.339   -3.277  2.937   1.00 9.90   ? 25  ASP B N    1 
ATOM   974  C CA   . ASP B 1 25 ? 2.778   -2.311  1.991   1.00 12.75  ? 25  ASP B CA   1 
ATOM   975  C C    . ASP B 1 25 ? 3.838   -1.565  1.163   1.00 12.17  ? 25  ASP B C    1 
ATOM   976  O O    . ASP B 1 25 ? 4.448   -0.596  1.640   1.00 12.66  ? 25  ASP B O    1 
ATOM   977  C CB   . ASP B 1 25 ? 1.926   -1.335  2.820   1.00 14.52  ? 25  ASP B CB   1 
ATOM   978  C CG   . ASP B 1 25 ? 1.133   -0.344  1.985   1.00 13.84  ? 25  ASP B CG   1 
ATOM   979  O OD1  . ASP B 1 25 ? 1.187   -0.358  0.734   1.00 22.00  ? 25  ASP B OD1  1 
ATOM   980  O OD2  . ASP B 1 25 ? 0.443   0.474   2.618   1.00 18.06  ? 25  ASP B OD2  1 
ATOM   981  N N    . THR B 1 26 ? 4.007   -1.995  -0.089  1.00 13.01  ? 26  THR B N    1 
ATOM   982  C CA   . THR B 1 26 ? 4.952   -1.373  -1.035  1.00 11.74  ? 26  THR B CA   1 
ATOM   983  C C    . THR B 1 26 ? 4.468   0.032   -1.445  1.00 8.81   ? 26  THR B C    1 
ATOM   984  O O    . THR B 1 26 ? 5.222   0.850   -1.974  1.00 12.06  ? 26  THR B O    1 
ATOM   985  C CB   . THR B 1 26 ? 5.096   -2.247  -2.288  1.00 3.79   ? 26  THR B CB   1 
ATOM   986  O OG1  . THR B 1 26 ? 3.812   -2.489  -2.848  1.00 11.36  ? 26  THR B OG1  1 
ATOM   987  C CG2  . THR B 1 26 ? 5.661   -3.567  -1.953  1.00 7.22   ? 26  THR B CG2  1 
ATOM   988  N N    . GLY B 1 27 ? 3.196   0.323   -1.200  1.00 9.90   ? 27  GLY B N    1 
ATOM   989  C CA   . GLY B 1 27 ? 2.656   1.636   -1.532  1.00 7.00   ? 27  GLY B CA   1 
ATOM   990  C C    . GLY B 1 27 ? 2.724   2.601   -0.349  1.00 9.34   ? 27  GLY B C    1 
ATOM   991  O O    . GLY B 1 27 ? 2.182   3.697   -0.398  1.00 16.09  ? 27  GLY B O    1 
ATOM   992  N N    . ALA B 1 28 ? 3.382   2.203   0.728   1.00 11.81  ? 28  ALA B N    1 
ATOM   993  C CA   . ALA B 1 28 ? 3.487   3.067   1.908   1.00 11.60  ? 28  ALA B CA   1 
ATOM   994  C C    . ALA B 1 28 ? 4.894   3.652   2.054   1.00 14.23  ? 28  ALA B C    1 
ATOM   995  O O    . ALA B 1 28 ? 5.867   2.913   2.123   1.00 13.80  ? 28  ALA B O    1 
ATOM   996  C CB   . ALA B 1 28 ? 3.108   2.286   3.179   1.00 9.83   ? 28  ALA B CB   1 
ATOM   997  N N    . ASP B 1 29 ? 4.997   4.976   2.059   1.00 12.48  ? 29  ASP B N    1 
ATOM   998  C CA   . ASP B 1 29 ? 6.297   5.647   2.238   1.00 15.93  ? 29  ASP B CA   1 
ATOM   999  C C    . ASP B 1 29 ? 6.868   5.378   3.626   1.00 20.84  ? 29  ASP B C    1 
ATOM   1000 O O    . ASP B 1 29 ? 8.085   5.241   3.788   1.00 20.19  ? 29  ASP B O    1 
ATOM   1001 C CB   . ASP B 1 29 ? 6.132   7.165   2.146   1.00 17.08  ? 29  ASP B CB   1 
ATOM   1002 C CG   . ASP B 1 29 ? 5.887   7.663   0.744   1.00 23.71  ? 29  ASP B CG   1 
ATOM   1003 O OD1  . ASP B 1 29 ? 6.016   6.895   -0.235  1.00 18.62  ? 29  ASP B OD1  1 
ATOM   1004 O OD2  . ASP B 1 29 ? 5.583   8.868   0.627   1.00 26.17  ? 29  ASP B OD2  1 
ATOM   1005 N N    . ASP B 1 30 ? 5.966   5.303   4.612   1.00 16.49  ? 30  ASP B N    1 
ATOM   1006 C CA   . ASP B 1 30 ? 6.292   5.130   6.043   1.00 15.53  ? 30  ASP B CA   1 
ATOM   1007 C C    . ASP B 1 30 ? 5.685   3.887   6.679   1.00 14.52  ? 30  ASP B C    1 
ATOM   1008 O O    . ASP B 1 30 ? 4.811   3.238   6.105   1.00 17.67  ? 30  ASP B O    1 
ATOM   1009 C CB   . ASP B 1 30 ? 5.742   6.343   6.818   1.00 20.19  ? 30  ASP B CB   1 
ATOM   1010 C CG   . ASP B 1 30 ? 6.281   7.670   6.302   1.00 23.79  ? 30  ASP B CG   1 
ATOM   1011 O OD1  . ASP B 1 30 ? 7.495   7.927   6.464   1.00 38.39  ? 30  ASP B OD1  1 
ATOM   1012 O OD2  . ASP B 1 30 ? 5.490   8.459   5.741   1.00 29.95  ? 30  ASP B OD2  1 
ATOM   1013 N N    . THR B 1 31 ? 6.121   3.599   7.894   1.00 12.38  ? 31  THR B N    1 
ATOM   1014 C CA   . THR B 1 31 ? 5.616   2.472   8.677   1.00 12.80  ? 31  THR B CA   1 
ATOM   1015 C C    . THR B 1 31 ? 4.674   3.047   9.731   1.00 12.87  ? 31  THR B C    1 
ATOM   1016 O O    . THR B 1 31 ? 5.055   3.939   10.469  1.00 11.87  ? 31  THR B O    1 
ATOM   1017 C CB   . THR B 1 31 ? 6.795   1.755   9.334   1.00 13.90  ? 31  THR B CB   1 
ATOM   1018 O OG1  . THR B 1 31 ? 7.544   1.100   8.310   1.00 7.72   ? 31  THR B OG1  1 
ATOM   1019 C CG2  . THR B 1 31 ? 6.346   0.746   10.407  1.00 7.67   ? 31  THR B CG2  1 
ATOM   1020 N N    . VAL B 1 32 ? 3.444   2.544   9.783   1.00 12.67  ? 32  VAL B N    1 
ATOM   1021 C CA   . VAL B 1 32 ? 2.427   3.034   10.730  1.00 15.34  ? 32  VAL B CA   1 
ATOM   1022 C C    . VAL B 1 32 ? 1.944   1.906   11.610  1.00 12.14  ? 32  VAL B C    1 
ATOM   1023 O O    . VAL B 1 32 ? 1.402   0.924   11.131  1.00 12.76  ? 32  VAL B O    1 
ATOM   1024 C CB   . VAL B 1 32 ? 1.194   3.679   9.994   1.00 11.15  ? 32  VAL B CB   1 
ATOM   1025 C CG1  . VAL B 1 32 ? 0.331   4.487   11.006  1.00 11.24  ? 32  VAL B CG1  1 
ATOM   1026 C CG2  . VAL B 1 32 ? 1.682   4.589   8.894   1.00 13.17  ? 32  VAL B CG2  1 
ATOM   1027 N N    . ILE B 1 33 ? 2.155   2.056   12.907  1.00 13.33  ? 33  ILE B N    1 
ATOM   1028 C CA   . ILE B 1 33 ? 1.770   1.030   13.884  1.00 16.22  ? 33  ILE B CA   1 
ATOM   1029 C C    . ILE B 1 33 ? 0.595   1.533   14.697  1.00 18.70  ? 33  ILE B C    1 
ATOM   1030 O O    . ILE B 1 33 ? 0.510   2.722   15.019  1.00 17.89  ? 33  ILE B O    1 
ATOM   1031 C CB   . ILE B 1 33 ? 2.968   0.694   14.828  1.00 18.15  ? 33  ILE B CB   1 
ATOM   1032 C CG1  . ILE B 1 33 ? 4.154   0.201   13.993  1.00 18.68  ? 33  ILE B CG1  1 
ATOM   1033 C CG2  . ILE B 1 33 ? 2.587   -0.341  15.878  1.00 21.90  ? 33  ILE B CG2  1 
ATOM   1034 C CD1  . ILE B 1 33 ? 3.860   -0.988  13.144  1.00 18.26  ? 33  ILE B CD1  1 
ATOM   1035 N N    . GLU B 1 34 ? -0.305  0.619   15.024  1.00 19.16  ? 34  GLU B N    1 
ATOM   1036 C CA   . GLU B 1 34 ? -1.485  0.947   15.803  1.00 23.97  ? 34  GLU B CA   1 
ATOM   1037 C C    . GLU B 1 34 ? -1.051  1.423   17.182  1.00 24.33  ? 34  GLU B C    1 
ATOM   1038 O O    . GLU B 1 34 ? -0.006  1.027   17.723  1.00 17.52  ? 34  GLU B O    1 
ATOM   1039 C CB   . GLU B 1 34 ? -2.397  -0.264  15.907  1.00 29.83  ? 34  GLU B CB   1 
ATOM   1040 C CG   . GLU B 1 34 ? -1.795  -1.400  16.740  1.00 46.22  ? 34  GLU B CG   1 
ATOM   1041 C CD   . GLU B 1 34 ? -2.319  -2.784  16.346  1.00 52.72  ? 34  GLU B CD   1 
ATOM   1042 O OE1  . GLU B 1 34 ? -3.246  -2.847  15.491  1.00 56.59  ? 34  GLU B OE1  1 
ATOM   1043 O OE2  . GLU B 1 34 ? -1.786  -3.799  16.879  1.00 49.87  ? 34  GLU B OE2  1 
ATOM   1044 N N    . GLU B 1 35 ? -1.845  2.353   17.687  1.00 26.68  ? 35  GLU B N    1 
ATOM   1045 C CA   . GLU B 1 35 ? -1.649  2.994   18.986  1.00 29.64  ? 35  GLU B CA   1 
ATOM   1046 C C    . GLU B 1 35 ? -1.056  2.087   20.080  1.00 31.58  ? 35  GLU B C    1 
ATOM   1047 O O    . GLU B 1 35 ? -1.669  1.103   20.506  1.00 30.78  ? 35  GLU B O    1 
ATOM   1048 C CB   . GLU B 1 35 ? -2.992  3.572   19.437  1.00 31.42  ? 35  GLU B CB   1 
ATOM   1049 C CG   . GLU B 1 35 ? -2.937  4.309   20.723  1.00 31.35  ? 35  GLU B CG   1 
ATOM   1050 C CD   . GLU B 1 35 ? -1.890  5.387   20.705  1.00 35.96  ? 35  GLU B CD   1 
ATOM   1051 O OE1  . GLU B 1 35 ? -1.842  6.169   19.722  1.00 35.45  ? 35  GLU B OE1  1 
ATOM   1052 O OE2  . GLU B 1 35 ? -1.110  5.432   21.683  1.00 40.51  ? 35  GLU B OE2  1 
ATOM   1053 N N    . MET B 1 36 ? 0.167   2.397   20.494  1.00 32.85  ? 36  MET B N    1 
ATOM   1054 C CA   . MET B 1 36 ? 0.821   1.640   21.555  1.00 32.33  ? 36  MET B CA   1 
ATOM   1055 C C    . MET B 1 36 ? 1.687   2.591   22.321  1.00 35.45  ? 36  MET B C    1 
ATOM   1056 O O    . MET B 1 36 ? 2.187   3.586   21.783  1.00 34.32  ? 36  MET B O    1 
ATOM   1057 C CB   . MET B 1 36 ? 1.641   0.477   21.019  1.00 32.14  ? 36  MET B CB   1 
ATOM   1058 C CG   . MET B 1 36 ? 2.822   0.858   20.178  1.00 31.72  ? 36  MET B CG   1 
ATOM   1059 S SD   . MET B 1 36 ? 3.591   -0.640  19.556  1.00 35.87  ? 36  MET B SD   1 
ATOM   1060 C CE   . MET B 1 36 ? 4.314   -1.343  21.051  1.00 36.36  ? 36  MET B CE   1 
ATOM   1061 N N    . ASN B 1 37 ? 1.877   2.259   23.583  1.00 41.78  ? 37  ASN B N    1 
ATOM   1062 C CA   . ASN B 1 37 ? 2.655   3.090   24.502  1.00 48.13  ? 37  ASN B CA   1 
ATOM   1063 C C    . ASN B 1 37 ? 4.139   2.829   24.396  1.00 44.74  ? 37  ASN B C    1 
ATOM   1064 O O    . ASN B 1 37 ? 4.721   2.184   25.259  1.00 48.90  ? 37  ASN B O    1 
ATOM   1065 C CB   . ASN B 1 37 ? 2.173   2.838   25.939  1.00 57.60  ? 37  ASN B CB   1 
ATOM   1066 C CG   . ASN B 1 37 ? 1.820   4.119   26.677  1.00 65.93  ? 37  ASN B CG   1 
ATOM   1067 O OD1  . ASN B 1 37 ? 2.236   5.219   26.289  1.00 71.35  ? 37  ASN B OD1  1 
ATOM   1068 N ND2  . ASN B 1 37 ? 1.042   3.982   27.751  1.00 72.51  ? 37  ASN B ND2  1 
ATOM   1069 N N    . LEU B 1 38 ? 4.749   3.282   23.317  1.00 42.00  ? 38  LEU B N    1 
ATOM   1070 C CA   . LEU B 1 38 ? 6.187   3.077   23.175  1.00 41.72  ? 38  LEU B CA   1 
ATOM   1071 C C    . LEU B 1 38 ? 6.871   4.195   23.910  1.00 42.13  ? 38  LEU B C    1 
ATOM   1072 O O    . LEU B 1 38 ? 6.426   5.340   23.844  1.00 40.28  ? 38  LEU B O    1 
ATOM   1073 C CB   . LEU B 1 38 ? 6.621   3.137   21.719  1.00 44.05  ? 38  LEU B CB   1 
ATOM   1074 C CG   . LEU B 1 38 ? 6.399   1.884   20.892  1.00 46.86  ? 38  LEU B CG   1 
ATOM   1075 C CD1  . LEU B 1 38 ? 6.775   2.163   19.434  1.00 49.30  ? 38  LEU B CD1  1 
ATOM   1076 C CD2  . LEU B 1 38 ? 7.206   0.743   21.480  1.00 45.35  ? 38  LEU B CD2  1 
ATOM   1077 N N    . PRO B 1 39 ? 7.919   3.871   24.682  1.00 43.04  ? 39  PRO B N    1 
ATOM   1078 C CA   . PRO B 1 39 ? 8.619   4.930   25.403  1.00 40.00  ? 39  PRO B CA   1 
ATOM   1079 C C    . PRO B 1 39 ? 9.551   5.609   24.405  1.00 37.44  ? 39  PRO B C    1 
ATOM   1080 O O    . PRO B 1 39 ? 9.873   5.061   23.340  1.00 39.93  ? 39  PRO B O    1 
ATOM   1081 C CB   . PRO B 1 39 ? 9.393   4.161   26.477  1.00 43.22  ? 39  PRO B CB   1 
ATOM   1082 C CG   . PRO B 1 39 ? 9.755   2.882   25.770  1.00 43.54  ? 39  PRO B CG   1 
ATOM   1083 C CD   . PRO B 1 39 ? 8.469   2.539   25.017  1.00 43.18  ? 39  PRO B CD   1 
ATOM   1084 N N    . GLY B 1 40 ? 9.974   6.813   24.745  1.00 37.46  ? 40  GLY B N    1 
ATOM   1085 C CA   . GLY B 1 40 ? 10.860  7.543   23.867  1.00 37.54  ? 40  GLY B CA   1 
ATOM   1086 C C    . GLY B 1 40 ? 10.304  8.919   23.551  1.00 36.86  ? 40  GLY B C    1 
ATOM   1087 O O    . GLY B 1 40 ? 9.141   9.249   23.881  1.00 31.03  ? 40  GLY B O    1 
ATOM   1088 N N    . LYS B 1 41 ? 11.183  9.735   22.980  1.00 31.89  ? 41  LYS B N    1 
ATOM   1089 C CA   . LYS B 1 41 ? 10.855  11.095  22.573  1.00 32.09  ? 41  LYS B CA   1 
ATOM   1090 C C    . LYS B 1 41 ? 10.190  10.890  21.223  1.00 30.50  ? 41  LYS B C    1 
ATOM   1091 O O    . LYS B 1 41 ? 10.504  9.931   20.523  1.00 31.48  ? 41  LYS B O    1 
ATOM   1092 C CB   . LYS B 1 41 ? 12.147  11.910  22.416  1.00 34.80  ? 41  LYS B CB   1 
ATOM   1093 N N    . TRP B 1 42 ? 9.270   11.774  20.862  1.00 27.22  ? 42  TRP B N    1 
ATOM   1094 C CA   . TRP B 1 42 ? 8.585   11.656  19.575  1.00 24.25  ? 42  TRP B CA   1 
ATOM   1095 C C    . TRP B 1 42 ? 8.301   13.043  19.071  1.00 25.07  ? 42  TRP B C    1 
ATOM   1096 O O    . TRP B 1 42 ? 8.423   14.010  19.817  1.00 24.48  ? 42  TRP B O    1 
ATOM   1097 C CB   . TRP B 1 42 ? 7.295   10.864  19.730  1.00 24.80  ? 42  TRP B CB   1 
ATOM   1098 C CG   . TRP B 1 42 ? 6.399   11.377  20.805  1.00 31.59  ? 42  TRP B CG   1 
ATOM   1099 C CD1  . TRP B 1 42 ? 6.392   10.999  22.126  1.00 31.42  ? 42  TRP B CD1  1 
ATOM   1100 C CD2  . TRP B 1 42 ? 5.344   12.342  20.659  1.00 31.98  ? 42  TRP B CD2  1 
ATOM   1101 N NE1  . TRP B 1 42 ? 5.398   11.665  22.801  1.00 29.17  ? 42  TRP B NE1  1 
ATOM   1102 C CE2  . TRP B 1 42 ? 4.738   12.493  21.926  1.00 30.64  ? 42  TRP B CE2  1 
ATOM   1103 C CE3  . TRP B 1 42 ? 4.850   13.085  19.576  1.00 29.47  ? 42  TRP B CE3  1 
ATOM   1104 C CZ2  . TRP B 1 42 ? 3.657   13.359  22.139  1.00 26.47  ? 42  TRP B CZ2  1 
ATOM   1105 C CZ3  . TRP B 1 42 ? 3.774   13.945  19.791  1.00 32.52  ? 42  TRP B CZ3  1 
ATOM   1106 C CH2  . TRP B 1 42 ? 3.192   14.071  21.066  1.00 28.72  ? 42  TRP B CH2  1 
ATOM   1107 N N    . LYS B 1 43 ? 8.004   13.157  17.786  1.00 21.98  ? 43  LYS B N    1 
ATOM   1108 C CA   . LYS B 1 43 ? 7.695   14.461  17.188  1.00 24.64  ? 43  LYS B CA   1 
ATOM   1109 C C    . LYS B 1 43 ? 6.338   14.293  16.501  1.00 25.61  ? 43  LYS B C    1 
ATOM   1110 O O    . LYS B 1 43 ? 6.020   13.222  15.991  1.00 24.46  ? 43  LYS B O    1 
ATOM   1111 C CB   . LYS B 1 43 ? 8.795   14.853  16.163  1.00 24.72  ? 43  LYS B CB   1 
ATOM   1112 N N    . PRO B 1 44 ? 5.496   15.331  16.522  1.00 27.70  ? 44  PRO B N    1 
ATOM   1113 C CA   . PRO B 1 44 ? 4.193   15.166  15.864  1.00 26.23  ? 44  PRO B CA   1 
ATOM   1114 C C    . PRO B 1 44 ? 4.252   15.242  14.346  1.00 20.33  ? 44  PRO B C    1 
ATOM   1115 O O    . PRO B 1 44 ? 5.131   15.889  13.779  1.00 21.25  ? 44  PRO B O    1 
ATOM   1116 C CB   . PRO B 1 44 ? 3.378   16.333  16.438  1.00 28.61  ? 44  PRO B CB   1 
ATOM   1117 C CG   . PRO B 1 44 ? 4.418   17.405  16.602  1.00 26.95  ? 44  PRO B CG   1 
ATOM   1118 C CD   . PRO B 1 44 ? 5.600   16.648  17.183  1.00 28.29  ? 44  PRO B CD   1 
ATOM   1119 N N    . LYS B 1 45 ? 3.372   14.508  13.683  1.00 17.40  ? 45  LYS B N    1 
ATOM   1120 C CA   . LYS B 1 45 ? 3.313   14.593  12.235  1.00 17.60  ? 45  LYS B CA   1 
ATOM   1121 C C    . LYS B 1 45 ? 2.000   14.063  11.672  1.00 17.64  ? 45  LYS B C    1 
ATOM   1122 O O    . LYS B 1 45 ? 1.231   13.374  12.357  1.00 16.97  ? 45  LYS B O    1 
ATOM   1123 C CB   . LYS B 1 45 ? 4.568   14.006  11.560  1.00 23.69  ? 45  LYS B CB   1 
ATOM   1124 C CG   . LYS B 1 45 ? 4.638   12.541  11.409  1.00 28.58  ? 45  LYS B CG   1 
ATOM   1125 C CD   . LYS B 1 45 ? 4.945   12.169  9.948   1.00 32.87  ? 45  LYS B CD   1 
ATOM   1126 C CE   . LYS B 1 45 ? 6.394   12.376  9.530   1.00 39.67  ? 45  LYS B CE   1 
ATOM   1127 N NZ   . LYS B 1 45 ? 6.628   11.963  8.134   1.00 39.30  ? 45  LYS B NZ   1 
ATOM   1128 N N    . MET B 1 46 ? 1.694   14.504  10.461  1.00 17.03  ? 46  MET B N    1 
ATOM   1129 C CA   . MET B 1 46 ? 0.462   14.099  9.788   1.00 16.35  ? 46  MET B CA   1 
ATOM   1130 C C    . MET B 1 46 ? 0.845   13.329  8.549   1.00 18.97  ? 46  MET B C    1 
ATOM   1131 O O    . MET B 1 46 ? 1.776   13.725  7.844   1.00 18.20  ? 46  MET B O    1 
ATOM   1132 C CB   A MET B 1 46 ? -0.429  15.314  9.517   0.50 13.91  ? 46  MET B CB   1 
ATOM   1133 C CB   B MET B 1 46 ? -0.278  15.346  9.297   0.50 15.98  ? 46  MET B CB   1 
ATOM   1134 C CG   A MET B 1 46 ? -0.954  15.904  10.836  0.50 8.33   ? 46  MET B CG   1 
ATOM   1135 C CG   B MET B 1 46 ? -0.666  16.307  10.371  0.50 18.78  ? 46  MET B CG   1 
ATOM   1136 S SD   A MET B 1 46 ? -2.018  17.326  10.669  0.50 13.62  ? 46  MET B SD   1 
ATOM   1137 S SD   B MET B 1 46 ? -2.239  15.858  10.992  0.50 22.33  ? 46  MET B SD   1 
ATOM   1138 C CE   A MET B 1 46 ? -2.041  17.918  12.307  0.50 16.37  ? 46  MET B CE   1 
ATOM   1139 C CE   B MET B 1 46 ? -3.320  16.698  9.810   0.50 16.67  ? 46  MET B CE   1 
ATOM   1140 N N    . ILE B 1 47 ? 0.188   12.192  8.322   1.00 14.37  ? 47  ILE B N    1 
ATOM   1141 C CA   . ILE B 1 47 ? 0.461   11.397  7.117   1.00 12.86  ? 47  ILE B CA   1 
ATOM   1142 C C    . ILE B 1 47 ? -0.877  11.218  6.433   1.00 14.02  ? 47  ILE B C    1 
ATOM   1143 O O    . ILE B 1 47 ? -1.910  11.171  7.092   1.00 16.57  ? 47  ILE B O    1 
ATOM   1144 C CB   . ILE B 1 47 ? 1.080   10.016  7.428   1.00 15.63  ? 47  ILE B CB   1 
ATOM   1145 C CG1  . ILE B 1 47 ? 0.188   9.254   8.414   1.00 13.05  ? 47  ILE B CG1  1 
ATOM   1146 C CG2  . ILE B 1 47 ? 2.491   10.187  7.929   1.00 10.65  ? 47  ILE B CG2  1 
ATOM   1147 C CD1  . ILE B 1 47 ? 0.458   7.805   8.464   1.00 16.99  ? 47  ILE B CD1  1 
ATOM   1148 N N    . GLY B 1 48 ? -0.866  11.190  5.110   1.00 13.07  ? 48  GLY B N    1 
ATOM   1149 C CA   . GLY B 1 48 ? -2.106  11.041  4.395   1.00 14.65  ? 48  GLY B CA   1 
ATOM   1150 C C    . GLY B 1 48 ? -2.154  9.722   3.691   1.00 15.75  ? 48  GLY B C    1 
ATOM   1151 O O    . GLY B 1 48 ? -1.145  9.129   3.331   1.00 19.31  ? 48  GLY B O    1 
ATOM   1152 N N    . GLY B 1 49 ? -3.358  9.265   3.478   1.00 16.17  ? 49  GLY B N    1 
ATOM   1153 C CA   . GLY B 1 49 ? -3.572  8.030   2.761   1.00 22.47  ? 49  GLY B CA   1 
ATOM   1154 C C    . GLY B 1 49 ? -4.804  8.340   1.946   1.00 19.36  ? 49  GLY B C    1 
ATOM   1155 O O    . GLY B 1 49 ? -5.164  9.501   1.792   1.00 24.42  ? 49  GLY B O    1 
ATOM   1156 N N    A ILE B 1 50 ? -5.493  7.308   1.469   0.50 20.51  ? 50  ILE B N    1 
ATOM   1157 N N    B ILE B 1 50 ? -5.388  7.330   1.324   0.50 20.45  ? 50  ILE B N    1 
ATOM   1158 C CA   A ILE B 1 50 ? -6.740  7.498   0.725   0.50 21.20  ? 50  ILE B CA   1 
ATOM   1159 C CA   B ILE B 1 50 ? -6.579  7.555   0.495   0.50 21.71  ? 50  ILE B CA   1 
ATOM   1160 C C    A ILE B 1 50 ? -7.768  7.930   1.784   0.50 20.52  ? 50  ILE B C    1 
ATOM   1161 C C    B ILE B 1 50 ? -7.677  8.545   0.949   0.50 21.52  ? 50  ILE B C    1 
ATOM   1162 O O    A ILE B 1 50 ? -7.827  7.350   2.878   0.50 20.23  ? 50  ILE B O    1 
ATOM   1163 O O    B ILE B 1 50 ? -7.876  9.520   0.253   0.50 21.90  ? 50  ILE B O    1 
ATOM   1164 C CB   A ILE B 1 50 ? -7.166  6.195   -0.036  0.50 20.81  ? 50  ILE B CB   1 
ATOM   1165 C CB   B ILE B 1 50 ? -7.158  6.221   -0.040  0.50 22.45  ? 50  ILE B CB   1 
ATOM   1166 C CG1  A ILE B 1 50 ? -6.779  6.304   -1.517  0.50 25.31  ? 50  ILE B CG1  1 
ATOM   1167 C CG1  B ILE B 1 50 ? -7.083  6.246   -1.556  0.50 27.26  ? 50  ILE B CG1  1 
ATOM   1168 C CG2  A ILE B 1 50 ? -8.671  5.991   0.016   0.50 21.81  ? 50  ILE B CG2  1 
ATOM   1169 C CG2  B ILE B 1 50 ? -8.589  5.977   0.467   0.50 22.82  ? 50  ILE B CG2  1 
ATOM   1170 C CD1  A ILE B 1 50 ? -5.346  6.635   -1.770  0.50 24.09  ? 50  ILE B CD1  1 
ATOM   1171 C CD1  B ILE B 1 50 ? -7.430  4.952   -2.212  0.50 30.18  ? 50  ILE B CD1  1 
ATOM   1172 N N    A GLY B 1 51 ? -8.493  9.007   1.493   0.50 17.80  ? 51  GLY B N    1 
ATOM   1173 N N    B GLY B 1 51 ? -8.259  8.397   2.141   0.50 17.74  ? 51  GLY B N    1 
ATOM   1174 C CA   A GLY B 1 51 ? -9.476  9.504   2.424   0.50 14.87  ? 51  GLY B CA   1 
ATOM   1175 C CA   B GLY B 1 51 ? -9.349  9.275   2.586   0.50 16.41  ? 51  GLY B CA   1 
ATOM   1176 C C    A GLY B 1 51 ? -9.011  10.761  3.125   0.50 16.74  ? 51  GLY B C    1 
ATOM   1177 C C    B GLY B 1 51 ? -9.017  10.541  3.367   0.50 18.87  ? 51  GLY B C    1 
ATOM   1178 O O    A GLY B 1 51 ? -9.796  11.685  3.310   0.50 18.22  ? 51  GLY B O    1 
ATOM   1179 O O    B GLY B 1 51 ? -9.891  11.160  3.964   0.50 20.21  ? 51  GLY B O    1 
ATOM   1180 N N    . GLY B 1 52 ? -7.735  10.831  3.486   1.00 17.89  ? 52  GLY B N    1 
ATOM   1181 C CA   . GLY B 1 52 ? -7.285  12.014  4.173   1.00 14.89  ? 52  GLY B CA   1 
ATOM   1182 C C    . GLY B 1 52 ? -6.042  11.800  5.000   1.00 17.76  ? 52  GLY B C    1 
ATOM   1183 O O    . GLY B 1 52 ? -5.273  10.855  4.771   1.00 15.03  ? 52  GLY B O    1 
ATOM   1184 N N    . PHE B 1 53 ? -5.854  12.688  5.978   1.00 16.84  ? 53  PHE B N    1 
ATOM   1185 C CA   . PHE B 1 53 ? -4.688  12.667  6.879   1.00 16.93  ? 53  PHE B CA   1 
ATOM   1186 C C    . PHE B 1 53 ? -5.061  12.278  8.302   1.00 18.98  ? 53  PHE B C    1 
ATOM   1187 O O    . PHE B 1 53 ? -6.191  12.475  8.727   1.00 23.17  ? 53  PHE B O    1 
ATOM   1188 C CB   . PHE B 1 53 ? -4.015  14.050  6.930   1.00 13.54  ? 53  PHE B CB   1 
ATOM   1189 C CG   . PHE B 1 53 ? -3.278  14.426  5.682   1.00 15.54  ? 53  PHE B CG   1 
ATOM   1190 C CD1  . PHE B 1 53 ? -3.960  14.824  4.545   1.00 14.02  ? 53  PHE B CD1  1 
ATOM   1191 C CD2  . PHE B 1 53 ? -1.899  14.349  5.641   1.00 14.27  ? 53  PHE B CD2  1 
ATOM   1192 C CE1  . PHE B 1 53 ? -3.280  15.136  3.398   1.00 14.35  ? 53  PHE B CE1  1 
ATOM   1193 C CE2  . PHE B 1 53 ? -1.201  14.665  4.476   1.00 20.79  ? 53  PHE B CE2  1 
ATOM   1194 C CZ   . PHE B 1 53 ? -1.893  15.054  3.361   1.00 17.87  ? 53  PHE B CZ   1 
ATOM   1195 N N    . ILE B 1 54 ? -4.106  11.700  9.021   1.00 17.48  ? 54  ILE B N    1 
ATOM   1196 C CA   . ILE B 1 54 ? -4.292  11.342  10.422  1.00 17.95  ? 54  ILE B CA   1 
ATOM   1197 C C    . ILE B 1 54 ? -3.051  11.837  11.141  1.00 18.64  ? 54  ILE B C    1 
ATOM   1198 O O    . ILE B 1 54 ? -1.990  12.004  10.514  1.00 18.52  ? 54  ILE B O    1 
ATOM   1199 C CB   . ILE B 1 54 ? -4.464  9.828   10.642  1.00 20.47  ? 54  ILE B CB   1 
ATOM   1200 C CG1  . ILE B 1 54 ? -3.253  9.063   10.135  1.00 16.03  ? 54  ILE B CG1  1 
ATOM   1201 C CG2  . ILE B 1 54 ? -5.765  9.341   10.002  1.00 20.92  ? 54  ILE B CG2  1 
ATOM   1202 C CD1  . ILE B 1 54 ? -3.147  7.663   10.742  1.00 17.75  ? 54  ILE B CD1  1 
ATOM   1203 N N    . LYS B 1 55 ? -3.215  12.177  12.421  1.00 16.87  ? 55  LYS B N    1 
ATOM   1204 C CA   . LYS B 1 55 ? -2.112  12.650  13.268  1.00 15.36  ? 55  LYS B CA   1 
ATOM   1205 C C    . LYS B 1 55 ? -1.441  11.439  13.879  1.00 13.15  ? 55  LYS B C    1 
ATOM   1206 O O    . LYS B 1 55 ? -2.098  10.498  14.352  1.00 15.09  ? 55  LYS B O    1 
ATOM   1207 C CB   . LYS B 1 55 ? -2.628  13.594  14.360  1.00 19.45  ? 55  LYS B CB   1 
ATOM   1208 C CG   . LYS B 1 55 ? -3.455  14.760  13.812  1.00 38.37  ? 55  LYS B CG   1 
ATOM   1209 C CD   . LYS B 1 55 ? -4.355  15.422  14.870  1.00 44.39  ? 55  LYS B CD   1 
ATOM   1210 C CE   . LYS B 1 55 ? -5.258  16.476  14.230  1.00 43.04  ? 55  LYS B CE   1 
ATOM   1211 N NZ   . LYS B 1 55 ? -6.009  17.209  15.260  1.00 47.85  ? 55  LYS B NZ   1 
ATOM   1212 N N    . VAL B 1 56 ? -0.122  11.461  13.864  1.00 12.79  ? 56  VAL B N    1 
ATOM   1213 C CA   . VAL B 1 56 ? 0.653   10.348  14.385  1.00 14.89  ? 56  VAL B CA   1 
ATOM   1214 C C    . VAL B 1 56 ? 1.870   10.904  15.118  1.00 15.17  ? 56  VAL B C    1 
ATOM   1215 O O    . VAL B 1 56 ? 2.248   12.065  14.951  1.00 17.51  ? 56  VAL B O    1 
ATOM   1216 C CB   . VAL B 1 56 ? 1.120   9.397   13.214  1.00 20.44  ? 56  VAL B CB   1 
ATOM   1217 C CG1  . VAL B 1 56 ? -0.090  8.806   12.492  1.00 13.94  ? 56  VAL B CG1  1 
ATOM   1218 C CG2  . VAL B 1 56 ? 2.011   10.160  12.207  1.00 13.26  ? 56  VAL B CG2  1 
ATOM   1219 N N    . ARG B 1 57 ? 2.481   10.053  15.921  1.00 18.38  ? 57  ARG B N    1 
ATOM   1220 C CA   . ARG B 1 57 ? 3.669   10.418  16.678  1.00 15.93  ? 57  ARG B CA   1 
ATOM   1221 C C    . ARG B 1 57 ? 4.839   9.696   16.024  1.00 16.89  ? 57  ARG B C    1 
ATOM   1222 O O    . ARG B 1 57 ? 4.792   8.493   15.801  1.00 18.13  ? 57  ARG B O    1 
ATOM   1223 C CB   . ARG B 1 57 ? 3.499   9.964   18.115  1.00 17.37  ? 57  ARG B CB   1 
ATOM   1224 C CG   . ARG B 1 57 ? 2.511   10.791  18.879  1.00 23.59  ? 57  ARG B CG   1 
ATOM   1225 C CD   . ARG B 1 57 ? 2.323   10.233  20.279  1.00 37.05  ? 57  ARG B CD   1 
ATOM   1226 N NE   . ARG B 1 57 ? 1.366   9.116   20.275  1.00 44.00  ? 57  ARG B NE   1 
ATOM   1227 C CZ   . ARG B 1 57 ? 1.522   7.977   20.940  1.00 43.58  ? 57  ARG B CZ   1 
ATOM   1228 N NH1  . ARG B 1 57 ? 2.595   7.757   21.680  1.00 45.65  ? 57  ARG B NH1  1 
ATOM   1229 N NH2  . ARG B 1 57 ? 0.581   7.062   20.879  1.00 45.87  ? 57  ARG B NH2  1 
ATOM   1230 N N    . GLN B 1 58 ? 5.872   10.443  15.688  1.00 17.26  ? 58  GLN B N    1 
ATOM   1231 C CA   . GLN B 1 58 ? 7.047   9.879   15.042  1.00 15.51  ? 58  GLN B CA   1 
ATOM   1232 C C    . GLN B 1 58 ? 8.162   9.549   16.031  1.00 19.02  ? 58  GLN B C    1 
ATOM   1233 O O    . GLN B 1 58 ? 8.630   10.404  16.796  1.00 18.19  ? 58  GLN B O    1 
ATOM   1234 C CB   . GLN B 1 58 ? 7.518   10.846  13.972  1.00 17.78  ? 58  GLN B CB   1 
ATOM   1235 C CG   . GLN B 1 58 ? 8.743   10.448  13.245  1.00 21.07  ? 58  GLN B CG   1 
ATOM   1236 C CD   . GLN B 1 58 ? 9.193   11.558  12.353  1.00 24.96  ? 58  GLN B CD   1 
ATOM   1237 O OE1  . GLN B 1 58 ? 8.386   12.311  11.836  1.00 31.79  ? 58  GLN B OE1  1 
ATOM   1238 N NE2  . GLN B 1 58 ? 10.487  11.707  12.210  1.00 32.86  ? 58  GLN B NE2  1 
ATOM   1239 N N    . TYR B 1 59 ? 8.525   8.273   16.030  1.00 20.30  ? 59  TYR B N    1 
ATOM   1240 C CA   . TYR B 1 59 ? 9.580   7.708   16.877  1.00 21.80  ? 59  TYR B CA   1 
ATOM   1241 C C    . TYR B 1 59 ? 10.700  7.258   15.948  1.00 22.32  ? 59  TYR B C    1 
ATOM   1242 O O    . TYR B 1 59 ? 10.455  6.569   14.958  1.00 22.76  ? 59  TYR B O    1 
ATOM   1243 C CB   . TYR B 1 59 ? 9.029   6.499   17.612  1.00 18.00  ? 59  TYR B CB   1 
ATOM   1244 C CG   . TYR B 1 59 ? 8.004   6.826   18.675  1.00 22.80  ? 59  TYR B CG   1 
ATOM   1245 C CD1  . TYR B 1 59 ? 6.637   6.886   18.376  1.00 20.06  ? 59  TYR B CD1  1 
ATOM   1246 C CD2  . TYR B 1 59 ? 8.401   7.007   20.000  1.00 23.65  ? 59  TYR B CD2  1 
ATOM   1247 C CE1  . TYR B 1 59 ? 5.702   7.105   19.376  1.00 16.77  ? 59  TYR B CE1  1 
ATOM   1248 C CE2  . TYR B 1 59 ? 7.480   7.229   21.004  1.00 24.53  ? 59  TYR B CE2  1 
ATOM   1249 C CZ   . TYR B 1 59 ? 6.138   7.274   20.693  1.00 23.44  ? 59  TYR B CZ   1 
ATOM   1250 O OH   . TYR B 1 59 ? 5.251   7.479   21.733  1.00 22.17  ? 59  TYR B OH   1 
ATOM   1251 N N    . ASP B 1 60 ? 11.933  7.604   16.282  1.00 24.29  ? 60  ASP B N    1 
ATOM   1252 C CA   . ASP B 1 60 ? 13.067  7.242   15.420  1.00 26.06  ? 60  ASP B CA   1 
ATOM   1253 C C    . ASP B 1 60 ? 13.889  6.103   15.971  1.00 20.68  ? 60  ASP B C    1 
ATOM   1254 O O    . ASP B 1 60 ? 13.885  5.847   17.158  1.00 16.68  ? 60  ASP B O    1 
ATOM   1255 C CB   . ASP B 1 60 ? 14.003  8.442   15.219  1.00 33.66  ? 60  ASP B CB   1 
ATOM   1256 C CG   . ASP B 1 60 ? 13.344  9.594   14.484  1.00 40.27  ? 60  ASP B CG   1 
ATOM   1257 O OD1  . ASP B 1 60 ? 12.548  9.354   13.548  1.00 42.32  ? 60  ASP B OD1  1 
ATOM   1258 O OD2  . ASP B 1 60 ? 13.641  10.754  14.845  1.00 48.95  ? 60  ASP B OD2  1 
ATOM   1259 N N    . GLN B 1 61 ? 14.607  5.431   15.091  1.00 17.29  ? 61  GLN B N    1 
ATOM   1260 C CA   . GLN B 1 61 ? 15.490  4.350   15.529  1.00 23.62  ? 61  GLN B CA   1 
ATOM   1261 C C    . GLN B 1 61 ? 14.812  3.312   16.380  1.00 23.74  ? 61  GLN B C    1 
ATOM   1262 O O    . GLN B 1 61 ? 15.340  2.909   17.413  1.00 24.21  ? 61  GLN B O    1 
ATOM   1263 C CB   . GLN B 1 61 ? 16.678  4.928   16.302  1.00 28.52  ? 61  GLN B CB   1 
ATOM   1264 C CG   . GLN B 1 61 ? 17.559  5.844   15.465  1.00 41.75  ? 61  GLN B CG   1 
ATOM   1265 C CD   . GLN B 1 61 ? 18.157  5.124   14.265  1.00 51.12  ? 61  GLN B CD   1 
ATOM   1266 O OE1  . GLN B 1 61 ? 19.203  4.480   14.375  1.00 61.10  ? 61  GLN B OE1  1 
ATOM   1267 N NE2  . GLN B 1 61 ? 17.493  5.224   13.116  1.00 53.89  ? 61  GLN B NE2  1 
ATOM   1268 N N    . ILE B 1 62 ? 13.648  2.858   15.952  1.00 20.68  ? 62  ILE B N    1 
ATOM   1269 C CA   . ILE B 1 62 ? 12.953  1.839   16.729  1.00 19.99  ? 62  ILE B CA   1 
ATOM   1270 C C    . ILE B 1 62 ? 13.267  0.512   16.073  1.00 23.13  ? 62  ILE B C    1 
ATOM   1271 O O    . ILE B 1 62 ? 13.231  0.381   14.846  1.00 20.38  ? 62  ILE B O    1 
ATOM   1272 C CB   . ILE B 1 62 ? 11.430  2.058   16.750  1.00 19.30  ? 62  ILE B CB   1 
ATOM   1273 C CG1  . ILE B 1 62 ? 11.097  3.464   17.278  1.00 23.26  ? 62  ILE B CG1  1 
ATOM   1274 C CG2  . ILE B 1 62 ? 10.742  0.970   17.563  1.00 19.72  ? 62  ILE B CG2  1 
ATOM   1275 C CD1  . ILE B 1 62 ? 11.407  3.706   18.750  1.00 12.71  ? 62  ILE B CD1  1 
ATOM   1276 N N    . PRO B 1 63 ? 13.723  -0.449  16.879  1.00 24.46  ? 63  PRO B N    1 
ATOM   1277 C CA   . PRO B 1 63 ? 14.066  -1.790  16.422  1.00 26.16  ? 63  PRO B CA   1 
ATOM   1278 C C    . PRO B 1 63 ? 12.766  -2.542  16.156  1.00 26.50  ? 63  PRO B C    1 
ATOM   1279 O O    . PRO B 1 63 ? 11.871  -2.559  16.996  1.00 28.74  ? 63  PRO B O    1 
ATOM   1280 C CB   . PRO B 1 63 ? 14.770  -2.394  17.641  1.00 26.45  ? 63  PRO B CB   1 
ATOM   1281 C CG   . PRO B 1 63 ? 15.204  -1.213  18.448  1.00 30.33  ? 63  PRO B CG   1 
ATOM   1282 C CD   . PRO B 1 63 ? 14.053  -0.285  18.305  1.00 25.81  ? 63  PRO B CD   1 
ATOM   1283 N N    . VAL B 1 64 ? 12.656  -3.127  14.972  1.00 28.59  ? 64  VAL B N    1 
ATOM   1284 C CA   . VAL B 1 64 ? 11.478  -3.906  14.581  1.00 23.40  ? 64  VAL B CA   1 
ATOM   1285 C C    . VAL B 1 64 ? 11.978  -5.170  13.892  1.00 25.62  ? 64  VAL B C    1 
ATOM   1286 O O    . VAL B 1 64 ? 12.823  -5.110  13.006  1.00 25.91  ? 64  VAL B O    1 
ATOM   1287 C CB   . VAL B 1 64 ? 10.596  -3.126  13.583  1.00 19.98  ? 64  VAL B CB   1 
ATOM   1288 C CG1  . VAL B 1 64 ? 9.387   -3.964  13.159  1.00 22.27  ? 64  VAL B CG1  1 
ATOM   1289 C CG2  . VAL B 1 64 ? 10.131  -1.839  14.207  1.00 20.93  ? 64  VAL B CG2  1 
ATOM   1290 N N    . GLU B 1 65 ? 11.522  -6.329  14.329  1.00 21.01  ? 65  GLU B N    1 
ATOM   1291 C CA   . GLU B 1 65 ? 11.952  -7.546  13.653  1.00 23.96  ? 65  GLU B CA   1 
ATOM   1292 C C    . GLU B 1 65 ? 10.791  -7.972  12.757  1.00 26.47  ? 65  GLU B C    1 
ATOM   1293 O O    . GLU B 1 65 ? 9.653   -8.062  13.224  1.00 27.22  ? 65  GLU B O    1 
ATOM   1294 C CB   . GLU B 1 65 ? 12.286  -8.625  14.661  1.00 27.36  ? 65  GLU B CB   1 
ATOM   1295 C CG   . GLU B 1 65 ? 13.108  -9.714  14.051  1.00 41.44  ? 65  GLU B CG   1 
ATOM   1296 C CD   . GLU B 1 65 ? 13.306  -10.865 14.990  1.00 45.50  ? 65  GLU B CD   1 
ATOM   1297 O OE1  . GLU B 1 65 ? 12.292  -11.500 15.369  1.00 47.11  ? 65  GLU B OE1  1 
ATOM   1298 O OE2  . GLU B 1 65 ? 14.478  -11.138 15.332  1.00 53.22  ? 65  GLU B OE2  1 
ATOM   1299 N N    . ILE B 1 66 ? 11.058  -8.150  11.466  1.00 22.67  ? 66  ILE B N    1 
ATOM   1300 C CA   . ILE B 1 66 ? 10.024  -8.535  10.493  1.00 22.11  ? 66  ILE B CA   1 
ATOM   1301 C C    . ILE B 1 66 ? 10.258  -9.918  9.916   1.00 23.80  ? 66  ILE B C    1 
ATOM   1302 O O    . ILE B 1 66 ? 11.183  -10.128 9.122   1.00 16.49  ? 66  ILE B O    1 
ATOM   1303 C CB   . ILE B 1 66 ? 9.932   -7.505  9.330   1.00 20.07  ? 66  ILE B CB   1 
ATOM   1304 C CG1  . ILE B 1 66 ? 9.581   -6.121  9.888   1.00 25.01  ? 66  ILE B CG1  1 
ATOM   1305 C CG2  . ILE B 1 66 ? 8.858   -7.930  8.304   1.00 21.27  ? 66  ILE B CG2  1 
ATOM   1306 C CD1  . ILE B 1 66 ? 10.472  -5.010  9.407   1.00 24.08  ? 66  ILE B CD1  1 
HETATM 1307 N N    . ABA B 1 67 ? 9.384   -10.850 10.294  1.00 27.26  ? 67  ABA B N    1 
HETATM 1308 C CA   . ABA B 1 67 ? 9.473   -12.232 9.802   1.00 30.17  ? 67  ABA B CA   1 
HETATM 1309 C C    . ABA B 1 67 ? 10.868  -12.781 10.132  1.00 30.45  ? 67  ABA B C    1 
HETATM 1310 O O    . ABA B 1 67 ? 11.505  -13.440 9.304   1.00 30.30  ? 67  ABA B O    1 
HETATM 1311 C CB   . ABA B 1 67 ? 9.242   -12.237 8.276   1.00 33.35  ? 67  ABA B CB   1 
HETATM 1312 C CG   . ABA B 1 67 ? 8.282   -13.278 7.768   1.00 38.72  ? 67  ABA B CG   1 
ATOM   1313 N N    . GLY B 1 68 ? 11.362  -12.448 11.322  1.00 29.40  ? 68  GLY B N    1 
ATOM   1314 C CA   . GLY B 1 68 ? 12.672  -12.912 11.734  1.00 30.30  ? 68  GLY B CA   1 
ATOM   1315 C C    . GLY B 1 68 ? 13.820  -12.112 11.149  1.00 32.17  ? 68  GLY B C    1 
ATOM   1316 O O    . GLY B 1 68 ? 14.975  -12.490 11.315  1.00 35.64  ? 68  GLY B O    1 
ATOM   1317 N N    . HIS B 1 69 ? 13.507  -11.034 10.437  1.00 29.08  ? 69  HIS B N    1 
ATOM   1318 C CA   . HIS B 1 69 ? 14.530  -10.158 9.847   1.00 28.31  ? 69  HIS B CA   1 
ATOM   1319 C C    . HIS B 1 69 ? 14.629  -8.886  10.667  1.00 29.72  ? 69  HIS B C    1 
ATOM   1320 O O    . HIS B 1 69 ? 13.615  -8.241  10.929  1.00 24.91  ? 69  HIS B O    1 
ATOM   1321 C CB   . HIS B 1 69 ? 14.154  -9.778  8.429   1.00 30.17  ? 69  HIS B CB   1 
ATOM   1322 C CG   . HIS B 1 69 ? 14.466  -10.835 7.424   1.00 32.20  ? 69  HIS B CG   1 
ATOM   1323 N ND1  . HIS B 1 69 ? 13.877  -12.080 7.457   1.00 33.15  ? 69  HIS B ND1  1 
ATOM   1324 C CD2  . HIS B 1 69 ? 15.315  -10.842 6.378   1.00 33.05  ? 69  HIS B CD2  1 
ATOM   1325 C CE1  . HIS B 1 69 ? 14.354  -12.811 6.468   1.00 34.41  ? 69  HIS B CE1  1 
ATOM   1326 N NE2  . HIS B 1 69 ? 15.231  -12.083 5.794   1.00 34.97  ? 69  HIS B NE2  1 
ATOM   1327 N N    . LYS B 1 70 ? 15.847  -8.502  11.038  1.00 25.13  ? 70  LYS B N    1 
ATOM   1328 C CA   . LYS B 1 70 ? 16.046  -7.292  11.837  1.00 24.32  ? 70  LYS B CA   1 
ATOM   1329 C C    . LYS B 1 70 ? 16.092  -6.009  11.012  1.00 23.93  ? 70  LYS B C    1 
ATOM   1330 O O    . LYS B 1 70 ? 16.615  -5.979  9.905   1.00 24.87  ? 70  LYS B O    1 
ATOM   1331 C CB   . LYS B 1 70 ? 17.306  -7.416  12.679  1.00 27.86  ? 70  LYS B CB   1 
ATOM   1332 C CG   . LYS B 1 70 ? 17.236  -8.521  13.706  1.00 35.72  ? 70  LYS B CG   1 
ATOM   1333 C CD   . LYS B 1 70 ? 18.560  -8.681  14.436  1.00 45.34  ? 70  LYS B CD   1 
ATOM   1334 C CE   . LYS B 1 70 ? 18.529  -9.919  15.317  1.00 54.16  ? 70  LYS B CE   1 
ATOM   1335 N NZ   . LYS B 1 70 ? 19.855  -10.215 15.885  1.00 57.11  ? 70  LYS B NZ   1 
ATOM   1336 N N    . ALA B 1 71 ? 15.529  -4.947  11.570  1.00 19.18  ? 71  ALA B N    1 
ATOM   1337 C CA   . ALA B 1 71 ? 15.501  -3.648  10.913  1.00 20.43  ? 71  ALA B CA   1 
ATOM   1338 C C    . ALA B 1 71 ? 15.354  -2.593  12.010  1.00 20.81  ? 71  ALA B C    1 
ATOM   1339 O O    . ALA B 1 71 ? 15.022  -2.897  13.167  1.00 21.45  ? 71  ALA B O    1 
ATOM   1340 C CB   . ALA B 1 71 ? 14.347  -3.578  9.927   1.00 19.73  ? 71  ALA B CB   1 
ATOM   1341 N N    . ILE B 1 72 ? 15.597  -1.348  11.644  1.00 22.53  ? 72  ILE B N    1 
ATOM   1342 C CA   . ILE B 1 72 ? 15.531  -0.256  12.608  1.00 21.63  ? 72  ILE B CA   1 
ATOM   1343 C C    . ILE B 1 72 ? 15.324  1.035   11.850  1.00 19.59  ? 72  ILE B C    1 
ATOM   1344 O O    . ILE B 1 72 ? 15.977  1.315   10.837  1.00 17.61  ? 72  ILE B O    1 
ATOM   1345 C CB   . ILE B 1 72 ? 16.811  -0.221  13.496  1.00 21.18  ? 72  ILE B CB   1 
ATOM   1346 C CG1  . ILE B 1 72 ? 16.827  1.010   14.386  1.00 25.36  ? 72  ILE B CG1  1 
ATOM   1347 C CG2  . ILE B 1 72 ? 18.065  -0.292  12.648  1.00 23.54  ? 72  ILE B CG2  1 
ATOM   1348 C CD1  . ILE B 1 72 ? 17.888  0.932   15.450  1.00 26.90  ? 72  ILE B CD1  1 
ATOM   1349 N N    . GLY B 1 73 ? 14.349  1.800   12.304  1.00 19.26  ? 73  GLY B N    1 
ATOM   1350 C CA   . GLY B 1 73 ? 14.066  3.042   11.637  1.00 16.86  ? 73  GLY B CA   1 
ATOM   1351 C C    . GLY B 1 73 ? 12.886  3.742   12.275  1.00 15.36  ? 73  GLY B C    1 
ATOM   1352 O O    . GLY B 1 73 ? 12.474  3.434   13.390  1.00 19.54  ? 73  GLY B O    1 
ATOM   1353 N N    . THR B 1 74 ? 12.381  4.725   11.557  1.00 17.35  ? 74  THR B N    1 
ATOM   1354 C CA   . THR B 1 74 ? 11.263  5.533   12.011  1.00 20.52  ? 74  THR B CA   1 
ATOM   1355 C C    . THR B 1 74 ? 9.948   4.758   11.974  1.00 19.71  ? 74  THR B C    1 
ATOM   1356 O O    . THR B 1 74 ? 9.684   4.017   11.022  1.00 20.27  ? 74  THR B O    1 
ATOM   1357 C CB   . THR B 1 74 ? 11.163  6.757   11.124  1.00 22.46  ? 74  THR B CB   1 
ATOM   1358 O OG1  . THR B 1 74 ? 12.351  7.541   11.284  1.00 28.63  ? 74  THR B OG1  1 
ATOM   1359 C CG2  . THR B 1 74 ? 9.936   7.568   11.456  1.00 23.93  ? 74  THR B CG2  1 
ATOM   1360 N N    . VAL B 1 75 ? 9.181   4.869   13.053  1.00 18.44  ? 75  VAL B N    1 
ATOM   1361 C CA   . VAL B 1 75 ? 7.869   4.223   13.150  1.00 17.88  ? 75  VAL B CA   1 
ATOM   1362 C C    . VAL B 1 75 ? 6.909   5.322   13.569  1.00 16.98  ? 75  VAL B C    1 
ATOM   1363 O O    . VAL B 1 75 ? 7.235   6.142   14.417  1.00 17.80  ? 75  VAL B O    1 
ATOM   1364 C CB   . VAL B 1 75 ? 7.870   3.088   14.197  1.00 18.85  ? 75  VAL B CB   1 
ATOM   1365 C CG1  . VAL B 1 75 ? 6.479   2.535   14.365  1.00 24.73  ? 75  VAL B CG1  1 
ATOM   1366 C CG2  . VAL B 1 75 ? 8.811   1.978   13.767  1.00 19.98  ? 75  VAL B CG2  1 
ATOM   1367 N N    . LEU B 1 76 ? 5.757   5.391   12.918  1.00 16.09  ? 76  LEU B N    1 
ATOM   1368 C CA   . LEU B 1 76 ? 4.756   6.400   13.269  1.00 14.35  ? 76  LEU B CA   1 
ATOM   1369 C C    . LEU B 1 76 ? 3.660   5.659   14.037  1.00 17.30  ? 76  LEU B C    1 
ATOM   1370 O O    . LEU B 1 76 ? 3.297   4.557   13.651  1.00 19.46  ? 76  LEU B O    1 
ATOM   1371 C CB   . LEU B 1 76 ? 4.201   7.037   12.011  1.00 10.21  ? 76  LEU B CB   1 
ATOM   1372 C CG   . LEU B 1 76 ? 5.240   7.535   10.999  1.00 14.16  ? 76  LEU B CG   1 
ATOM   1373 C CD1  . LEU B 1 76 ? 4.501   8.041   9.782   1.00 2.65   ? 76  LEU B CD1  1 
ATOM   1374 C CD2  . LEU B 1 76 ? 6.151   8.615   11.594  1.00 13.99  ? 76  LEU B CD2  1 
ATOM   1375 N N    . VAL B 1 77 ? 3.222   6.200   15.174  1.00 15.02  ? 77  VAL B N    1 
ATOM   1376 C CA   . VAL B 1 77 ? 2.174   5.551   15.993  1.00 15.68  ? 77  VAL B CA   1 
ATOM   1377 C C    . VAL B 1 77 ? 0.938   6.416   15.913  1.00 17.16  ? 77  VAL B C    1 
ATOM   1378 O O    . VAL B 1 77 ? 1.012   7.628   16.132  1.00 17.41  ? 77  VAL B O    1 
ATOM   1379 C CB   . VAL B 1 77 ? 2.586   5.423   17.481  1.00 16.37  ? 77  VAL B CB   1 
ATOM   1380 C CG1  . VAL B 1 77 ? 1.504   4.692   18.256  1.00 14.53  ? 77  VAL B CG1  1 
ATOM   1381 C CG2  . VAL B 1 77 ? 3.878   4.647   17.600  1.00 18.29  ? 77  VAL B CG2  1 
ATOM   1382 N N    . GLY B 1 78 ? -0.193  5.802   15.604  1.00 17.03  ? 78  GLY B N    1 
ATOM   1383 C CA   . GLY B 1 78 ? -1.418  6.565   15.474  1.00 16.28  ? 78  GLY B CA   1 
ATOM   1384 C C    . GLY B 1 78 ? -2.630  5.684   15.318  1.00 15.01  ? 78  GLY B C    1 
ATOM   1385 O O    . GLY B 1 78 ? -2.525  4.458   15.319  1.00 18.82  ? 78  GLY B O    1 
ATOM   1386 N N    . PRO B 1 79 ? -3.815  6.274   15.193  1.00 19.75  ? 79  PRO B N    1 
ATOM   1387 C CA   . PRO B 1 79 ? -5.008  5.444   15.049  1.00 23.06  ? 79  PRO B CA   1 
ATOM   1388 C C    . PRO B 1 79 ? -5.224  4.835   13.666  1.00 23.95  ? 79  PRO B C    1 
ATOM   1389 O O    . PRO B 1 79 ? -6.014  5.345   12.869  1.00 32.61  ? 79  PRO B O    1 
ATOM   1390 C CB   . PRO B 1 79 ? -6.135  6.405   15.445  1.00 16.26  ? 79  PRO B CB   1 
ATOM   1391 C CG   . PRO B 1 79 ? -5.618  7.715   15.013  1.00 17.75  ? 79  PRO B CG   1 
ATOM   1392 C CD   . PRO B 1 79 ? -4.180  7.673   15.477  1.00 17.63  ? 79  PRO B CD   1 
ATOM   1393 N N    . THR B 1 80 ? -4.546  3.726   13.395  1.00 28.51  ? 80  THR B N    1 
ATOM   1394 C CA   . THR B 1 80 ? -4.690  3.024   12.098  1.00 25.80  ? 80  THR B CA   1 
ATOM   1395 C C    . THR B 1 80 ? -5.415  1.705   12.319  1.00 24.88  ? 80  THR B C    1 
ATOM   1396 O O    . THR B 1 80 ? -5.248  1.071   13.367  1.00 27.04  ? 80  THR B O    1 
ATOM   1397 C CB   . THR B 1 80 ? -3.312  2.718   11.425  1.00 23.19  ? 80  THR B CB   1 
ATOM   1398 O OG1  . THR B 1 80 ? -3.512  1.874   10.279  1.00 22.71  ? 80  THR B OG1  1 
ATOM   1399 C CG2  . THR B 1 80 ? -2.375  2.019   12.412  1.00 19.13  ? 80  THR B CG2  1 
ATOM   1400 N N    . PRO B 1 81 ? -6.303  1.322   11.385  1.00 27.46  ? 81  PRO B N    1 
ATOM   1401 C CA   . PRO B 1 81 ? -7.019  0.053   11.545  1.00 29.60  ? 81  PRO B CA   1 
ATOM   1402 C C    . PRO B 1 81 ? -6.095  -1.161  11.482  1.00 30.21  ? 81  PRO B C    1 
ATOM   1403 O O    . PRO B 1 81 ? -6.435  -2.226  12.006  1.00 30.01  ? 81  PRO B O    1 
ATOM   1404 C CB   . PRO B 1 81 ? -8.025  0.067   10.389  1.00 28.02  ? 81  PRO B CB   1 
ATOM   1405 C CG   . PRO B 1 81 ? -7.482  1.048   9.424   1.00 26.16  ? 81  PRO B CG   1 
ATOM   1406 C CD   . PRO B 1 81 ? -6.882  2.113   10.284  1.00 28.63  ? 81  PRO B CD   1 
ATOM   1407 N N    . VAL B 1 82 ? -4.944  -1.015  10.820  1.00 26.74  ? 82  VAL B N    1 
ATOM   1408 C CA   . VAL B 1 82 ? -3.979  -2.130  10.708  1.00 23.19  ? 82  VAL B CA   1 
ATOM   1409 C C    . VAL B 1 82 ? -2.550  -1.619  10.783  1.00 20.29  ? 82  VAL B C    1 
ATOM   1410 O O    . VAL B 1 82 ? -2.284  -0.449  10.494  1.00 16.43  ? 82  VAL B O    1 
ATOM   1411 C CB   . VAL B 1 82 ? -4.123  -2.917  9.360   1.00 27.58  ? 82  VAL B CB   1 
ATOM   1412 C CG1  . VAL B 1 82 ? -5.464  -3.626  9.274   1.00 34.39  ? 82  VAL B CG1  1 
ATOM   1413 C CG2  . VAL B 1 82 ? -3.940  -1.987  8.186   1.00 27.49  ? 82  VAL B CG2  1 
ATOM   1414 N N    . ASN B 1 83 ? -1.640  -2.481  11.231  1.00 16.47  ? 83  ASN B N    1 
ATOM   1415 C CA   . ASN B 1 83 ? -0.215  -2.116  11.290  1.00 14.91  ? 83  ASN B CA   1 
ATOM   1416 C C    . ASN B 1 83 ? 0.303   -2.203  9.839   1.00 14.07  ? 83  ASN B C    1 
ATOM   1417 O O    . ASN B 1 83 ? -0.015  -3.147  9.112   1.00 16.00  ? 83  ASN B O    1 
ATOM   1418 C CB   . ASN B 1 83 ? 0.513   -3.075  12.216  1.00 12.55  ? 83  ASN B CB   1 
ATOM   1419 C CG   . ASN B 1 83 ? -0.006  -2.991  13.601  1.00 17.92  ? 83  ASN B CG   1 
ATOM   1420 O OD1  . ASN B 1 83 ? -0.116  -1.897  14.137  1.00 20.18  ? 83  ASN B OD1  1 
ATOM   1421 N ND2  . ASN B 1 83 ? -0.373  -4.119  14.186  1.00 18.96  ? 83  ASN B ND2  1 
ATOM   1422 N N    . ILE B 1 84 ? 1.066   -1.204  9.414   1.00 14.45  ? 84  ILE B N    1 
ATOM   1423 C CA   . ILE B 1 84 ? 1.561   -1.137  8.031   1.00 12.46  ? 84  ILE B CA   1 
ATOM   1424 C C    . ILE B 1 84 ? 3.078   -1.021  7.977   1.00 14.81  ? 84  ILE B C    1 
ATOM   1425 O O    . ILE B 1 84 ? 3.636   -0.070  8.534   1.00 16.84  ? 84  ILE B O    1 
ATOM   1426 C CB   . ILE B 1 84 ? 0.960   0.115   7.323   1.00 12.82  ? 84  ILE B CB   1 
ATOM   1427 C CG1  . ILE B 1 84 ? -0.543  -0.047  7.150   1.00 15.70  ? 84  ILE B CG1  1 
ATOM   1428 C CG2  . ILE B 1 84 ? 1.569   0.327   5.953   1.00 13.33  ? 84  ILE B CG2  1 
ATOM   1429 C CD1  . ILE B 1 84 ? -1.226  1.253   6.805   1.00 17.65  ? 84  ILE B CD1  1 
ATOM   1430 N N    . ILE B 1 85 ? 3.752   -1.975  7.339   1.00 11.45  ? 85  ILE B N    1 
ATOM   1431 C CA   . ILE B 1 85 ? 5.222   -1.877  7.204   1.00 12.13  ? 85  ILE B CA   1 
ATOM   1432 C C    . ILE B 1 85 ? 5.447   -1.251  5.841   1.00 12.09  ? 85  ILE B C    1 
ATOM   1433 O O    . ILE B 1 85 ? 5.046   -1.818  4.827   1.00 10.12  ? 85  ILE B O    1 
ATOM   1434 C CB   . ILE B 1 85 ? 5.934   -3.252  7.236   1.00 16.66  ? 85  ILE B CB   1 
ATOM   1435 C CG1  . ILE B 1 85 ? 5.624   -3.983  8.537   1.00 17.69  ? 85  ILE B CG1  1 
ATOM   1436 C CG2  . ILE B 1 85 ? 7.414   -3.069  7.070   1.00 8.29   ? 85  ILE B CG2  1 
ATOM   1437 C CD1  . ILE B 1 85 ? 6.012   -3.213  9.798   1.00 20.23  ? 85  ILE B CD1  1 
ATOM   1438 N N    . GLY B 1 86 ? 6.030   -0.060  5.838   1.00 12.07  ? 86  GLY B N    1 
ATOM   1439 C CA   . GLY B 1 86 ? 6.291   0.670   4.610   1.00 11.62  ? 86  GLY B CA   1 
ATOM   1440 C C    . GLY B 1 86 ? 7.694   0.420   4.050   1.00 12.57  ? 86  GLY B C    1 
ATOM   1441 O O    . GLY B 1 86 ? 8.497   -0.328  4.628   1.00 9.89   ? 86  GLY B O    1 
ATOM   1442 N N    . ARG B 1 87 ? 8.000   1.082   2.942   1.00 12.00  ? 87  ARG B N    1 
ATOM   1443 C CA   . ARG B 1 87 ? 9.294   0.949   2.264   1.00 13.21  ? 87  ARG B CA   1 
ATOM   1444 C C    . ARG B 1 87 ? 10.539  1.260   3.100   1.00 16.27  ? 87  ARG B C    1 
ATOM   1445 O O    . ARG B 1 87 ? 11.610  0.683   2.848   1.00 15.43  ? 87  ARG B O    1 
ATOM   1446 C CB   . ARG B 1 87 ? 9.324   1.811   1.005   1.00 11.97  ? 87  ARG B CB   1 
ATOM   1447 C CG   . ARG B 1 87 ? 8.290   1.408   -0.048  1.00 10.62  ? 87  ARG B CG   1 
ATOM   1448 C CD   . ARG B 1 87 ? 8.491   2.197   -1.350  1.00 10.95  ? 87  ARG B CD   1 
ATOM   1449 N NE   . ARG B 1 87 ? 8.203   3.627   -1.150  1.00 16.01  ? 87  ARG B NE   1 
ATOM   1450 C CZ   . ARG B 1 87 ? 9.144   4.553   -1.002  1.00 19.86  ? 87  ARG B CZ   1 
ATOM   1451 N NH1  . ARG B 1 87 ? 10.435  4.211   -1.053  1.00 12.66  ? 87  ARG B NH1  1 
ATOM   1452 N NH2  . ARG B 1 87 ? 8.795   5.790   -0.686  1.00 16.40  ? 87  ARG B NH2  1 
ATOM   1453 N N    . ASN B 1 88 ? 10.410  2.176   4.066   1.00 16.06  ? 88  ASN B N    1 
ATOM   1454 C CA   . ASN B 1 88 ? 11.536  2.565   4.932   1.00 15.76  ? 88  ASN B CA   1 
ATOM   1455 C C    . ASN B 1 88 ? 12.110  1.365   5.674   1.00 17.63  ? 88  ASN B C    1 
ATOM   1456 O O    . ASN B 1 88 ? 13.304  1.305   5.963   1.00 19.41  ? 88  ASN B O    1 
ATOM   1457 C CB   . ASN B 1 88 ? 11.131  3.670   5.934   1.00 15.58  ? 88  ASN B CB   1 
ATOM   1458 C CG   . ASN B 1 88 ? 10.195  3.179   7.035   1.00 18.72  ? 88  ASN B CG   1 
ATOM   1459 O OD1  . ASN B 1 88 ? 9.111   2.657   6.763   1.00 18.67  ? 88  ASN B OD1  1 
ATOM   1460 N ND2  . ASN B 1 88 ? 10.597  3.380   8.284   1.00 11.90  ? 88  ASN B ND2  1 
ATOM   1461 N N    . LEU B 1 89 ? 11.262  0.393   5.967   1.00 16.68  ? 89  LEU B N    1 
ATOM   1462 C CA   . LEU B 1 89 ? 11.704  -0.814  6.656   1.00 12.13  ? 89  LEU B CA   1 
ATOM   1463 C C    . LEU B 1 89 ? 11.833  -1.992  5.674   1.00 14.29  ? 89  LEU B C    1 
ATOM   1464 O O    . LEU B 1 89 ? 12.706  -2.851  5.834   1.00 16.18  ? 89  LEU B O    1 
ATOM   1465 C CB   . LEU B 1 89 ? 10.730  -1.113  7.789   1.00 13.92  ? 89  LEU B CB   1 
ATOM   1466 C CG   . LEU B 1 89 ? 11.176  -0.843  9.226   1.00 21.19  ? 89  LEU B CG   1 
ATOM   1467 C CD1  . LEU B 1 89 ? 12.079  0.337   9.337   1.00 16.76  ? 89  LEU B CD1  1 
ATOM   1468 C CD2  . LEU B 1 89 ? 9.948   -0.713  10.095  1.00 14.61  ? 89  LEU B CD2  1 
ATOM   1469 N N    . LEU B 1 90 ? 11.023  -1.999  4.612   1.00 14.36  ? 90  LEU B N    1 
ATOM   1470 C CA   . LEU B 1 90 ? 11.076  -3.099  3.612   1.00 14.82  ? 90  LEU B CA   1 
ATOM   1471 C C    . LEU B 1 90 ? 12.426  -3.175  2.912   1.00 15.44  ? 90  LEU B C    1 
ATOM   1472 O O    . LEU B 1 90 ? 12.962  -4.272  2.693   1.00 16.53  ? 90  LEU B O    1 
ATOM   1473 C CB   . LEU B 1 90 ? 9.941   -2.983  2.581   1.00 11.35  ? 90  LEU B CB   1 
ATOM   1474 C CG   . LEU B 1 90 ? 8.542   -3.202  3.180   1.00 13.69  ? 90  LEU B CG   1 
ATOM   1475 C CD1  . LEU B 1 90 ? 7.465   -2.911  2.152   1.00 10.11  ? 90  LEU B CD1  1 
ATOM   1476 C CD2  . LEU B 1 90 ? 8.407   -4.589  3.733   1.00 13.15  ? 90  LEU B CD2  1 
ATOM   1477 N N    . THR B 1 91 ? 12.988  -2.018  2.584   1.00 16.91  ? 91  THR B N    1 
ATOM   1478 C CA   . THR B 1 91 ? 14.302  -1.984  1.924   1.00 18.13  ? 91  THR B CA   1 
ATOM   1479 C C    . THR B 1 91 ? 15.353  -2.609  2.818   1.00 21.12  ? 91  THR B C    1 
ATOM   1480 O O    . THR B 1 91 ? 16.283  -3.244  2.344   1.00 22.52  ? 91  THR B O    1 
ATOM   1481 C CB   . THR B 1 91 ? 14.731  -0.562  1.627   1.00 19.08  ? 91  THR B CB   1 
ATOM   1482 O OG1  . THR B 1 91 ? 14.509  0.262   2.783   1.00 18.44  ? 91  THR B OG1  1 
ATOM   1483 C CG2  . THR B 1 91 ? 13.981  -0.045  0.444   1.00 15.76  ? 91  THR B CG2  1 
ATOM   1484 N N    . GLN B 1 92 ? 15.200  -2.443  4.123   1.00 15.95  ? 92  GLN B N    1 
ATOM   1485 C CA   . GLN B 1 92 ? 16.161  -3.008  5.071   1.00 18.55  ? 92  GLN B CA   1 
ATOM   1486 C C    . GLN B 1 92 ? 16.161  -4.528  5.121   1.00 21.80  ? 92  GLN B C    1 
ATOM   1487 O O    . GLN B 1 92 ? 17.158  -5.130  5.513   1.00 27.27  ? 92  GLN B O    1 
ATOM   1488 C CB   . GLN B 1 92 ? 15.911  -2.462  6.460   1.00 19.18  ? 92  GLN B CB   1 
ATOM   1489 C CG   . GLN B 1 92 ? 16.295  -1.010  6.600   1.00 22.26  ? 92  GLN B CG   1 
ATOM   1490 C CD   . GLN B 1 92 ? 16.099  -0.522  8.009   1.00 25.23  ? 92  GLN B CD   1 
ATOM   1491 O OE1  . GLN B 1 92 ? 16.295  -1.273  8.972   1.00 30.36  ? 92  GLN B OE1  1 
ATOM   1492 N NE2  . GLN B 1 92 ? 15.659  0.720   8.150   1.00 30.01  ? 92  GLN B NE2  1 
ATOM   1493 N N    . ILE B 1 93 ? 15.044  -5.160  4.773   1.00 22.86  ? 93  ILE B N    1 
ATOM   1494 C CA   . ILE B 1 93 ? 15.017  -6.621  4.808   1.00 19.19  ? 93  ILE B CA   1 
ATOM   1495 C C    . ILE B 1 93 ? 15.167  -7.221  3.419   1.00 21.45  ? 93  ILE B C    1 
ATOM   1496 O O    . ILE B 1 93 ? 14.947  -8.415  3.230   1.00 27.47  ? 93  ILE B O    1 
ATOM   1497 C CB   . ILE B 1 93 ? 13.770  -7.188  5.532   1.00 27.24  ? 93  ILE B CB   1 
ATOM   1498 C CG1  . ILE B 1 93 ? 12.486  -6.833  4.773   1.00 23.47  ? 93  ILE B CG1  1 
ATOM   1499 C CG2  . ILE B 1 93 ? 13.729  -6.690  6.983   1.00 27.29  ? 93  ILE B CG2  1 
ATOM   1500 C CD1  . ILE B 1 93 ? 11.255  -7.518  5.346   1.00 28.10  ? 93  ILE B CD1  1 
ATOM   1501 N N    . GLY B 1 94 ? 15.567  -6.377  2.466   1.00 21.53  ? 94  GLY B N    1 
ATOM   1502 C CA   . GLY B 1 94 ? 15.805  -6.791  1.089   1.00 18.55  ? 94  GLY B CA   1 
ATOM   1503 C C    . GLY B 1 94 ? 14.608  -7.204  0.272   1.00 22.38  ? 94  GLY B C    1 
ATOM   1504 O O    . GLY B 1 94 ? 14.762  -7.926  -0.722  1.00 19.41  ? 94  GLY B O    1 
HETATM 1505 N N    . ABA B 1 95 ? 13.430  -6.711  0.653   1.00 22.14  ? 95  ABA B N    1 
HETATM 1506 C CA   . ABA B 1 95 ? 12.184  -7.052  -0.042  1.00 14.49  ? 95  ABA B CA   1 
HETATM 1507 C C    . ABA B 1 95 ? 12.097  -6.441  -1.418  1.00 15.78  ? 95  ABA B C    1 
HETATM 1508 O O    . ABA B 1 95 ? 12.463  -5.283  -1.601  1.00 16.88  ? 95  ABA B O    1 
HETATM 1509 C CB   . ABA B 1 95 ? 10.970  -6.632  0.782   1.00 17.08  ? 95  ABA B CB   1 
HETATM 1510 C CG   . ABA B 1 95 ? 9.685   -7.090  0.167   1.00 12.37  ? 95  ABA B CG   1 
ATOM   1511 N N    . THR B 1 96 ? 11.637  -7.228  -2.384  1.00 15.46  ? 96  THR B N    1 
ATOM   1512 C CA   . THR B 1 96 ? 11.452  -6.764  -3.762  1.00 17.66  ? 96  THR B CA   1 
ATOM   1513 C C    . THR B 1 96 ? 10.101  -7.199  -4.336  1.00 13.99  ? 96  THR B C    1 
ATOM   1514 O O    . THR B 1 96 ? 9.490   -8.170  -3.867  1.00 18.45  ? 96  THR B O    1 
ATOM   1515 C CB   . THR B 1 96 ? 12.527  -7.366  -4.732  1.00 18.21  ? 96  THR B CB   1 
ATOM   1516 O OG1  . THR B 1 96 ? 12.562  -8.788  -4.586  1.00 20.08  ? 96  THR B OG1  1 
ATOM   1517 C CG2  . THR B 1 96 ? 13.894  -6.800  -4.473  1.00 18.52  ? 96  THR B CG2  1 
ATOM   1518 N N    . LEU B 1 97 ? 9.639   -6.467  -5.346  1.00 15.47  ? 97  LEU B N    1 
ATOM   1519 C CA   . LEU B 1 97 ? 8.422   -6.838  -6.065  1.00 14.74  ? 97  LEU B CA   1 
ATOM   1520 C C    . LEU B 1 97 ? 8.954   -7.573  -7.273  1.00 16.56  ? 97  LEU B C    1 
ATOM   1521 O O    . LEU B 1 97 ? 9.924   -7.131  -7.897  1.00 19.43  ? 97  LEU B O    1 
ATOM   1522 C CB   . LEU B 1 97 ? 7.659   -5.604  -6.564  1.00 15.30  ? 97  LEU B CB   1 
ATOM   1523 C CG   . LEU B 1 97 ? 6.604   -5.029  -5.646  1.00 22.93  ? 97  LEU B CG   1 
ATOM   1524 C CD1  . LEU B 1 97 ? 6.145   -3.662  -6.159  1.00 22.63  ? 97  LEU B CD1  1 
ATOM   1525 C CD2  . LEU B 1 97 ? 5.450   -6.012  -5.569  1.00 22.19  ? 97  LEU B CD2  1 
ATOM   1526 N N    . ASN B 1 98 ? 8.320   -8.676  -7.640  1.00 15.86  ? 98  ASN B N    1 
ATOM   1527 C CA   . ASN B 1 98 ? 8.763   -9.419  -8.811  1.00 16.97  ? 98  ASN B CA   1 
ATOM   1528 C C    . ASN B 1 98 ? 7.591   -9.925  -9.634  1.00 17.41  ? 98  ASN B C    1 
ATOM   1529 O O    . ASN B 1 98 ? 6.637   -10.473 -9.087  1.00 15.68  ? 98  ASN B O    1 
ATOM   1530 C CB   . ASN B 1 98 ? 9.583   -10.632 -8.379  1.00 21.41  ? 98  ASN B CB   1 
ATOM   1531 C CG   . ASN B 1 98 ? 10.820  -10.268 -7.587  1.00 25.55  ? 98  ASN B CG   1 
ATOM   1532 O OD1  . ASN B 1 98 ? 10.753  -9.922  -6.401  1.00 27.25  ? 98  ASN B OD1  1 
ATOM   1533 N ND2  . ASN B 1 98 ? 11.964  -10.407 -8.218  1.00 27.01  ? 98  ASN B ND2  1 
ATOM   1534 N N    . PHE B 1 99 ? 7.660   -9.728  -10.948 1.00 20.25  ? 99  PHE B N    1 
ATOM   1535 C CA   . PHE B 1 99 ? 6.641   -10.243 -11.890 1.00 22.11  ? 99  PHE B CA   1 
ATOM   1536 C C    . PHE B 1 99 ? 7.249   -10.264 -13.292 1.00 28.55  ? 99  PHE B C    1 
ATOM   1537 O O    . PHE B 1 99 ? 8.463   -10.021 -13.389 1.00 28.67  ? 99  PHE B O    1 
ATOM   1538 C CB   . PHE B 1 99 ? 5.366   -9.410  -11.882 1.00 18.85  ? 99  PHE B CB   1 
ATOM   1539 C CG   . PHE B 1 99 ? 5.572   -8.010  -12.283 1.00 17.77  ? 99  PHE B CG   1 
ATOM   1540 C CD1  . PHE B 1 99 ? 6.074   -7.094  -11.374 1.00 15.58  ? 99  PHE B CD1  1 
ATOM   1541 C CD2  . PHE B 1 99 ? 5.260   -7.596  -13.573 1.00 22.60  ? 99  PHE B CD2  1 
ATOM   1542 C CE1  . PHE B 1 99 ? 6.267   -5.791  -11.732 1.00 21.13  ? 99  PHE B CE1  1 
ATOM   1543 C CE2  . PHE B 1 99 ? 5.449   -6.281  -13.953 1.00 23.52  ? 99  PHE B CE2  1 
ATOM   1544 C CZ   . PHE B 1 99 ? 5.951   -5.371  -13.031 1.00 23.71  ? 99  PHE B CZ   1 
ATOM   1545 O OXT  . PHE B 1 99 ? 6.520   -10.502 -14.279 1.00 37.67  ? 99  PHE B OXT  1 
HETATM 1546 S S    . SO4 C 2 .  ? 9.867   -7.940  -18.316 1.00 143.38 ? 101 SO4 A S    1 
HETATM 1547 O O1   . SO4 C 2 .  ? 10.607  -8.290  -19.512 1.00 145.40 ? 101 SO4 A O1   1 
HETATM 1548 O O2   . SO4 C 2 .  ? 10.346  -8.751  -17.212 1.00 143.46 ? 101 SO4 A O2   1 
HETATM 1549 O O3   . SO4 C 2 .  ? 8.453   -8.186  -18.523 1.00 141.95 ? 101 SO4 A O3   1 
HETATM 1550 O O4   . SO4 C 2 .  ? 10.072  -6.532  -18.030 1.00 144.20 ? 101 SO4 A O4   1 
HETATM 1551 S S    . SO4 D 2 .  ? -6.882  -0.462  -26.593 1.00 82.46  ? 102 SO4 A S    1 
HETATM 1552 O O1   . SO4 D 2 .  ? -5.867  -0.997  -27.482 1.00 86.41  ? 102 SO4 A O1   1 
HETATM 1553 O O2   . SO4 D 2 .  ? -7.042  -1.316  -25.431 1.00 82.33  ? 102 SO4 A O2   1 
HETATM 1554 O O3   . SO4 D 2 .  ? -8.126  -0.388  -27.336 1.00 85.05  ? 102 SO4 A O3   1 
HETATM 1555 O O4   . SO4 D 2 .  ? -6.496  0.858   -26.143 1.00 83.32  ? 102 SO4 A O4   1 
HETATM 1556 O O1   . PI6 E 3 .  ? -5.830  2.318   1.164   1.00 19.87  ? 101 PI6 B O1   1 
HETATM 1557 C C    . PI6 E 3 .  ? -5.773  1.070   1.044   1.00 19.01  ? 101 PI6 B C    1 
HETATM 1558 O O2   . PI6 E 3 .  ? -6.550  0.382   0.215   1.00 14.39  ? 101 PI6 B O2   1 
HETATM 1559 C CT   . PI6 E 3 .  ? -7.346  1.106   -0.730  1.00 14.89  ? 101 PI6 B CT   1 
HETATM 1560 C C1   . PI6 E 3 .  ? -8.431  1.909   0.017   1.00 15.79  ? 101 PI6 B C1   1 
HETATM 1561 C C2   . PI6 E 3 .  ? -6.472  1.990   -1.586  1.00 17.12  ? 101 PI6 B C2   1 
HETATM 1562 C C3   . PI6 E 3 .  ? -7.994  0.074   -1.609  1.00 15.78  ? 101 PI6 B C3   1 
HETATM 1563 N N    . PI6 E 3 .  ? -4.958  0.322   1.779   1.00 13.98  ? 101 PI6 B N    1 
HETATM 1564 C CA   . PI6 E 3 .  ? -4.011  0.880   2.744   1.00 18.24  ? 101 PI6 B CA   1 
HETATM 1565 C C4   . PI6 E 3 .  ? -2.631  1.010   2.128   1.00 17.92  ? 101 PI6 B C4   1 
HETATM 1566 O OXT  . PI6 E 3 .  ? -1.747  1.533   3.110   1.00 17.85  ? 101 PI6 B OXT  1 
HETATM 1567 C CB   . PI6 E 3 .  ? -3.918  -0.016  3.960   1.00 18.90  ? 101 PI6 B CB   1 
HETATM 1568 C CG   . PI6 E 3 .  ? -5.190  -0.162  4.672   1.00 23.44  ? 101 PI6 B CG   1 
HETATM 1569 C CD1  . PI6 E 3 .  ? -5.910  -1.349  4.586   1.00 23.61  ? 101 PI6 B CD1  1 
HETATM 1570 C CD2  . PI6 E 3 .  ? -5.726  0.913   5.362   1.00 20.26  ? 101 PI6 B CD2  1 
HETATM 1571 C CE1  . PI6 E 3 .  ? -7.155  -1.458  5.171   1.00 28.39  ? 101 PI6 B CE1  1 
HETATM 1572 C CE2  . PI6 E 3 .  ? -6.969  0.814   5.948   1.00 26.41  ? 101 PI6 B CE2  1 
HETATM 1573 C CZ   . PI6 E 3 .  ? -7.688  -0.369  5.853   1.00 23.95  ? 101 PI6 B CZ   1 
HETATM 1574 C CM   . PI6 E 3 .  ? -2.654  1.951   0.932   1.00 13.65  ? 101 PI6 B CM   1 
HETATM 1575 N N1   . PI6 E 3 .  ? -1.250  2.112   0.542   1.00 18.24  ? 101 PI6 B N1   1 
HETATM 1576 C CA1  . PI6 E 3 .  ? -0.813  3.501   0.235   1.00 16.12  ? 101 PI6 B CA1  1 
HETATM 1577 C C5   . PI6 E 3 .  ? -0.811  4.485   1.412   1.00 18.58  ? 101 PI6 B C5   1 
HETATM 1578 O O    . PI6 E 3 .  ? -1.834  4.682   2.078   1.00 21.40  ? 101 PI6 B O    1 
HETATM 1579 C CB1  . PI6 E 3 .  ? -1.621  4.101   -0.921  1.00 11.52  ? 101 PI6 B CB1  1 
HETATM 1580 C CG1  . PI6 E 3 .  ? -1.344  5.568   -1.124  1.00 21.65  ? 101 PI6 B CG1  1 
HETATM 1581 C CD11 . PI6 E 3 .  ? -2.256  6.529   -0.676  1.00 23.57  ? 101 PI6 B CD11 1 
HETATM 1582 C CD21 . PI6 E 3 .  ? -0.109  6.009   -1.632  1.00 17.64  ? 101 PI6 B CD21 1 
HETATM 1583 C CE11 . PI6 E 3 .  ? -1.954  7.881   -0.709  1.00 17.21  ? 101 PI6 B CE11 1 
HETATM 1584 C CE21 . PI6 E 3 .  ? 0.203   7.351   -1.664  1.00 18.42  ? 101 PI6 B CE21 1 
HETATM 1585 C CZ1  . PI6 E 3 .  ? -0.725  8.286   -1.192  1.00 22.58  ? 101 PI6 B CZ1  1 
HETATM 1586 N N2   . PI6 E 3 .  ? 0.352   5.103   1.623   1.00 19.33  ? 101 PI6 B N2   1 
HETATM 1587 C CA2  . PI6 E 3 .  ? 0.593   6.146   2.646   1.00 19.02  ? 101 PI6 B CA2  1 
HETATM 1588 C C6   . PI6 E 3 .  ? 1.591   7.059   1.930   1.00 20.10  ? 101 PI6 B C6   1 
HETATM 1589 O O3   . PI6 E 3 .  ? 2.635   6.593   1.436   1.00 15.49  ? 101 PI6 B O3   1 
HETATM 1590 C CB2  . PI6 E 3 .  ? 1.313   5.652   3.930   1.00 21.47  ? 101 PI6 B CB2  1 
HETATM 1591 C CG11 . PI6 E 3 .  ? 0.490   4.606   4.684   1.00 19.12  ? 101 PI6 B CG11 1 
HETATM 1592 C CG2  . PI6 E 3 .  ? 1.609   6.845   4.837   1.00 17.63  ? 101 PI6 B CG2  1 
HETATM 1593 C CD12 . PI6 E 3 .  ? -0.449  5.196   5.648   1.00 30.21  ? 101 PI6 B CD12 1 
HETATM 1594 O OH   . PI6 E 3 .  ? -0.456  9.638   -1.153  1.00 26.79  ? 101 PI6 B OH   1 
HETATM 1595 N N3   . PI6 E 3 .  ? 1.249   8.341   1.845   1.00 19.55  ? 101 PI6 B N3   1 
HETATM 1596 C CA3  . PI6 E 3 .  ? 2.097   9.315   1.182   1.00 21.89  ? 101 PI6 B CA3  1 
HETATM 1597 C C7   . PI6 E 3 .  ? 1.230   10.342  0.464   1.00 25.02  ? 101 PI6 B C7   1 
HETATM 1598 C C8   . PI6 E 3 .  ? 0.922   9.903   -0.963  1.00 30.81  ? 101 PI6 B C8   1 
HETATM 1599 S S    . SO4 F 2 .  ? -8.664  19.523  13.362  1.00 92.38  ? 102 SO4 B S    1 
HETATM 1600 O O1   . SO4 F 2 .  ? -7.627  20.018  12.484  1.00 96.27  ? 102 SO4 B O1   1 
HETATM 1601 O O2   . SO4 F 2 .  ? -8.647  18.073  13.321  1.00 97.86  ? 102 SO4 B O2   1 
HETATM 1602 O O3   . SO4 F 2 .  ? -9.954  19.993  12.902  1.00 94.84  ? 102 SO4 B O3   1 
HETATM 1603 O O4   . SO4 F 2 .  ? -8.418  19.993  14.715  1.00 93.53  ? 102 SO4 B O4   1 
HETATM 1604 O O    . HOH G 4 .  ? -8.165  -8.050  -3.562  1.00 22.96  ? 201 HOH A O    1 
HETATM 1605 O O    . HOH G 4 .  ? 3.173   -15.730 -9.081  1.00 36.85  ? 202 HOH A O    1 
HETATM 1606 O O    . HOH G 4 .  ? 0.477   -12.926 -6.452  1.00 21.91  ? 203 HOH A O    1 
HETATM 1607 O O    . HOH G 4 .  ? -0.083  8.331   -10.190 1.00 25.40  ? 204 HOH A O    1 
HETATM 1608 O O    . HOH G 4 .  ? -10.659 -7.388  -10.299 1.00 23.10  ? 205 HOH A O    1 
HETATM 1609 O O    . HOH G 4 .  ? 10.878  1.442   -7.015  1.00 31.05  ? 206 HOH A O    1 
HETATM 1610 O O    . HOH G 4 .  ? -11.640 -10.287 -16.105 1.00 15.97  ? 207 HOH A O    1 
HETATM 1611 O O    . HOH G 4 .  ? -17.200 -0.313  1.737   1.00 60.53  ? 208 HOH A O    1 
HETATM 1612 O O    . HOH G 4 .  ? -8.976  -0.061  -20.809 1.00 22.38  ? 209 HOH A O    1 
HETATM 1613 O O    . HOH G 4 .  ? -13.905 8.342   7.440   1.00 24.58  ? 210 HOH A O    1 
HETATM 1614 O O    . HOH G 4 .  ? 6.682   -13.706 -9.224  1.00 23.13  ? 211 HOH A O    1 
HETATM 1615 O O    . HOH G 4 .  ? 10.075  5.665   -9.273  1.00 44.28  ? 212 HOH A O    1 
HETATM 1616 O O    . HOH G 4 .  ? -24.153 5.505   -11.923 1.00 36.76  ? 213 HOH A O    1 
HETATM 1617 O O    . HOH G 4 .  ? -14.020 -7.038  -13.222 1.00 24.72  ? 214 HOH A O    1 
HETATM 1618 O O    . HOH G 4 .  ? -1.689  -15.170 -12.822 1.00 38.88  ? 215 HOH A O    1 
HETATM 1619 O O    . HOH G 4 .  ? 14.180  -1.488  -9.128  1.00 48.37  ? 216 HOH A O    1 
HETATM 1620 O O    . HOH G 4 .  ? -18.894 6.233   -18.026 1.00 38.79  ? 217 HOH A O    1 
HETATM 1621 O O    . HOH G 4 .  ? -10.448 -2.699  -7.688  1.00 22.86  ? 218 HOH A O    1 
HETATM 1622 O O    . HOH G 4 .  ? -5.178  -4.407  2.345   1.00 30.82  ? 219 HOH A O    1 
HETATM 1623 O O    . HOH G 4 .  ? -3.495  -5.944  0.732   1.00 12.50  ? 220 HOH A O    1 
HETATM 1624 O O    . HOH G 4 .  ? 14.825  -3.060  -11.744 1.00 48.73  ? 221 HOH A O    1 
HETATM 1625 O O    . HOH G 4 .  ? -14.932 9.705   -9.167  1.00 47.47  ? 222 HOH A O    1 
HETATM 1626 O O    . HOH G 4 .  ? 10.152  8.301   -4.669  1.00 65.86  ? 223 HOH A O    1 
HETATM 1627 O O    . HOH G 4 .  ? 2.391   -0.901  -20.157 1.00 30.27  ? 224 HOH A O    1 
HETATM 1628 O O    . HOH G 4 .  ? -0.496  9.842   -14.158 1.00 42.56  ? 225 HOH A O    1 
HETATM 1629 O O    . HOH G 4 .  ? 17.236  -3.634  -1.399  1.00 52.54  ? 226 HOH A O    1 
HETATM 1630 O O    . HOH G 4 .  ? 16.695  -10.547 2.411   1.00 33.15  ? 227 HOH A O    1 
HETATM 1631 O O    . HOH G 4 .  ? -19.904 7.569   -6.856  1.00 45.91  ? 228 HOH A O    1 
HETATM 1632 O O    . HOH G 4 .  ? -12.959 -0.177  2.091   1.00 32.50  ? 229 HOH A O    1 
HETATM 1633 O O    . HOH G 4 .  ? -9.528  -1.278  2.164   1.00 37.71  ? 230 HOH A O    1 
HETATM 1634 O O    . HOH G 4 .  ? 14.330  1.486   -5.947  1.00 37.22  ? 231 HOH A O    1 
HETATM 1635 O O    . HOH G 4 .  ? 7.425   1.560   -16.015 1.00 44.84  ? 232 HOH A O    1 
HETATM 1636 O O    . HOH G 4 .  ? -8.898  -9.934  -10.285 1.00 31.95  ? 233 HOH A O    1 
HETATM 1637 O O    . HOH G 4 .  ? 17.775  -11.577 -6.702  1.00 48.01  ? 234 HOH A O    1 
HETATM 1638 O O    . HOH G 4 .  ? -11.435 -1.060  -0.626  1.00 64.99  ? 235 HOH A O    1 
HETATM 1639 O O    . HOH G 4 .  ? -16.242 9.931   -6.535  1.00 52.98  ? 236 HOH A O    1 
HETATM 1640 O O    . HOH G 4 .  ? -7.346  -12.305 -6.775  1.00 58.84  ? 237 HOH A O    1 
HETATM 1641 O O    . HOH G 4 .  ? -13.710 -4.840  -3.496  1.00 95.18  ? 238 HOH A O    1 
HETATM 1642 O O    . HOH G 4 .  ? -8.165  -10.565 -1.383  1.00 60.60  ? 239 HOH A O    1 
HETATM 1643 O O    . HOH G 4 .  ? -11.662 9.492   8.974   1.00 46.03  ? 240 HOH A O    1 
HETATM 1644 O O    . HOH G 4 .  ? -5.470  -1.188  -21.892 1.00 31.15  ? 241 HOH A O    1 
HETATM 1645 O O    . HOH G 4 .  ? 4.406   -12.673 -14.473 1.00 48.94  ? 242 HOH A O    1 
HETATM 1646 O O    . HOH G 4 .  ? 17.562  -0.706  -8.037  1.00 39.56  ? 243 HOH A O    1 
HETATM 1647 O O    . HOH G 4 .  ? -18.721 -1.726  -14.659 1.00 35.93  ? 244 HOH A O    1 
HETATM 1648 O O    . HOH G 4 .  ? -7.106  0.450   -23.158 1.00 50.41  ? 245 HOH A O    1 
HETATM 1649 O O    . HOH G 4 .  ? 16.922  3.376   -6.091  1.00 50.40  ? 246 HOH A O    1 
HETATM 1650 O O    . HOH G 4 .  ? -8.591  -13.976 -5.069  1.00 59.36  ? 247 HOH A O    1 
HETATM 1651 O O    . HOH G 4 .  ? -9.749  -7.894  1.795   1.00 49.28  ? 248 HOH A O    1 
HETATM 1652 O O    . HOH G 4 .  ? -0.594  -11.644 -17.050 1.00 41.85  ? 249 HOH A O    1 
HETATM 1653 O O    . HOH G 4 .  ? -8.996  6.631   9.838   1.00 50.80  ? 250 HOH A O    1 
HETATM 1654 O O    . HOH G 4 .  ? 14.154  4.898   0.454   1.00 56.94  ? 251 HOH A O    1 
HETATM 1655 O O    . HOH G 4 .  ? -9.728  12.079  -18.796 1.00 59.26  ? 252 HOH A O    1 
HETATM 1656 O O    . HOH G 4 .  ? -4.588  -4.077  -26.541 1.00 74.37  ? 253 HOH A O    1 
HETATM 1657 O O    . HOH H 4 .  ? -4.664  4.719   2.252   1.00 17.33  ? 301 HOH B O    1 
HETATM 1658 O O    . HOH H 4 .  ? 7.885   5.573   9.121   1.00 14.92  ? 302 HOH B O    1 
HETATM 1659 O O    . HOH H 4 .  ? -3.121  -17.819 -0.030  1.00 24.19  ? 303 HOH B O    1 
HETATM 1660 O O    . HOH H 4 .  ? -9.029  10.788  -1.072  1.00 30.75  ? 304 HOH B O    1 
HETATM 1661 O O    . HOH H 4 .  ? 11.613  12.125  16.548  1.00 40.88  ? 305 HOH B O    1 
HETATM 1662 O O    . HOH H 4 .  ? 10.664  5.589   2.402   1.00 37.35  ? 306 HOH B O    1 
HETATM 1663 O O    . HOH H 4 .  ? 10.887  15.811  19.795  1.00 46.45  ? 307 HOH B O    1 
HETATM 1664 O O    . HOH H 4 .  ? 11.467  -1.655  19.698  1.00 26.95  ? 308 HOH B O    1 
HETATM 1665 O O    . HOH H 4 .  ? -1.686  -7.043  15.603  1.00 32.75  ? 309 HOH B O    1 
HETATM 1666 O O    . HOH H 4 .  ? 3.728   5.763   -1.612  1.00 12.89  ? 310 HOH B O    1 
HETATM 1667 O O    . HOH H 4 .  ? 13.371  5.083   8.671   1.00 19.25  ? 311 HOH B O    1 
HETATM 1668 O O    . HOH H 4 .  ? -1.505  -15.254 -0.613  1.00 17.20  ? 312 HOH B O    1 
HETATM 1669 O O    . HOH H 4 .  ? 17.041  -9.752  -0.307  1.00 31.09  ? 313 HOH B O    1 
HETATM 1670 O O    . HOH H 4 .  ? 5.988   -10.095 23.802  1.00 43.89  ? 314 HOH B O    1 
HETATM 1671 O O    . HOH H 4 .  ? 4.242   -22.149 -5.865  1.00 25.85  ? 315 HOH B O    1 
HETATM 1672 O O    . HOH H 4 .  ? 14.442  -10.050 -2.583  1.00 33.40  ? 316 HOH B O    1 
HETATM 1673 O O    . HOH H 4 .  ? -6.215  12.714  16.443  1.00 34.36  ? 317 HOH B O    1 
HETATM 1674 O O    . HOH H 4 .  ? -5.260  1.601   16.587  1.00 37.10  ? 318 HOH B O    1 
HETATM 1675 O O    . HOH H 4 .  ? 3.600   -10.125 22.494  1.00 37.82  ? 319 HOH B O    1 
HETATM 1676 O O    . HOH H 4 .  ? 14.869  6.530   12.430  1.00 36.36  ? 320 HOH B O    1 
HETATM 1677 O O    . HOH H 4 .  ? -2.347  -5.172  11.591  1.00 27.63  ? 321 HOH B O    1 
HETATM 1678 O O    . HOH H 4 .  ? 8.570   14.183  22.764  1.00 27.85  ? 322 HOH B O    1 
HETATM 1679 O O    . HOH H 4 .  ? -7.545  14.929  15.892  1.00 27.68  ? 323 HOH B O    1 
HETATM 1680 O O    . HOH H 4 .  ? 6.572   7.937   24.483  1.00 42.38  ? 324 HOH B O    1 
HETATM 1681 O O    . HOH H 4 .  ? -7.207  -2.263  1.057   1.00 20.11  ? 325 HOH B O    1 
HETATM 1682 O O    . HOH H 4 .  ? 5.569   3.589   -1.811  1.00 12.74  ? 326 HOH B O    1 
HETATM 1683 O O    . HOH H 4 .  ? -10.342 12.751  -0.147  1.00 33.17  ? 327 HOH B O    1 
HETATM 1684 O O    . HOH H 4 .  ? 2.964   -19.693 -6.107  1.00 43.96  ? 328 HOH B O    1 
HETATM 1685 O O    . HOH H 4 .  ? -5.942  -6.938  7.717   1.00 34.34  ? 329 HOH B O    1 
HETATM 1686 O O    . HOH H 4 .  ? -8.862  12.148  8.605   1.00 37.34  ? 330 HOH B O    1 
HETATM 1687 O O    . HOH H 4 .  ? 1.902   11.510  4.015   1.00 24.49  ? 331 HOH B O    1 
HETATM 1688 O O    . HOH H 4 .  ? -0.825  -18.529 1.868   1.00 34.83  ? 332 HOH B O    1 
HETATM 1689 O O    . HOH H 4 .  ? 18.265  -9.497  9.600   1.00 38.96  ? 333 HOH B O    1 
HETATM 1690 O O    . HOH H 4 .  ? 4.211   12.958  5.209   1.00 60.12  ? 334 HOH B O    1 
HETATM 1691 O O    . HOH H 4 .  ? -6.787  14.111  12.536  1.00 40.49  ? 335 HOH B O    1 
HETATM 1692 O O    . HOH H 4 .  ? 4.850   10.216  3.280   1.00 39.13  ? 336 HOH B O    1 
HETATM 1693 O O    . HOH H 4 .  ? 12.002  16.100  22.441  1.00 49.40  ? 337 HOH B O    1 
HETATM 1694 O O    . HOH H 4 .  ? 4.978   -19.185 -3.407  1.00 45.19  ? 338 HOH B O    1 
HETATM 1695 O O    . HOH H 4 .  ? 19.254  -3.488  2.091   1.00 38.15  ? 339 HOH B O    1 
HETATM 1696 O O    . HOH H 4 .  ? 12.118  9.415   18.339  1.00 44.21  ? 340 HOH B O    1 
HETATM 1697 O O    . HOH H 4 .  ? 7.397   -4.027  26.088  1.00 36.57  ? 341 HOH B O    1 
HETATM 1698 O O    . HOH H 4 .  ? 0.157   -0.233  24.537  1.00 35.94  ? 342 HOH B O    1 
HETATM 1699 O O    . HOH H 4 .  ? -0.898  8.655   17.874  1.00 46.59  ? 343 HOH B O    1 
HETATM 1700 O O    . HOH H 4 .  ? 4.843   -14.104 9.943   1.00 26.10  ? 344 HOH B O    1 
HETATM 1701 O O    . HOH H 4 .  ? -3.810  -12.481 4.923   1.00 42.83  ? 345 HOH B O    1 
HETATM 1702 O O    . HOH H 4 .  ? -6.883  -10.905 2.984   1.00 33.44  ? 346 HOH B O    1 
HETATM 1703 O O    . HOH H 4 .  ? -0.290  -13.051 1.159   1.00 35.33  ? 347 HOH B O    1 
HETATM 1704 O O    . HOH H 4 .  ? 2.324   -17.023 -0.577  1.00 39.06  ? 348 HOH B O    1 
HETATM 1705 O O    . HOH H 4 .  ? 9.526   -11.493 13.259  1.00 49.99  ? 349 HOH B O    1 
HETATM 1706 O O    . HOH H 4 .  ? 13.985  -3.162  -1.775  1.00 21.35  ? 350 HOH B O    1 
HETATM 1707 O O    . HOH H 4 .  ? 11.745  -15.292 -2.392  1.00 45.82  ? 351 HOH B O    1 
HETATM 1708 O O    . HOH H 4 .  ? -5.851  11.614  13.526  1.00 31.32  ? 352 HOH B O    1 
HETATM 1709 O O    . HOH H 4 .  ? 0.509   13.605  17.266  1.00 48.13  ? 353 HOH B O    1 
HETATM 1710 O O    . HOH H 4 .  ? 6.009   -11.435 26.422  1.00 53.41  ? 354 HOH B O    1 
HETATM 1711 O O    . HOH H 4 .  ? 10.829  0.715   21.090  1.00 49.71  ? 355 HOH B O    1 
HETATM 1712 O O    . HOH H 4 .  ? -0.549  -14.469 3.717   1.00 74.10  ? 356 HOH B O    1 
HETATM 1713 O O    . HOH H 4 .  ? 8.091   -10.937 -16.682 1.00 37.84  ? 357 HOH B O    1 
HETATM 1714 O O    . HOH H 4 .  ? 6.568   -12.132 -18.816 1.00 51.41  ? 358 HOH B O    1 
HETATM 1715 O O    . HOH H 4 .  ? -4.385  -7.362  9.903   1.00 61.49  ? 359 HOH B O    1 
HETATM 1716 O O    . HOH H 4 .  ? -4.273  -4.319  13.641  1.00 50.89  ? 360 HOH B O    1 
HETATM 1717 O O    . HOH H 4 .  ? 8.263   9.853   3.670   1.00 65.58  ? 361 HOH B O    1 
HETATM 1718 O O    . HOH H 4 .  ? 9.845   9.627   8.510   1.00 90.72  ? 362 HOH B O    1 
# 
loop_
_pdbx_poly_seq_scheme.asym_id 
_pdbx_poly_seq_scheme.entity_id 
_pdbx_poly_seq_scheme.seq_id 
_pdbx_poly_seq_scheme.mon_id 
_pdbx_poly_seq_scheme.ndb_seq_num 
_pdbx_poly_seq_scheme.pdb_seq_num 
_pdbx_poly_seq_scheme.auth_seq_num 
_pdbx_poly_seq_scheme.pdb_mon_id 
_pdbx_poly_seq_scheme.auth_mon_id 
_pdbx_poly_seq_scheme.pdb_strand_id 
_pdbx_poly_seq_scheme.pdb_ins_code 
_pdbx_poly_seq_scheme.hetero 
A 1 1  PRO 1  1  1  PRO PRO A . n 
A 1 2  GLN 2  2  2  GLN GLN A . n 
A 1 3  ILE 3  3  3  ILE ILE A . n 
A 1 4  THR 4  4  4  THR THR A . n 
A 1 5  LEU 5  5  5  LEU LEU A . n 
A 1 6  TRP 6  6  6  TRP TRP A . n 
A 1 7  LYS 7  7  7  LYS LYS A . n 
A 1 8  ARG 8  8  8  ARG ARG A . n 
A 1 9  PRO 9  9  9  PRO PRO A . n 
A 1 10 LEU 10 10 10 LEU LEU A . n 
A 1 11 VAL 11 11 11 VAL VAL A . n 
A 1 12 THR 12 12 12 THR THR A . n 
A 1 13 ILE 13 13 13 ILE ILE A . n 
A 1 14 ARG 14 14 14 ARG ARG A . n 
A 1 15 ILE 15 15 15 ILE ILE A . n 
A 1 16 GLY 16 16 16 GLY GLY A . n 
A 1 17 GLY 17 17 17 GLY GLY A . n 
A 1 18 GLN 18 18 18 GLN GLN A . n 
A 1 19 LEU 19 19 19 LEU LEU A . n 
A 1 20 LYS 20 20 20 LYS LYS A . n 
A 1 21 GLU 21 21 21 GLU GLU A . n 
A 1 22 ALA 22 22 22 ALA ALA A . n 
A 1 23 LEU 23 23 23 LEU LEU A . n 
A 1 24 LEU 24 24 24 LEU LEU A . n 
A 1 25 ASP 25 25 25 ASP ASP A . n 
A 1 26 THR 26 26 26 THR THR A . n 
A 1 27 GLY 27 27 27 GLY GLY A . n 
A 1 28 ALA 28 28 28 ALA ALA A . n 
A 1 29 ASP 29 29 29 ASP ASP A . n 
A 1 30 ASP 30 30 30 ASP ASP A . n 
A 1 31 THR 31 31 31 THR THR A . n 
A 1 32 VAL 32 32 32 VAL VAL A . n 
A 1 33 ILE 33 33 33 ILE ILE A . n 
A 1 34 GLU 34 34 34 GLU GLU A . n 
A 1 35 GLU 35 35 35 GLU GLU A . n 
A 1 36 MET 36 36 36 MET MET A . n 
A 1 37 ASN 37 37 37 ASN ASN A . n 
A 1 38 LEU 38 38 38 LEU LEU A . n 
A 1 39 PRO 39 39 39 PRO PRO A . n 
A 1 40 GLY 40 40 40 GLY GLY A . n 
A 1 41 LYS 41 41 41 LYS LYS A . n 
A 1 42 TRP 42 42 42 TRP TRP A . n 
A 1 43 LYS 43 43 43 LYS LYS A . n 
A 1 44 PRO 44 44 44 PRO PRO A . n 
A 1 45 LYS 45 45 45 LYS LYS A . n 
A 1 46 MET 46 46 46 MET MET A . n 
A 1 47 ILE 47 47 47 ILE ILE A . n 
A 1 48 GLY 48 48 48 GLY GLY A . n 
A 1 49 GLY 49 49 49 GLY GLY A . n 
A 1 50 ILE 50 50 50 ILE ILE A . n 
A 1 51 GLY 51 51 51 GLY GLY A . n 
A 1 52 GLY 52 52 52 GLY GLY A . n 
A 1 53 PHE 53 53 53 PHE PHE A . n 
A 1 54 ILE 54 54 54 ILE ILE A . n 
A 1 55 LYS 55 55 55 LYS LYS A . n 
A 1 56 VAL 56 56 56 VAL VAL A . n 
A 1 57 ARG 57 57 57 ARG ARG A . n 
A 1 58 GLN 58 58 58 GLN GLN A . n 
A 1 59 TYR 59 59 59 TYR TYR A . n 
A 1 60 ASP 60 60 60 ASP ASP A . n 
A 1 61 GLN 61 61 61 GLN GLN A . n 
A 1 62 ILE 62 62 62 ILE ILE A . n 
A 1 63 PRO 63 63 63 PRO PRO A . n 
A 1 64 VAL 64 64 64 VAL VAL A . n 
A 1 65 GLU 65 65 65 GLU GLU A . n 
A 1 66 ILE 66 66 66 ILE ILE A . n 
A 1 67 ABA 67 67 67 ABA ABA A . n 
A 1 68 GLY 68 68 68 GLY GLY A . n 
A 1 69 HIS 69 69 69 HIS HIS A . n 
A 1 70 LYS 70 70 70 LYS LYS A . n 
A 1 71 ALA 71 71 71 ALA ALA A . n 
A 1 72 ILE 72 72 72 ILE ILE A . n 
A 1 73 GLY 73 73 73 GLY GLY A . n 
A 1 74 THR 74 74 74 THR THR A . n 
A 1 75 VAL 75 75 75 VAL VAL A . n 
A 1 76 LEU 76 76 76 LEU LEU A . n 
A 1 77 VAL 77 77 77 VAL VAL A . n 
A 1 78 GLY 78 78 78 GLY GLY A . n 
A 1 79 PRO 79 79 79 PRO PRO A . n 
A 1 80 THR 80 80 80 THR THR A . n 
A 1 81 PRO 81 81 81 PRO PRO A . n 
A 1 82 VAL 82 82 82 VAL VAL A . n 
A 1 83 ASN 83 83 83 ASN ASN A . n 
A 1 84 ILE 84 84 84 ILE ILE A . n 
A 1 85 ILE 85 85 85 ILE ILE A . n 
A 1 86 GLY 86 86 86 GLY GLY A . n 
A 1 87 ARG 87 87 87 ARG ARG A . n 
A 1 88 ASN 88 88 88 ASN ASN A . n 
A 1 89 LEU 89 89 89 LEU LEU A . n 
A 1 90 LEU 90 90 90 LEU LEU A . n 
A 1 91 THR 91 91 91 THR THR A . n 
A 1 92 GLN 92 92 92 GLN GLN A . n 
A 1 93 ILE 93 93 93 ILE ILE A . n 
A 1 94 GLY 94 94 94 GLY GLY A . n 
A 1 95 ABA 95 95 95 ABA ABA A . n 
A 1 96 THR 96 96 96 THR THR A . n 
A 1 97 LEU 97 97 97 LEU LEU A . n 
A 1 98 ASN 98 98 98 ASN ASN A . n 
A 1 99 PHE 99 99 99 PHE PHE A . n 
B 1 1  PRO 1  1  1  PRO PRO B . n 
B 1 2  GLN 2  2  2  GLN GLN B . n 
B 1 3  ILE 3  3  3  ILE ILE B . n 
B 1 4  THR 4  4  4  THR THR B . n 
B 1 5  LEU 5  5  5  LEU LEU B . n 
B 1 6  TRP 6  6  6  TRP TRP B . n 
B 1 7  LYS 7  7  7  LYS LYS B . n 
B 1 8  ARG 8  8  8  ARG ARG B . n 
B 1 9  PRO 9  9  9  PRO PRO B . n 
B 1 10 LEU 10 10 10 LEU LEU B . n 
B 1 11 VAL 11 11 11 VAL VAL B . n 
B 1 12 THR 12 12 12 THR THR B . n 
B 1 13 ILE 13 13 13 ILE ILE B . n 
B 1 14 ARG 14 14 14 ARG ARG B . n 
B 1 15 ILE 15 15 15 ILE ILE B . n 
B 1 16 GLY 16 16 16 GLY GLY B . n 
B 1 17 GLY 17 17 17 GLY GLY B . n 
B 1 18 GLN 18 18 18 GLN GLN B . n 
B 1 19 LEU 19 19 19 LEU LEU B . n 
B 1 20 LYS 20 20 20 LYS LYS B . n 
B 1 21 GLU 21 21 21 GLU GLU B . n 
B 1 22 ALA 22 22 22 ALA ALA B . n 
B 1 23 LEU 23 23 23 LEU LEU B . n 
B 1 24 LEU 24 24 24 LEU LEU B . n 
B 1 25 ASP 25 25 25 ASP ASP B . n 
B 1 26 THR 26 26 26 THR THR B . n 
B 1 27 GLY 27 27 27 GLY GLY B . n 
B 1 28 ALA 28 28 28 ALA ALA B . n 
B 1 29 ASP 29 29 29 ASP ASP B . n 
B 1 30 ASP 30 30 30 ASP ASP B . n 
B 1 31 THR 31 31 31 THR THR B . n 
B 1 32 VAL 32 32 32 VAL VAL B . n 
B 1 33 ILE 33 33 33 ILE ILE B . n 
B 1 34 GLU 34 34 34 GLU GLU B . n 
B 1 35 GLU 35 35 35 GLU GLU B . n 
B 1 36 MET 36 36 36 MET MET B . n 
B 1 37 ASN 37 37 37 ASN ASN B . n 
B 1 38 LEU 38 38 38 LEU LEU B . n 
B 1 39 PRO 39 39 39 PRO PRO B . n 
B 1 40 GLY 40 40 40 GLY GLY B . n 
B 1 41 LYS 41 41 41 LYS LYS B . n 
B 1 42 TRP 42 42 42 TRP TRP B . n 
B 1 43 LYS 43 43 43 LYS LYS B . n 
B 1 44 PRO 44 44 44 PRO PRO B . n 
B 1 45 LYS 45 45 45 LYS LYS B . n 
B 1 46 MET 46 46 46 MET MET B . n 
B 1 47 ILE 47 47 47 ILE ILE B . n 
B 1 48 GLY 48 48 48 GLY GLY B . n 
B 1 49 GLY 49 49 49 GLY GLY B . n 
B 1 50 ILE 50 50 50 ILE ILE B . n 
B 1 51 GLY 51 51 51 GLY GLY B . n 
B 1 52 GLY 52 52 52 GLY GLY B . n 
B 1 53 PHE 53 53 53 PHE PHE B . n 
B 1 54 ILE 54 54 54 ILE ILE B . n 
B 1 55 LYS 55 55 55 LYS LYS B . n 
B 1 56 VAL 56 56 56 VAL VAL B . n 
B 1 57 ARG 57 57 57 ARG ARG B . n 
B 1 58 GLN 58 58 58 GLN GLN B . n 
B 1 59 TYR 59 59 59 TYR TYR B . n 
B 1 60 ASP 60 60 60 ASP ASP B . n 
B 1 61 GLN 61 61 61 GLN GLN B . n 
B 1 62 ILE 62 62 62 ILE ILE B . n 
B 1 63 PRO 63 63 63 PRO PRO B . n 
B 1 64 VAL 64 64 64 VAL VAL B . n 
B 1 65 GLU 65 65 65 GLU GLU B . n 
B 1 66 ILE 66 66 66 ILE ILE B . n 
B 1 67 ABA 67 67 67 ABA ABA B . n 
B 1 68 GLY 68 68 68 GLY GLY B . n 
B 1 69 HIS 69 69 69 HIS HIS B . n 
B 1 70 LYS 70 70 70 LYS LYS B . n 
B 1 71 ALA 71 71 71 ALA ALA B . n 
B 1 72 ILE 72 72 72 ILE ILE B . n 
B 1 73 GLY 73 73 73 GLY GLY B . n 
B 1 74 THR 74 74 74 THR THR B . n 
B 1 75 VAL 75 75 75 VAL VAL B . n 
B 1 76 LEU 76 76 76 LEU LEU B . n 
B 1 77 VAL 77 77 77 VAL VAL B . n 
B 1 78 GLY 78 78 78 GLY GLY B . n 
B 1 79 PRO 79 79 79 PRO PRO B . n 
B 1 80 THR 80 80 80 THR THR B . n 
B 1 81 PRO 81 81 81 PRO PRO B . n 
B 1 82 VAL 82 82 82 VAL VAL B . n 
B 1 83 ASN 83 83 83 ASN ASN B . n 
B 1 84 ILE 84 84 84 ILE ILE B . n 
B 1 85 ILE 85 85 85 ILE ILE B . n 
B 1 86 GLY 86 86 86 GLY GLY B . n 
B 1 87 ARG 87 87 87 ARG ARG B . n 
B 1 88 ASN 88 88 88 ASN ASN B . n 
B 1 89 LEU 89 89 89 LEU LEU B . n 
B 1 90 LEU 90 90 90 LEU LEU B . n 
B 1 91 THR 91 91 91 THR THR B . n 
B 1 92 GLN 92 92 92 GLN GLN B . n 
B 1 93 ILE 93 93 93 ILE ILE B . n 
B 1 94 GLY 94 94 94 GLY GLY B . n 
B 1 95 ABA 95 95 95 ABA ABA B . n 
B 1 96 THR 96 96 96 THR THR B . n 
B 1 97 LEU 97 97 97 LEU LEU B . n 
B 1 98 ASN 98 98 98 ASN ASN B . n 
B 1 99 PHE 99 99 99 PHE PHE B . n 
# 
loop_
_pdbx_nonpoly_scheme.asym_id 
_pdbx_nonpoly_scheme.entity_id 
_pdbx_nonpoly_scheme.mon_id 
_pdbx_nonpoly_scheme.ndb_seq_num 
_pdbx_nonpoly_scheme.pdb_seq_num 
_pdbx_nonpoly_scheme.auth_seq_num 
_pdbx_nonpoly_scheme.pdb_mon_id 
_pdbx_nonpoly_scheme.auth_mon_id 
_pdbx_nonpoly_scheme.pdb_strand_id 
_pdbx_nonpoly_scheme.pdb_ins_code 
C 2 SO4 1  101 502 SO4 SO4 A . 
D 2 SO4 1  102 503 SO4 SO4 A . 
E 3 PI6 1  101 100 PI6 PI6 B . 
F 2 SO4 1  102 501 SO4 SO4 B . 
G 4 HOH 1  201 302 HOH HOH A . 
G 4 HOH 2  202 306 HOH HOH A . 
G 4 HOH 3  203 307 HOH HOH A . 
G 4 HOH 4  204 311 HOH HOH A . 
G 4 HOH 5  205 312 HOH HOH A . 
G 4 HOH 6  206 313 HOH HOH A . 
G 4 HOH 7  207 314 HOH HOH A . 
G 4 HOH 8  208 318 HOH HOH A . 
G 4 HOH 9  209 319 HOH HOH A . 
G 4 HOH 10 210 327 HOH HOH A . 
G 4 HOH 11 211 329 HOH HOH A . 
G 4 HOH 12 212 332 HOH HOH A . 
G 4 HOH 13 213 333 HOH HOH A . 
G 4 HOH 14 214 334 HOH HOH A . 
G 4 HOH 15 215 335 HOH HOH A . 
G 4 HOH 16 216 339 HOH HOH A . 
G 4 HOH 17 217 341 HOH HOH A . 
G 4 HOH 18 218 342 HOH HOH A . 
G 4 HOH 19 219 344 HOH HOH A . 
G 4 HOH 20 220 345 HOH HOH A . 
G 4 HOH 21 221 346 HOH HOH A . 
G 4 HOH 22 222 349 HOH HOH A . 
G 4 HOH 23 223 351 HOH HOH A . 
G 4 HOH 24 224 353 HOH HOH A . 
G 4 HOH 25 225 362 HOH HOH A . 
G 4 HOH 26 226 374 HOH HOH A . 
G 4 HOH 27 227 375 HOH HOH A . 
G 4 HOH 28 228 376 HOH HOH A . 
G 4 HOH 29 229 377 HOH HOH A . 
G 4 HOH 30 230 378 HOH HOH A . 
G 4 HOH 31 231 380 HOH HOH A . 
G 4 HOH 32 232 381 HOH HOH A . 
G 4 HOH 33 233 382 HOH HOH A . 
G 4 HOH 34 234 383 HOH HOH A . 
G 4 HOH 35 235 384 HOH HOH A . 
G 4 HOH 36 236 385 HOH HOH A . 
G 4 HOH 37 237 388 HOH HOH A . 
G 4 HOH 38 238 389 HOH HOH A . 
G 4 HOH 39 239 390 HOH HOH A . 
G 4 HOH 40 240 391 HOH HOH A . 
G 4 HOH 41 241 393 HOH HOH A . 
G 4 HOH 42 242 394 HOH HOH A . 
G 4 HOH 43 243 396 HOH HOH A . 
G 4 HOH 44 244 399 HOH HOH A . 
G 4 HOH 45 245 400 HOH HOH A . 
G 4 HOH 46 246 403 HOH HOH A . 
G 4 HOH 47 247 405 HOH HOH A . 
G 4 HOH 48 248 406 HOH HOH A . 
G 4 HOH 49 249 409 HOH HOH A . 
G 4 HOH 50 250 411 HOH HOH A . 
G 4 HOH 51 251 414 HOH HOH A . 
G 4 HOH 52 252 415 HOH HOH A . 
G 4 HOH 53 253 416 HOH HOH A . 
H 4 HOH 1  301 301 HOH HOH B . 
H 4 HOH 2  302 303 HOH HOH B . 
H 4 HOH 3  303 304 HOH HOH B . 
H 4 HOH 4  304 305 HOH HOH B . 
H 4 HOH 5  305 308 HOH HOH B . 
H 4 HOH 6  306 309 HOH HOH B . 
H 4 HOH 7  307 310 HOH HOH B . 
H 4 HOH 8  308 315 HOH HOH B . 
H 4 HOH 9  309 316 HOH HOH B . 
H 4 HOH 10 310 317 HOH HOH B . 
H 4 HOH 11 311 320 HOH HOH B . 
H 4 HOH 12 312 321 HOH HOH B . 
H 4 HOH 13 313 322 HOH HOH B . 
H 4 HOH 14 314 323 HOH HOH B . 
H 4 HOH 15 315 324 HOH HOH B . 
H 4 HOH 16 316 325 HOH HOH B . 
H 4 HOH 17 317 326 HOH HOH B . 
H 4 HOH 18 318 328 HOH HOH B . 
H 4 HOH 19 319 330 HOH HOH B . 
H 4 HOH 20 320 331 HOH HOH B . 
H 4 HOH 21 321 336 HOH HOH B . 
H 4 HOH 22 322 337 HOH HOH B . 
H 4 HOH 23 323 338 HOH HOH B . 
H 4 HOH 24 324 340 HOH HOH B . 
H 4 HOH 25 325 343 HOH HOH B . 
H 4 HOH 26 326 347 HOH HOH B . 
H 4 HOH 27 327 348 HOH HOH B . 
H 4 HOH 28 328 350 HOH HOH B . 
H 4 HOH 29 329 352 HOH HOH B . 
H 4 HOH 30 330 354 HOH HOH B . 
H 4 HOH 31 331 355 HOH HOH B . 
H 4 HOH 32 332 356 HOH HOH B . 
H 4 HOH 33 333 357 HOH HOH B . 
H 4 HOH 34 334 358 HOH HOH B . 
H 4 HOH 35 335 359 HOH HOH B . 
H 4 HOH 36 336 360 HOH HOH B . 
H 4 HOH 37 337 361 HOH HOH B . 
H 4 HOH 38 338 363 HOH HOH B . 
H 4 HOH 39 339 364 HOH HOH B . 
H 4 HOH 40 340 365 HOH HOH B . 
H 4 HOH 41 341 366 HOH HOH B . 
H 4 HOH 42 342 367 HOH HOH B . 
H 4 HOH 43 343 368 HOH HOH B . 
H 4 HOH 44 344 369 HOH HOH B . 
H 4 HOH 45 345 370 HOH HOH B . 
H 4 HOH 46 346 371 HOH HOH B . 
H 4 HOH 47 347 372 HOH HOH B . 
H 4 HOH 48 348 373 HOH HOH B . 
H 4 HOH 49 349 379 HOH HOH B . 
H 4 HOH 50 350 386 HOH HOH B . 
H 4 HOH 51 351 387 HOH HOH B . 
H 4 HOH 52 352 392 HOH HOH B . 
H 4 HOH 53 353 395 HOH HOH B . 
H 4 HOH 54 354 397 HOH HOH B . 
H 4 HOH 55 355 398 HOH HOH B . 
H 4 HOH 56 356 401 HOH HOH B . 
H 4 HOH 57 357 402 HOH HOH B . 
H 4 HOH 58 358 404 HOH HOH B . 
H 4 HOH 59 359 407 HOH HOH B . 
H 4 HOH 60 360 408 HOH HOH B . 
H 4 HOH 61 361 410 HOH HOH B . 
H 4 HOH 62 362 413 HOH HOH B . 
# 
_pdbx_molecule_features.prd_id    PRD_000269 
_pdbx_molecule_features.name      
;tert-butyl [(1S,2S)-1-benzyl-2-hydroxy-3-{[(8S,11R)-8-[(1R)-1-methylpropyl]-7,10-dioxo-2-oxa-6,9-diazabicyclo[11.2.2]heptadeca-1(15),13,16-trien-11-yl]amino}propyl]carbamate
;
_pdbx_molecule_features.type      Peptide-like 
_pdbx_molecule_features.class     Inhibitor 
_pdbx_molecule_features.details   ? 
# 
_pdbx_molecule.instance_id   1 
_pdbx_molecule.prd_id        PRD_000269 
_pdbx_molecule.asym_id       E 
# 
loop_
_pdbx_struct_mod_residue.id 
_pdbx_struct_mod_residue.label_asym_id 
_pdbx_struct_mod_residue.label_comp_id 
_pdbx_struct_mod_residue.label_seq_id 
_pdbx_struct_mod_residue.auth_asym_id 
_pdbx_struct_mod_residue.auth_comp_id 
_pdbx_struct_mod_residue.auth_seq_id 
_pdbx_struct_mod_residue.PDB_ins_code 
_pdbx_struct_mod_residue.parent_comp_id 
_pdbx_struct_mod_residue.details 
1 A ABA 67 A ABA 67 ? ALA 'ALPHA-AMINOBUTYRIC ACID' 
2 A ABA 95 A ABA 95 ? ALA 'ALPHA-AMINOBUTYRIC ACID' 
3 B ABA 67 B ABA 67 ? ALA 'ALPHA-AMINOBUTYRIC ACID' 
4 B ABA 95 B ABA 95 ? ALA 'ALPHA-AMINOBUTYRIC ACID' 
# 
_pdbx_struct_assembly.id                   1 
_pdbx_struct_assembly.details              author_and_software_defined_assembly 
_pdbx_struct_assembly.method_details       PISA 
_pdbx_struct_assembly.oligomeric_details   dimeric 
_pdbx_struct_assembly.oligomeric_count     2 
# 
_pdbx_struct_assembly_gen.assembly_id       1 
_pdbx_struct_assembly_gen.oper_expression   1 
_pdbx_struct_assembly_gen.asym_id_list      A,B,C,D,E,F,G,H 
# 
loop_
_pdbx_struct_assembly_prop.biol_id 
_pdbx_struct_assembly_prop.type 
_pdbx_struct_assembly_prop.value 
_pdbx_struct_assembly_prop.details 
1 'ABSA (A^2)' 5730 ? 
1 MORE         -58  ? 
1 'SSA (A^2)'  9020 ? 
# 
_pdbx_struct_oper_list.id                   1 
_pdbx_struct_oper_list.type                 'identity operation' 
_pdbx_struct_oper_list.name                 1_555 
_pdbx_struct_oper_list.symmetry_operation   x,y,z 
_pdbx_struct_oper_list.matrix[1][1]         1.0000000000 
_pdbx_struct_oper_list.matrix[1][2]         0.0000000000 
_pdbx_struct_oper_list.matrix[1][3]         0.0000000000 
_pdbx_struct_oper_list.vector[1]            0.0000000000 
_pdbx_struct_oper_list.matrix[2][1]         0.0000000000 
_pdbx_struct_oper_list.matrix[2][2]         1.0000000000 
_pdbx_struct_oper_list.matrix[2][3]         0.0000000000 
_pdbx_struct_oper_list.vector[2]            0.0000000000 
_pdbx_struct_oper_list.matrix[3][1]         0.0000000000 
_pdbx_struct_oper_list.matrix[3][2]         0.0000000000 
_pdbx_struct_oper_list.matrix[3][3]         1.0000000000 
_pdbx_struct_oper_list.vector[3]            0.0000000000 
# 
loop_
_pdbx_audit_revision_history.ordinal 
_pdbx_audit_revision_history.data_content_type 
_pdbx_audit_revision_history.major_revision 
_pdbx_audit_revision_history.minor_revision 
_pdbx_audit_revision_history.revision_date 
1 'Structure model' 1 0 1996-08-01 
2 'Structure model' 1 1 2008-03-24 
3 'Structure model' 1 2 2011-07-13 
4 'Structure model' 1 3 2011-08-24 
5 'Structure model' 1 4 2012-07-25 
6 'Structure model' 1 5 2012-09-19 
7 'Structure model' 1 6 2012-12-12 
8 'Structure model' 1 7 2021-11-03 
9 'Structure model' 1 8 2023-08-09 
# 
_pdbx_audit_revision_details.ordinal             1 
_pdbx_audit_revision_details.revision_ordinal    1 
_pdbx_audit_revision_details.data_content_type   'Structure model' 
_pdbx_audit_revision_details.provider            repository 
_pdbx_audit_revision_details.type                'Initial release' 
_pdbx_audit_revision_details.description         ? 
_pdbx_audit_revision_details.details             ? 
# 
loop_
_pdbx_audit_revision_group.ordinal 
_pdbx_audit_revision_group.revision_ordinal 
_pdbx_audit_revision_group.data_content_type 
_pdbx_audit_revision_group.group 
1  2 'Structure model' 'Version format compliance' 
2  3 'Structure model' 'Atomic model'              
3  3 'Structure model' 'Database references'       
4  3 'Structure model' 'Derived calculations'      
5  3 'Structure model' 'Non-polymer description'   
6  3 'Structure model' 'Structure summary'         
7  3 'Structure model' 'Version format compliance' 
8  4 'Structure model' 'Non-polymer description'   
9  5 'Structure model' 'Non-polymer description'   
10 6 'Structure model' 'Non-polymer description'   
11 7 'Structure model' Other                       
12 8 'Structure model' 'Database references'       
13 8 'Structure model' 'Derived calculations'      
14 8 'Structure model' Other                       
15 9 'Structure model' 'Refinement description'    
# 
loop_
_pdbx_audit_revision_category.ordinal 
_pdbx_audit_revision_category.revision_ordinal 
_pdbx_audit_revision_category.data_content_type 
_pdbx_audit_revision_category.category 
1 8 'Structure model' database_2                    
2 8 'Structure model' pdbx_database_status          
3 8 'Structure model' struct_conn                   
4 8 'Structure model' struct_ref_seq_dif            
5 8 'Structure model' struct_site                   
6 9 'Structure model' pdbx_initial_refinement_model 
# 
loop_
_pdbx_audit_revision_item.ordinal 
_pdbx_audit_revision_item.revision_ordinal 
_pdbx_audit_revision_item.data_content_type 
_pdbx_audit_revision_item.item 
1  8 'Structure model' '_database_2.pdbx_DOI'                
2  8 'Structure model' '_database_2.pdbx_database_accession' 
3  8 'Structure model' '_pdbx_database_status.process_site'  
4  8 'Structure model' '_struct_conn.pdbx_leaving_atom_flag' 
5  8 'Structure model' '_struct_conn.ptnr1_auth_comp_id'     
6  8 'Structure model' '_struct_conn.ptnr1_auth_seq_id'      
7  8 'Structure model' '_struct_conn.ptnr1_label_atom_id'    
8  8 'Structure model' '_struct_conn.ptnr1_label_comp_id'    
9  8 'Structure model' '_struct_conn.ptnr1_label_seq_id'     
10 8 'Structure model' '_struct_conn.ptnr2_auth_comp_id'     
11 8 'Structure model' '_struct_conn.ptnr2_auth_seq_id'      
12 8 'Structure model' '_struct_conn.ptnr2_label_atom_id'    
13 8 'Structure model' '_struct_conn.ptnr2_label_comp_id'    
14 8 'Structure model' '_struct_conn.ptnr2_label_seq_id'     
15 8 'Structure model' '_struct_ref_seq_dif.details'         
16 8 'Structure model' '_struct_site.pdbx_auth_asym_id'      
17 8 'Structure model' '_struct_site.pdbx_auth_comp_id'      
18 8 'Structure model' '_struct_site.pdbx_auth_seq_id'       
# 
loop_
_software.name 
_software.classification 
_software.version 
_software.citation_id 
_software.pdbx_ordinal 
X-PLOR  'model building' 3.1                ? 1 
X-PLOR  refinement       3.1                ? 2 
PROCESS 'data reduction' '(HIGASHI/RIGAKU)' ? 3 
PROCESS 'data scaling'   .                  ? 4 
X-PLOR  phasing          3.1                ? 5 
# 
_pdbx_entry_details.entry_id                 1MTR 
_pdbx_entry_details.sequence_details         
;GLN 7 WAS REPLACED BY LYS TO PREVENT AUTOCLEAVAGE.
LEU 33 WAS REPLACED BY ILE TO PREVENT AUTOCLEAVAGE.
CYS 67 WAS REPLACED BY ABA FOR EASE OF CHEMICAL
SYNTHESIS. CYS 95 WAS REPLACED BY ABA FOR EASE OF
CHEMICAL SYNTHESIS.
;
_pdbx_entry_details.nonpolymer_details       ? 
_pdbx_entry_details.compound_details         ? 
_pdbx_entry_details.source_details           ? 
_pdbx_entry_details.has_ligand_of_interest   ? 
# 
_pdbx_validate_close_contact.id               1 
_pdbx_validate_close_contact.PDB_model_num    1 
_pdbx_validate_close_contact.auth_atom_id_1   O 
_pdbx_validate_close_contact.auth_asym_id_1   B 
_pdbx_validate_close_contact.auth_comp_id_1   ILE 
_pdbx_validate_close_contact.auth_seq_id_1    50 
_pdbx_validate_close_contact.PDB_ins_code_1   ? 
_pdbx_validate_close_contact.label_alt_id_1   B 
_pdbx_validate_close_contact.auth_atom_id_2   O 
_pdbx_validate_close_contact.auth_asym_id_2   B 
_pdbx_validate_close_contact.auth_comp_id_2   HOH 
_pdbx_validate_close_contact.auth_seq_id_2    304 
_pdbx_validate_close_contact.PDB_ins_code_2   ? 
_pdbx_validate_close_contact.label_alt_id_2   ? 
_pdbx_validate_close_contact.dist             2.17 
# 
_pdbx_validate_rmsd_angle.id                         1 
_pdbx_validate_rmsd_angle.PDB_model_num              1 
_pdbx_validate_rmsd_angle.auth_atom_id_1             CA 
_pdbx_validate_rmsd_angle.auth_asym_id_1             B 
_pdbx_validate_rmsd_angle.auth_comp_id_1             PRO 
_pdbx_validate_rmsd_angle.auth_seq_id_1              1 
_pdbx_validate_rmsd_angle.PDB_ins_code_1             ? 
_pdbx_validate_rmsd_angle.label_alt_id_1             ? 
_pdbx_validate_rmsd_angle.auth_atom_id_2             N 
_pdbx_validate_rmsd_angle.auth_asym_id_2             B 
_pdbx_validate_rmsd_angle.auth_comp_id_2             PRO 
_pdbx_validate_rmsd_angle.auth_seq_id_2              1 
_pdbx_validate_rmsd_angle.PDB_ins_code_2             ? 
_pdbx_validate_rmsd_angle.label_alt_id_2             ? 
_pdbx_validate_rmsd_angle.auth_atom_id_3             CD 
_pdbx_validate_rmsd_angle.auth_asym_id_3             B 
_pdbx_validate_rmsd_angle.auth_comp_id_3             PRO 
_pdbx_validate_rmsd_angle.auth_seq_id_3              1 
_pdbx_validate_rmsd_angle.PDB_ins_code_3             ? 
_pdbx_validate_rmsd_angle.label_alt_id_3             ? 
_pdbx_validate_rmsd_angle.angle_value                102.69 
_pdbx_validate_rmsd_angle.angle_target_value         111.50 
_pdbx_validate_rmsd_angle.angle_deviation            -8.81 
_pdbx_validate_rmsd_angle.angle_standard_deviation   1.40 
_pdbx_validate_rmsd_angle.linker_flag                N 
# 
_pdbx_validate_torsion.id              1 
_pdbx_validate_torsion.PDB_model_num   1 
_pdbx_validate_torsion.auth_comp_id    GLU 
_pdbx_validate_torsion.auth_asym_id    B 
_pdbx_validate_torsion.auth_seq_id     35 
_pdbx_validate_torsion.PDB_ins_code    ? 
_pdbx_validate_torsion.label_alt_id    ? 
_pdbx_validate_torsion.phi             -34.50 
_pdbx_validate_torsion.psi             112.90 
# 
loop_
_pdbx_unobs_or_zero_occ_atoms.id 
_pdbx_unobs_or_zero_occ_atoms.PDB_model_num 
_pdbx_unobs_or_zero_occ_atoms.polymer_flag 
_pdbx_unobs_or_zero_occ_atoms.occupancy_flag 
_pdbx_unobs_or_zero_occ_atoms.auth_asym_id 
_pdbx_unobs_or_zero_occ_atoms.auth_comp_id 
_pdbx_unobs_or_zero_occ_atoms.auth_seq_id 
_pdbx_unobs_or_zero_occ_atoms.PDB_ins_code 
_pdbx_unobs_or_zero_occ_atoms.auth_atom_id 
_pdbx_unobs_or_zero_occ_atoms.label_alt_id 
_pdbx_unobs_or_zero_occ_atoms.label_asym_id 
_pdbx_unobs_or_zero_occ_atoms.label_comp_id 
_pdbx_unobs_or_zero_occ_atoms.label_seq_id 
_pdbx_unobs_or_zero_occ_atoms.label_atom_id 
1  1 Y 1 A LYS 41 ? CG ? A LYS 41 CG 
2  1 Y 1 A LYS 41 ? CD ? A LYS 41 CD 
3  1 Y 1 A LYS 41 ? CE ? A LYS 41 CE 
4  1 Y 1 A LYS 41 ? NZ ? A LYS 41 NZ 
5  1 Y 1 A LYS 43 ? CG ? A LYS 43 CG 
6  1 Y 1 A LYS 43 ? CD ? A LYS 43 CD 
7  1 Y 1 A LYS 43 ? CE ? A LYS 43 CE 
8  1 Y 1 A LYS 43 ? NZ ? A LYS 43 NZ 
9  1 Y 1 B LYS 41 ? CG ? B LYS 41 CG 
10 1 Y 1 B LYS 41 ? CD ? B LYS 41 CD 
11 1 Y 1 B LYS 41 ? CE ? B LYS 41 CE 
12 1 Y 1 B LYS 41 ? NZ ? B LYS 41 NZ 
13 1 Y 1 B LYS 43 ? CG ? B LYS 43 CG 
14 1 Y 1 B LYS 43 ? CD ? B LYS 43 CD 
15 1 Y 1 B LYS 43 ? CE ? B LYS 43 CE 
16 1 Y 1 B LYS 43 ? NZ ? B LYS 43 NZ 
# 
loop_
_pdbx_entity_nonpoly.entity_id 
_pdbx_entity_nonpoly.name 
_pdbx_entity_nonpoly.comp_id 
2 'SULFATE ION' SO4 
3 
;[1-BENZYL-3-(8-SEC-BUTYL-7,10-DIOXO-2-OXA-6,9-DIAZA-BICYCLO[11.2.2] HEPTADECA-1(16),13(17),14-TRIEN-11-YLAMINO)-2-HYDROXY-PROPYL]-CARBAMIC ACID TERT-BUTYL ESTER
;
PI6 
4 water HOH 
# 
_pdbx_initial_refinement_model.id               1 
_pdbx_initial_refinement_model.entity_id_list   ? 
_pdbx_initial_refinement_model.type             'experimental model' 
_pdbx_initial_refinement_model.source_name      PDB 
_pdbx_initial_refinement_model.accession_code   1CPI 
_pdbx_initial_refinement_model.details          ? 
# 
